data_6US2
# 
_entry.id   6US2 
# 
_audit_conform.dict_name       mmcif_pdbx.dic 
_audit_conform.dict_version    5.380 
_audit_conform.dict_location   http://mmcif.pdb.org/dictionaries/ascii/mmcif_pdbx.dic 
# 
loop_
_database_2.database_id 
_database_2.database_code 
_database_2.pdbx_database_accession 
_database_2.pdbx_DOI 
PDB   6US2         pdb_00006us2 10.2210/pdb6us2/pdb 
WWPDB D_1000245088 ?            ?                   
# 
_pdbx_database_status.status_code                     REL 
_pdbx_database_status.status_code_sf                  REL 
_pdbx_database_status.status_code_mr                  ? 
_pdbx_database_status.entry_id                        6US2 
_pdbx_database_status.recvd_initial_deposition_date   2019-10-24 
_pdbx_database_status.SG_entry                        N 
_pdbx_database_status.deposit_site                    RCSB 
_pdbx_database_status.process_site                    RCSB 
_pdbx_database_status.status_code_cs                  ? 
_pdbx_database_status.methods_development_category    ? 
_pdbx_database_status.pdb_format_compatible           Y 
_pdbx_database_status.status_code_nmr_data            ? 
# 
loop_
_audit_author.name 
_audit_author.pdbx_ordinal 
_audit_author.identifier_ORCID 
'Newby, Z.E.R.' 1 ? 
'Lansdon, E.B.' 2 ? 
# 
_citation.abstract                  ? 
_citation.abstract_id_CAS           ? 
_citation.book_id_ISBN              ? 
_citation.book_publisher            ? 
_citation.book_publisher_city       ? 
_citation.book_title                ? 
_citation.coordinate_linkage        ? 
_citation.country                   US 
_citation.database_id_Medline       ? 
_citation.details                   ? 
_citation.id                        primary 
_citation.journal_abbrev            'Acs Med.Chem.Lett.' 
_citation.journal_id_ASTM           ? 
_citation.journal_id_CSD            ? 
_citation.journal_id_ISSN           1948-5875 
_citation.journal_full              ? 
_citation.journal_issue             ? 
_citation.journal_volume            11 
_citation.language                  ? 
_citation.page_first                358 
_citation.page_last                 364 
_citation.title                     
'Discovery of Potent and Selective MTH1 Inhibitors for Oncology: Enabling Rapid Target (In)Validation.' 
_citation.year                      2020 
_citation.database_id_CSD           ? 
_citation.pdbx_database_id_DOI      10.1021/acsmedchemlett.9b00420 
_citation.pdbx_database_id_PubMed   32184970 
_citation.unpublished_flag          ? 
# 
loop_
_citation_author.citation_id 
_citation_author.name 
_citation_author.ordinal 
_citation_author.identifier_ORCID 
primary 'Farand, J.'               1  ? 
primary 'Kropf, J.E.'              2  ? 
primary 'Blomgren, P.'             3  ? 
primary 'Xu, J.'                   4  ? 
primary 'Schmitt, A.C.'            5  ? 
primary 'Newby, Z.E.'              6  ? 
primary 'Wang, T.'                 7  ? 
primary 'Murakami, E.'             8  ? 
primary 'Barauskas, O.'            9  ? 
primary 'Sudhamsu, J.'             10 ? 
primary 'Feng, J.Y.'               11 ? 
primary 'Niedziela-Majka, A.'      12 ? 
primary 'Schultz, B.E.'            13 ? 
primary 'Schwartz, K.'             14 ? 
primary 'Viatchenko-Karpinski, S.' 15 ? 
primary 'Kornyeyev, D.'            16 ? 
primary 'Kashishian, A.'           17 ? 
primary 'Fan, P.'                  18 ? 
primary 'Chen, X.'                 19 ? 
primary 'Lansdon, E.B.'            20 ? 
primary 'Ports, M.O.'              21 ? 
primary 'Currie, K.S.'             22 ? 
primary 'Watkins, W.J.'            23 ? 
primary 'Notte, G.T.'              24 ? 
# 
_cell.angle_alpha                  90.0 
_cell.angle_alpha_esd              ? 
_cell.angle_beta                   90.0 
_cell.angle_beta_esd               ? 
_cell.angle_gamma                  90.0 
_cell.angle_gamma_esd              ? 
_cell.entry_id                     6US2 
_cell.details                      ? 
_cell.formula_units_Z              ? 
_cell.length_a                     36.315 
_cell.length_a_esd                 ? 
_cell.length_b                     59.953 
_cell.length_b_esd                 ? 
_cell.length_c                     66.672 
_cell.length_c_esd                 ? 
_cell.volume                       145157.824697 
_cell.volume_esd                   ? 
_cell.Z_PDB                        4 
_cell.reciprocal_angle_alpha       ? 
_cell.reciprocal_angle_beta        ? 
_cell.reciprocal_angle_gamma       ? 
_cell.reciprocal_angle_alpha_esd   ? 
_cell.reciprocal_angle_beta_esd    ? 
_cell.reciprocal_angle_gamma_esd   ? 
_cell.reciprocal_length_a          ? 
_cell.reciprocal_length_b          ? 
_cell.reciprocal_length_c          ? 
_cell.reciprocal_length_a_esd      ? 
_cell.reciprocal_length_b_esd      ? 
_cell.reciprocal_length_c_esd      ? 
_cell.pdbx_unique_axis             ? 
# 
_symmetry.entry_id                         6US2 
_symmetry.cell_setting                     ? 
_symmetry.Int_Tables_number                18 
_symmetry.space_group_name_Hall            'P 2 2ab (z,x,y)' 
_symmetry.space_group_name_H-M             'P 2 21 21' 
_symmetry.pdbx_full_space_group_name_H-M   ? 
# 
loop_
_entity.id 
_entity.type 
_entity.src_method 
_entity.pdbx_description 
_entity.formula_weight 
_entity.pdbx_number_of_molecules 
_entity.pdbx_ec 
_entity.pdbx_mutation 
_entity.pdbx_fragment 
_entity.details 
1 polymer     man '7,8-dihydro-8-oxoguanine triphosphatase'                                      18253.736 1  3.6.1.55,3.6.1.56 ? 
? ? 
2 non-polymer syn 'N-[5-(2,3-dimethylphenyl)-1,2,3,4-tetrahydro-1,6-naphthyridin-7-yl]acetamide' 295.379   1  ?                 ? 
? ? 
3 water       nat water                                                                          18.015    96 ?                 ? 
? ? 
# 
_entity_name_com.entity_id   1 
_entity_name_com.name        
'2-hydroxy-dATP diphosphatase,8-oxo-dGTPase,Nucleoside diphosphate-linked moiety X motif 1,Nudix motif 1' 
# 
_entity_poly.entity_id                      1 
_entity_poly.type                           'polypeptide(L)' 
_entity_poly.nstd_linkage                   no 
_entity_poly.nstd_monomer                   no 
_entity_poly.pdbx_seq_one_letter_code       
;GSHMGASRLYTLVLVLQPQRVLLGMKKRGFGAGRWNGFGGKVQEGETIEDGARRELQEESGLTVDALHKVGQIVFEFVGE
PELMDVHVFCTDSIQGTPVESDEMRPCWFQLDQIPFKDMWPDDSYWFPLLLQKKKFHGYFKFQGQDTILDYTLREVDTV
;
_entity_poly.pdbx_seq_one_letter_code_can   
;GSHMGASRLYTLVLVLQPQRVLLGMKKRGFGAGRWNGFGGKVQEGETIEDGARRELQEESGLTVDALHKVGQIVFEFVGE
PELMDVHVFCTDSIQGTPVESDEMRPCWFQLDQIPFKDMWPDDSYWFPLLLQKKKFHGYFKFQGQDTILDYTLREVDTV
;
_entity_poly.pdbx_strand_id                 A 
_entity_poly.pdbx_target_identifier         ? 
# 
loop_
_entity_poly_seq.entity_id 
_entity_poly_seq.num 
_entity_poly_seq.mon_id 
_entity_poly_seq.hetero 
1 1   GLY n 
1 2   SER n 
1 3   HIS n 
1 4   MET n 
1 5   GLY n 
1 6   ALA n 
1 7   SER n 
1 8   ARG n 
1 9   LEU n 
1 10  TYR n 
1 11  THR n 
1 12  LEU n 
1 13  VAL n 
1 14  LEU n 
1 15  VAL n 
1 16  LEU n 
1 17  GLN n 
1 18  PRO n 
1 19  GLN n 
1 20  ARG n 
1 21  VAL n 
1 22  LEU n 
1 23  LEU n 
1 24  GLY n 
1 25  MET n 
1 26  LYS n 
1 27  LYS n 
1 28  ARG n 
1 29  GLY n 
1 30  PHE n 
1 31  GLY n 
1 32  ALA n 
1 33  GLY n 
1 34  ARG n 
1 35  TRP n 
1 36  ASN n 
1 37  GLY n 
1 38  PHE n 
1 39  GLY n 
1 40  GLY n 
1 41  LYS n 
1 42  VAL n 
1 43  GLN n 
1 44  GLU n 
1 45  GLY n 
1 46  GLU n 
1 47  THR n 
1 48  ILE n 
1 49  GLU n 
1 50  ASP n 
1 51  GLY n 
1 52  ALA n 
1 53  ARG n 
1 54  ARG n 
1 55  GLU n 
1 56  LEU n 
1 57  GLN n 
1 58  GLU n 
1 59  GLU n 
1 60  SER n 
1 61  GLY n 
1 62  LEU n 
1 63  THR n 
1 64  VAL n 
1 65  ASP n 
1 66  ALA n 
1 67  LEU n 
1 68  HIS n 
1 69  LYS n 
1 70  VAL n 
1 71  GLY n 
1 72  GLN n 
1 73  ILE n 
1 74  VAL n 
1 75  PHE n 
1 76  GLU n 
1 77  PHE n 
1 78  VAL n 
1 79  GLY n 
1 80  GLU n 
1 81  PRO n 
1 82  GLU n 
1 83  LEU n 
1 84  MET n 
1 85  ASP n 
1 86  VAL n 
1 87  HIS n 
1 88  VAL n 
1 89  PHE n 
1 90  CYS n 
1 91  THR n 
1 92  ASP n 
1 93  SER n 
1 94  ILE n 
1 95  GLN n 
1 96  GLY n 
1 97  THR n 
1 98  PRO n 
1 99  VAL n 
1 100 GLU n 
1 101 SER n 
1 102 ASP n 
1 103 GLU n 
1 104 MET n 
1 105 ARG n 
1 106 PRO n 
1 107 CYS n 
1 108 TRP n 
1 109 PHE n 
1 110 GLN n 
1 111 LEU n 
1 112 ASP n 
1 113 GLN n 
1 114 ILE n 
1 115 PRO n 
1 116 PHE n 
1 117 LYS n 
1 118 ASP n 
1 119 MET n 
1 120 TRP n 
1 121 PRO n 
1 122 ASP n 
1 123 ASP n 
1 124 SER n 
1 125 TYR n 
1 126 TRP n 
1 127 PHE n 
1 128 PRO n 
1 129 LEU n 
1 130 LEU n 
1 131 LEU n 
1 132 GLN n 
1 133 LYS n 
1 134 LYS n 
1 135 LYS n 
1 136 PHE n 
1 137 HIS n 
1 138 GLY n 
1 139 TYR n 
1 140 PHE n 
1 141 LYS n 
1 142 PHE n 
1 143 GLN n 
1 144 GLY n 
1 145 GLN n 
1 146 ASP n 
1 147 THR n 
1 148 ILE n 
1 149 LEU n 
1 150 ASP n 
1 151 TYR n 
1 152 THR n 
1 153 LEU n 
1 154 ARG n 
1 155 GLU n 
1 156 VAL n 
1 157 ASP n 
1 158 THR n 
1 159 VAL n 
# 
_entity_src_gen.entity_id                          1 
_entity_src_gen.pdbx_src_id                        1 
_entity_src_gen.pdbx_alt_source_flag               sample 
_entity_src_gen.pdbx_seq_type                      'Biological sequence' 
_entity_src_gen.pdbx_beg_seq_num                   1 
_entity_src_gen.pdbx_end_seq_num                   159 
_entity_src_gen.gene_src_common_name               Human 
_entity_src_gen.gene_src_genus                     ? 
_entity_src_gen.pdbx_gene_src_gene                 'NUDT1, MTH1' 
_entity_src_gen.gene_src_species                   ? 
_entity_src_gen.gene_src_strain                    ? 
_entity_src_gen.gene_src_tissue                    ? 
_entity_src_gen.gene_src_tissue_fraction           ? 
_entity_src_gen.gene_src_details                   ? 
_entity_src_gen.pdbx_gene_src_fragment             ? 
_entity_src_gen.pdbx_gene_src_scientific_name      'Homo sapiens' 
_entity_src_gen.pdbx_gene_src_ncbi_taxonomy_id     9606 
_entity_src_gen.pdbx_gene_src_variant              ? 
_entity_src_gen.pdbx_gene_src_cell_line            ? 
_entity_src_gen.pdbx_gene_src_atcc                 ? 
_entity_src_gen.pdbx_gene_src_organ                ? 
_entity_src_gen.pdbx_gene_src_organelle            ? 
_entity_src_gen.pdbx_gene_src_cell                 ? 
_entity_src_gen.pdbx_gene_src_cellular_location    ? 
_entity_src_gen.host_org_common_name               ? 
_entity_src_gen.pdbx_host_org_scientific_name      'Escherichia coli' 
_entity_src_gen.pdbx_host_org_ncbi_taxonomy_id     562 
_entity_src_gen.host_org_genus                     ? 
_entity_src_gen.pdbx_host_org_gene                 ? 
_entity_src_gen.pdbx_host_org_organ                ? 
_entity_src_gen.host_org_species                   ? 
_entity_src_gen.pdbx_host_org_tissue               ? 
_entity_src_gen.pdbx_host_org_tissue_fraction      ? 
_entity_src_gen.pdbx_host_org_strain               ? 
_entity_src_gen.pdbx_host_org_variant              ? 
_entity_src_gen.pdbx_host_org_cell_line            ? 
_entity_src_gen.pdbx_host_org_atcc                 ? 
_entity_src_gen.pdbx_host_org_culture_collection   ? 
_entity_src_gen.pdbx_host_org_cell                 ? 
_entity_src_gen.pdbx_host_org_organelle            ? 
_entity_src_gen.pdbx_host_org_cellular_location    ? 
_entity_src_gen.pdbx_host_org_vector_type          ? 
_entity_src_gen.pdbx_host_org_vector               ? 
_entity_src_gen.host_org_details                   ? 
_entity_src_gen.expression_system_id               ? 
_entity_src_gen.plasmid_name                       ? 
_entity_src_gen.plasmid_details                    ? 
_entity_src_gen.pdbx_description                   ? 
# 
_struct_ref.id                         1 
_struct_ref.db_name                    UNP 
_struct_ref.db_code                    8ODP_HUMAN 
_struct_ref.pdbx_db_accession          P36639 
_struct_ref.pdbx_db_isoform            ? 
_struct_ref.entity_id                  1 
_struct_ref.pdbx_seq_one_letter_code   
;MGASRLYTLVLVLQPQRVLLGMKKRGFGAGRWNGFGGKVQEGETIEDGARRELQEESGLTVDALHKVGQIVFEFVGEPEL
MDVHVFCTDSIQGTPVESDEMRPCWFQLDQIPFKDMWPDDSYWFPLLLQKKKFHGYFKFQGQDTILDYTLREVDTV
;
_struct_ref.pdbx_align_begin           42 
# 
_struct_ref_seq.align_id                      1 
_struct_ref_seq.ref_id                        1 
_struct_ref_seq.pdbx_PDB_id_code              6US2 
_struct_ref_seq.pdbx_strand_id                A 
_struct_ref_seq.seq_align_beg                 4 
_struct_ref_seq.pdbx_seq_align_beg_ins_code   ? 
_struct_ref_seq.seq_align_end                 159 
_struct_ref_seq.pdbx_seq_align_end_ins_code   ? 
_struct_ref_seq.pdbx_db_accession             P36639 
_struct_ref_seq.db_align_beg                  42 
_struct_ref_seq.pdbx_db_align_beg_ins_code    ? 
_struct_ref_seq.db_align_end                  197 
_struct_ref_seq.pdbx_db_align_end_ins_code    ? 
_struct_ref_seq.pdbx_auth_seq_align_beg       1 
_struct_ref_seq.pdbx_auth_seq_align_end       156 
# 
loop_
_struct_ref_seq_dif.align_id 
_struct_ref_seq_dif.pdbx_pdb_id_code 
_struct_ref_seq_dif.mon_id 
_struct_ref_seq_dif.pdbx_pdb_strand_id 
_struct_ref_seq_dif.seq_num 
_struct_ref_seq_dif.pdbx_pdb_ins_code 
_struct_ref_seq_dif.pdbx_seq_db_name 
_struct_ref_seq_dif.pdbx_seq_db_accession_code 
_struct_ref_seq_dif.db_mon_id 
_struct_ref_seq_dif.pdbx_seq_db_seq_num 
_struct_ref_seq_dif.details 
_struct_ref_seq_dif.pdbx_auth_seq_num 
_struct_ref_seq_dif.pdbx_ordinal 
1 6US2 GLY A 1 ? UNP P36639 ? ? 'expression tag' -2 1 
1 6US2 SER A 2 ? UNP P36639 ? ? 'expression tag' -1 2 
1 6US2 HIS A 3 ? UNP P36639 ? ? 'expression tag' 0  3 
# 
loop_
_chem_comp.id 
_chem_comp.type 
_chem_comp.mon_nstd_flag 
_chem_comp.name 
_chem_comp.pdbx_synonyms 
_chem_comp.formula 
_chem_comp.formula_weight 
ALA 'L-peptide linking' y ALANINE                                                                        ? 'C3 H7 N O2'     89.093 
ARG 'L-peptide linking' y ARGININE                                                                       ? 'C6 H15 N4 O2 1' 
175.209 
ASN 'L-peptide linking' y ASPARAGINE                                                                     ? 'C4 H8 N2 O3'    
132.118 
ASP 'L-peptide linking' y 'ASPARTIC ACID'                                                                ? 'C4 H7 N O4'     
133.103 
CYS 'L-peptide linking' y CYSTEINE                                                                       ? 'C3 H7 N O2 S'   
121.158 
GLN 'L-peptide linking' y GLUTAMINE                                                                      ? 'C5 H10 N2 O3'   
146.144 
GLU 'L-peptide linking' y 'GLUTAMIC ACID'                                                                ? 'C5 H9 N O4'     
147.129 
GLY 'peptide linking'   y GLYCINE                                                                        ? 'C2 H5 N O2'     75.067 
HIS 'L-peptide linking' y HISTIDINE                                                                      ? 'C6 H10 N3 O2 1' 
156.162 
HOH non-polymer         . WATER                                                                          ? 'H2 O'           18.015 
ILE 'L-peptide linking' y ISOLEUCINE                                                                     ? 'C6 H13 N O2'    
131.173 
LEU 'L-peptide linking' y LEUCINE                                                                        ? 'C6 H13 N O2'    
131.173 
LYS 'L-peptide linking' y LYSINE                                                                         ? 'C6 H15 N2 O2 1' 
147.195 
MET 'L-peptide linking' y METHIONINE                                                                     ? 'C5 H11 N O2 S'  
149.211 
PHE 'L-peptide linking' y PHENYLALANINE                                                                  ? 'C9 H11 N O2'    
165.189 
PRO 'L-peptide linking' y PROLINE                                                                        ? 'C5 H9 N O2'     
115.130 
S3O non-polymer         . 'N-[5-(2,3-dimethylphenyl)-1,2,3,4-tetrahydro-1,6-naphthyridin-7-yl]acetamide' ? 'C18 H21 N3 O'   
295.379 
SER 'L-peptide linking' y SERINE                                                                         ? 'C3 H7 N O3'     
105.093 
THR 'L-peptide linking' y THREONINE                                                                      ? 'C4 H9 N O3'     
119.119 
TRP 'L-peptide linking' y TRYPTOPHAN                                                                     ? 'C11 H12 N2 O2'  
204.225 
TYR 'L-peptide linking' y TYROSINE                                                                       ? 'C9 H11 N O3'    
181.189 
VAL 'L-peptide linking' y VALINE                                                                         ? 'C5 H11 N O2'    
117.146 
# 
_exptl.absorpt_coefficient_mu     ? 
_exptl.absorpt_correction_T_max   ? 
_exptl.absorpt_correction_T_min   ? 
_exptl.absorpt_correction_type    ? 
_exptl.absorpt_process_details    ? 
_exptl.entry_id                   6US2 
_exptl.crystals_number            1 
_exptl.details                    ? 
_exptl.method                     'X-RAY DIFFRACTION' 
_exptl.method_details             ? 
# 
_exptl_crystal.colour                      ? 
_exptl_crystal.density_diffrn              ? 
_exptl_crystal.density_Matthews            1.99 
_exptl_crystal.density_method              ? 
_exptl_crystal.density_percent_sol         38.13 
_exptl_crystal.description                 ? 
_exptl_crystal.F_000                       ? 
_exptl_crystal.id                          1 
_exptl_crystal.preparation                 ? 
_exptl_crystal.size_max                    ? 
_exptl_crystal.size_mid                    ? 
_exptl_crystal.size_min                    ? 
_exptl_crystal.size_rad                    ? 
_exptl_crystal.colour_lustre               ? 
_exptl_crystal.colour_modifier             ? 
_exptl_crystal.colour_primary              ? 
_exptl_crystal.density_meas                ? 
_exptl_crystal.density_meas_esd            ? 
_exptl_crystal.density_meas_gt             ? 
_exptl_crystal.density_meas_lt             ? 
_exptl_crystal.density_meas_temp           ? 
_exptl_crystal.density_meas_temp_esd       ? 
_exptl_crystal.density_meas_temp_gt        ? 
_exptl_crystal.density_meas_temp_lt        ? 
_exptl_crystal.pdbx_crystal_image_url      ? 
_exptl_crystal.pdbx_crystal_image_format   ? 
_exptl_crystal.pdbx_mosaicity              ? 
_exptl_crystal.pdbx_mosaicity_esd          ? 
# 
_exptl_crystal_grow.apparatus       ? 
_exptl_crystal_grow.atmosphere      ? 
_exptl_crystal_grow.crystal_id      1 
_exptl_crystal_grow.details         ? 
_exptl_crystal_grow.method          'VAPOR DIFFUSION, HANGING DROP' 
_exptl_crystal_grow.method_ref      ? 
_exptl_crystal_grow.pH              ? 
_exptl_crystal_grow.pressure        ? 
_exptl_crystal_grow.pressure_esd    ? 
_exptl_crystal_grow.seeding         ? 
_exptl_crystal_grow.seeding_ref     ? 
_exptl_crystal_grow.temp            293 
_exptl_crystal_grow.temp_details    ? 
_exptl_crystal_grow.temp_esd        ? 
_exptl_crystal_grow.time            ? 
_exptl_crystal_grow.pdbx_details    '30% PEG 6000, 0.1M sodium acetate pH 4.0, 0.2M lithium sulfate' 
_exptl_crystal_grow.pdbx_pH_range   ? 
# 
_diffrn.ambient_environment              ? 
_diffrn.ambient_temp                     100 
_diffrn.ambient_temp_details             ? 
_diffrn.ambient_temp_esd                 ? 
_diffrn.crystal_id                       1 
_diffrn.crystal_support                  ? 
_diffrn.crystal_treatment                ? 
_diffrn.details                          ? 
_diffrn.id                               1 
_diffrn.ambient_pressure                 ? 
_diffrn.ambient_pressure_esd             ? 
_diffrn.ambient_pressure_gt              ? 
_diffrn.ambient_pressure_lt              ? 
_diffrn.ambient_temp_gt                  ? 
_diffrn.ambient_temp_lt                  ? 
_diffrn.pdbx_serial_crystal_experiment   N 
# 
_diffrn_detector.details                      ? 
_diffrn_detector.detector                     'IMAGE PLATE' 
_diffrn_detector.diffrn_id                    1 
_diffrn_detector.type                         'RIGAKU RAXIS IV++' 
_diffrn_detector.area_resol_mean              ? 
_diffrn_detector.dtime                        ? 
_diffrn_detector.pdbx_frames_total            ? 
_diffrn_detector.pdbx_collection_time_total   ? 
_diffrn_detector.pdbx_collection_date         2014-08-28 
_diffrn_detector.pdbx_frequency               ? 
# 
_diffrn_radiation.collimation                      ? 
_diffrn_radiation.diffrn_id                        1 
_diffrn_radiation.filter_edge                      ? 
_diffrn_radiation.inhomogeneity                    ? 
_diffrn_radiation.monochromator                    ? 
_diffrn_radiation.polarisn_norm                    ? 
_diffrn_radiation.polarisn_ratio                   ? 
_diffrn_radiation.probe                            ? 
_diffrn_radiation.type                             ? 
_diffrn_radiation.xray_symbol                      ? 
_diffrn_radiation.wavelength_id                    1 
_diffrn_radiation.pdbx_monochromatic_or_laue_m_l   M 
_diffrn_radiation.pdbx_wavelength_list             ? 
_diffrn_radiation.pdbx_wavelength                  ? 
_diffrn_radiation.pdbx_diffrn_protocol             'SINGLE WAVELENGTH' 
_diffrn_radiation.pdbx_analyzer                    ? 
_diffrn_radiation.pdbx_scattering_type             x-ray 
# 
_diffrn_radiation_wavelength.id           1 
_diffrn_radiation_wavelength.wavelength   1.54178 
_diffrn_radiation_wavelength.wt           1.0 
# 
_diffrn_source.current                     ? 
_diffrn_source.details                     ? 
_diffrn_source.diffrn_id                   1 
_diffrn_source.power                       ? 
_diffrn_source.size                        ? 
_diffrn_source.source                      'ROTATING ANODE' 
_diffrn_source.target                      ? 
_diffrn_source.type                        'RIGAKU MICROMAX-007' 
_diffrn_source.voltage                     ? 
_diffrn_source.take-off_angle              ? 
_diffrn_source.pdbx_wavelength_list        1.54178 
_diffrn_source.pdbx_wavelength             ? 
_diffrn_source.pdbx_synchrotron_beamline   ? 
_diffrn_source.pdbx_synchrotron_site       ? 
# 
_reflns.B_iso_Wilson_estimate            18.3716511856 
_reflns.entry_id                         6US2 
_reflns.data_reduction_details           ? 
_reflns.data_reduction_method            ? 
_reflns.d_resolution_high                1.8 
_reflns.d_resolution_low                 50 
_reflns.details                          ? 
_reflns.limit_h_max                      ? 
_reflns.limit_h_min                      ? 
_reflns.limit_k_max                      ? 
_reflns.limit_k_min                      ? 
_reflns.limit_l_max                      ? 
_reflns.limit_l_min                      ? 
_reflns.number_all                       ? 
_reflns.number_obs                       14073 
_reflns.observed_criterion               ? 
_reflns.observed_criterion_F_max         ? 
_reflns.observed_criterion_F_min         ? 
_reflns.observed_criterion_I_max         ? 
_reflns.observed_criterion_I_min         ? 
_reflns.observed_criterion_sigma_F       ? 
_reflns.observed_criterion_sigma_I       ? 
_reflns.percent_possible_obs             99.9 
_reflns.R_free_details                   ? 
_reflns.Rmerge_F_all                     ? 
_reflns.Rmerge_F_obs                     ? 
_reflns.Friedel_coverage                 ? 
_reflns.number_gt                        ? 
_reflns.threshold_expression             ? 
_reflns.pdbx_redundancy                  3.7 
_reflns.pdbx_Rmerge_I_obs                0.084 
_reflns.pdbx_Rmerge_I_all                ? 
_reflns.pdbx_Rsym_value                  ? 
_reflns.pdbx_netI_over_av_sigmaI         ? 
_reflns.pdbx_netI_over_sigmaI            15.6 
_reflns.pdbx_res_netI_over_av_sigmaI_2   ? 
_reflns.pdbx_res_netI_over_sigmaI_2      ? 
_reflns.pdbx_chi_squared                 ? 
_reflns.pdbx_scaling_rejects             ? 
_reflns.pdbx_d_res_high_opt              ? 
_reflns.pdbx_d_res_low_opt               ? 
_reflns.pdbx_d_res_opt_method            ? 
_reflns.phase_calculation_details        ? 
_reflns.pdbx_Rrim_I_all                  ? 
_reflns.pdbx_Rpim_I_all                  ? 
_reflns.pdbx_d_opt                       ? 
_reflns.pdbx_number_measured_all         ? 
_reflns.pdbx_diffrn_id                   1 
_reflns.pdbx_ordinal                     1 
_reflns.pdbx_CC_half                     ? 
_reflns.pdbx_CC_star                     ? 
_reflns.pdbx_R_split                     ? 
# 
_reflns_shell.d_res_high                  1.80 
_reflns_shell.d_res_low                   1.83 
_reflns_shell.meanI_over_sigI_all         ? 
_reflns_shell.meanI_over_sigI_obs         ? 
_reflns_shell.number_measured_all         ? 
_reflns_shell.number_measured_obs         ? 
_reflns_shell.number_possible             ? 
_reflns_shell.number_unique_all           ? 
_reflns_shell.number_unique_obs           643 
_reflns_shell.percent_possible_all        ? 
_reflns_shell.percent_possible_obs        ? 
_reflns_shell.Rmerge_F_all                ? 
_reflns_shell.Rmerge_F_obs                ? 
_reflns_shell.Rmerge_I_all                ? 
_reflns_shell.Rmerge_I_obs                0.508 
_reflns_shell.meanI_over_sigI_gt          ? 
_reflns_shell.meanI_over_uI_all           ? 
_reflns_shell.meanI_over_uI_gt            ? 
_reflns_shell.number_measured_gt          ? 
_reflns_shell.number_unique_gt            ? 
_reflns_shell.percent_possible_gt         ? 
_reflns_shell.Rmerge_F_gt                 ? 
_reflns_shell.Rmerge_I_gt                 ? 
_reflns_shell.pdbx_redundancy             ? 
_reflns_shell.pdbx_Rsym_value             ? 
_reflns_shell.pdbx_chi_squared            ? 
_reflns_shell.pdbx_netI_over_sigmaI_all   ? 
_reflns_shell.pdbx_netI_over_sigmaI_obs   ? 
_reflns_shell.pdbx_Rrim_I_all             ? 
_reflns_shell.pdbx_Rpim_I_all             ? 
_reflns_shell.pdbx_rejects                ? 
_reflns_shell.pdbx_ordinal                1 
_reflns_shell.pdbx_diffrn_id              1 
_reflns_shell.pdbx_CC_half                ? 
_reflns_shell.pdbx_CC_star                ? 
_reflns_shell.pdbx_R_split                ? 
# 
_refine.aniso_B[1][1]                            ? 
_refine.aniso_B[1][2]                            ? 
_refine.aniso_B[1][3]                            ? 
_refine.aniso_B[2][2]                            ? 
_refine.aniso_B[2][3]                            ? 
_refine.aniso_B[3][3]                            ? 
_refine.B_iso_max                                ? 
_refine.B_iso_mean                               20.3422922636 
_refine.B_iso_min                                ? 
_refine.correlation_coeff_Fo_to_Fc               ? 
_refine.correlation_coeff_Fo_to_Fc_free          ? 
_refine.details                                  ? 
_refine.diff_density_max                         ? 
_refine.diff_density_max_esd                     ? 
_refine.diff_density_min                         ? 
_refine.diff_density_min_esd                     ? 
_refine.diff_density_rms                         ? 
_refine.diff_density_rms_esd                     ? 
_refine.entry_id                                 6US2 
_refine.pdbx_refine_id                           'X-RAY DIFFRACTION' 
_refine.ls_abs_structure_details                 ? 
_refine.ls_abs_structure_Flack                   ? 
_refine.ls_abs_structure_Flack_esd               ? 
_refine.ls_abs_structure_Rogers                  ? 
_refine.ls_abs_structure_Rogers_esd              ? 
_refine.ls_d_res_high                            1.80012657096 
_refine.ls_d_res_low                             31.8911368733 
_refine.ls_extinction_coef                       ? 
_refine.ls_extinction_coef_esd                   ? 
_refine.ls_extinction_expression                 ? 
_refine.ls_extinction_method                     ? 
_refine.ls_goodness_of_fit_all                   ? 
_refine.ls_goodness_of_fit_all_esd               ? 
_refine.ls_goodness_of_fit_obs                   ? 
_refine.ls_goodness_of_fit_obs_esd               ? 
_refine.ls_hydrogen_treatment                    ? 
_refine.ls_matrix_type                           ? 
_refine.ls_number_constraints                    ? 
_refine.ls_number_parameters                     ? 
_refine.ls_number_reflns_all                     ? 
_refine.ls_number_reflns_obs                     13275 
_refine.ls_number_reflns_R_free                  1328 
_refine.ls_number_reflns_R_work                  ? 
_refine.ls_number_restraints                     ? 
_refine.ls_percent_reflns_obs                    94.4907110826 
_refine.ls_percent_reflns_R_free                 10.0037664783 
_refine.ls_R_factor_all                          ? 
_refine.ls_R_factor_obs                          0.181741061345 
_refine.ls_R_factor_R_free                       0.234421783229 
_refine.ls_R_factor_R_free_error                 ? 
_refine.ls_R_factor_R_free_error_details         ? 
_refine.ls_R_factor_R_work                       0.176010896719 
_refine.ls_R_Fsqd_factor_obs                     ? 
_refine.ls_R_I_factor_obs                        ? 
_refine.ls_redundancy_reflns_all                 ? 
_refine.ls_redundancy_reflns_obs                 ? 
_refine.ls_restrained_S_all                      ? 
_refine.ls_restrained_S_obs                      ? 
_refine.ls_shift_over_esd_max                    ? 
_refine.ls_shift_over_esd_mean                   ? 
_refine.ls_structure_factor_coef                 ? 
_refine.ls_weighting_details                     ? 
_refine.ls_weighting_scheme                      ? 
_refine.ls_wR_factor_all                         ? 
_refine.ls_wR_factor_obs                         ? 
_refine.ls_wR_factor_R_free                      ? 
_refine.ls_wR_factor_R_work                      ? 
_refine.occupancy_max                            ? 
_refine.occupancy_min                            ? 
_refine.solvent_model_details                    ? 
_refine.solvent_model_param_bsol                 ? 
_refine.solvent_model_param_ksol                 ? 
_refine.pdbx_R_complete                          ? 
_refine.ls_R_factor_gt                           ? 
_refine.ls_goodness_of_fit_gt                    ? 
_refine.ls_goodness_of_fit_ref                   ? 
_refine.ls_shift_over_su_max                     ? 
_refine.ls_shift_over_su_max_lt                  ? 
_refine.ls_shift_over_su_mean                    ? 
_refine.ls_shift_over_su_mean_lt                 ? 
_refine.pdbx_ls_sigma_I                          ? 
_refine.pdbx_ls_sigma_F                          0.227401787163 
_refine.pdbx_ls_sigma_Fsqd                       ? 
_refine.pdbx_data_cutoff_high_absF               ? 
_refine.pdbx_data_cutoff_high_rms_absF           ? 
_refine.pdbx_data_cutoff_low_absF                ? 
_refine.pdbx_isotropic_thermal_model             ? 
_refine.pdbx_ls_cross_valid_method               THROUGHOUT 
_refine.pdbx_method_to_determine_struct          'MOLECULAR REPLACEMENT' 
_refine.pdbx_starting_model                      3ZR0 
_refine.pdbx_stereochemistry_target_values       ? 
_refine.pdbx_R_Free_selection_details            ? 
_refine.pdbx_stereochem_target_val_spec_case     ? 
_refine.pdbx_overall_ESU_R                       ? 
_refine.pdbx_overall_ESU_R_Free                  ? 
_refine.pdbx_solvent_vdw_probe_radii             1.11 
_refine.pdbx_solvent_ion_probe_radii             ? 
_refine.pdbx_solvent_shrinkage_radii             0.9 
_refine.pdbx_real_space_R                        ? 
_refine.pdbx_density_correlation                 ? 
_refine.pdbx_pd_number_of_powder_patterns        ? 
_refine.pdbx_pd_number_of_points                 ? 
_refine.pdbx_pd_meas_number_of_points            ? 
_refine.pdbx_pd_proc_ls_prof_R_factor            ? 
_refine.pdbx_pd_proc_ls_prof_wR_factor           ? 
_refine.pdbx_pd_Marquardt_correlation_coeff      ? 
_refine.pdbx_pd_Fsqrd_R_factor                   ? 
_refine.pdbx_pd_ls_matrix_band_width             ? 
_refine.pdbx_overall_phase_error                 20.9260406374 
_refine.pdbx_overall_SU_R_free_Cruickshank_DPI   ? 
_refine.pdbx_overall_SU_R_free_Blow_DPI          ? 
_refine.pdbx_overall_SU_R_Blow_DPI               ? 
_refine.pdbx_TLS_residual_ADP_flag               ? 
_refine.pdbx_diffrn_id                           1 
_refine.overall_SU_B                             ? 
_refine.overall_SU_ML                            0.175178056822 
_refine.overall_SU_R_Cruickshank_DPI             ? 
_refine.overall_SU_R_free                        ? 
_refine.overall_FOM_free_R_set                   ? 
_refine.overall_FOM_work_R_set                   ? 
_refine.pdbx_average_fsc_overall                 ? 
_refine.pdbx_average_fsc_work                    ? 
_refine.pdbx_average_fsc_free                    ? 
# 
_refine_hist.pdbx_refine_id                   'X-RAY DIFFRACTION' 
_refine_hist.cycle_id                         LAST 
_refine_hist.details                          ? 
_refine_hist.d_res_high                       1.80012657096 
_refine_hist.d_res_low                        31.8911368733 
_refine_hist.number_atoms_solvent             96 
_refine_hist.number_atoms_total               1372 
_refine_hist.number_reflns_all                ? 
_refine_hist.number_reflns_obs                ? 
_refine_hist.number_reflns_R_free             ? 
_refine_hist.number_reflns_R_work             ? 
_refine_hist.R_factor_all                     ? 
_refine_hist.R_factor_obs                     ? 
_refine_hist.R_factor_R_free                  ? 
_refine_hist.R_factor_R_work                  ? 
_refine_hist.pdbx_number_residues_total       ? 
_refine_hist.pdbx_B_iso_mean_ligand           ? 
_refine_hist.pdbx_B_iso_mean_solvent          ? 
_refine_hist.pdbx_number_atoms_protein        1254 
_refine_hist.pdbx_number_atoms_nucleic_acid   0 
_refine_hist.pdbx_number_atoms_ligand         22 
_refine_hist.pdbx_number_atoms_lipid          ? 
_refine_hist.pdbx_number_atoms_carb           ? 
_refine_hist.pdbx_pseudo_atom_details         ? 
# 
loop_
_refine_ls_restr.pdbx_refine_id 
_refine_ls_restr.criterion 
_refine_ls_restr.dev_ideal 
_refine_ls_restr.dev_ideal_target 
_refine_ls_restr.number 
_refine_ls_restr.rejects 
_refine_ls_restr.type 
_refine_ls_restr.weight 
_refine_ls_restr.pdbx_restraint_function 
'X-RAY DIFFRACTION' ? 0.00763573576208 ? 1340 ? f_bond_d           ? ? 
'X-RAY DIFFRACTION' ? 1.18087473121    ? 1820 ? f_angle_d          ? ? 
'X-RAY DIFFRACTION' ? 0.0529610671105  ? 187  ? f_chiral_restr     ? ? 
'X-RAY DIFFRACTION' ? 0.00579149239625 ? 236  ? f_plane_restr      ? ? 
'X-RAY DIFFRACTION' ? 13.2433033937    ? 502  ? f_dihedral_angle_d ? ? 
# 
loop_
_refine_ls_shell.pdbx_refine_id 
_refine_ls_shell.d_res_high 
_refine_ls_shell.d_res_low 
_refine_ls_shell.number_reflns_all 
_refine_ls_shell.number_reflns_obs 
_refine_ls_shell.number_reflns_R_free 
_refine_ls_shell.number_reflns_R_work 
_refine_ls_shell.percent_reflns_obs 
_refine_ls_shell.percent_reflns_R_free 
_refine_ls_shell.R_factor_all 
_refine_ls_shell.R_factor_obs 
_refine_ls_shell.R_factor_R_free 
_refine_ls_shell.R_factor_R_free_error 
_refine_ls_shell.R_factor_R_work 
_refine_ls_shell.redundancy_reflns_all 
_refine_ls_shell.redundancy_reflns_obs 
_refine_ls_shell.wR_factor_all 
_refine_ls_shell.wR_factor_obs 
_refine_ls_shell.wR_factor_R_free 
_refine_ls_shell.wR_factor_R_work 
_refine_ls_shell.pdbx_R_complete 
_refine_ls_shell.pdbx_total_number_of_bins_used 
_refine_ls_shell.pdbx_phase_error 
_refine_ls_shell.pdbx_fsc_work 
_refine_ls_shell.pdbx_fsc_free 
'X-RAY DIFFRACTION' 1.800127 1.8722     . . 131 1181 86.6578599736 . . . 0.237633601241 . 0.201474695841 . . . . . . . . . . . 
'X-RAY DIFFRACTION' 1.8722   1.9574     . . 140 1253 90.7491856678 . . . 0.263662074474 . 0.178569468323 . . . . . . . . . . . 
'X-RAY DIFFRACTION' 1.9574   2.0606     . . 143 1287 92.7968851395 . . . 0.285153376482 . 0.175897687347 . . . . . . . . . . . 
'X-RAY DIFFRACTION' 2.0606   2.1896     . . 145 1312 95.0424005219 . . . 0.236154494428 . 0.171495720332 . . . . . . . . . . . 
'X-RAY DIFFRACTION' 2.1896   2.3587     . . 147 1323 95.084087969  . . . 0.221797504492 . 0.165378740856 . . . . . . . . . . . 
'X-RAY DIFFRACTION' 2.3587   2.5959     . . 149 1342 95.6996148909 . . . 0.242242883288 . 0.185543141627 . . . . . . . . . . . 
'X-RAY DIFFRACTION' 2.5959   2.9713     . . 150 1348 96.8952134541 . . . 0.269841588399 . 0.197392648684 . . . . . . . . . . . 
'X-RAY DIFFRACTION' 2.9713   3.7426     . . 157 1419 98.5616010006 . . . 0.212553499172 . 0.173213871413 . . . . . . . . . . . 
'X-RAY DIFFRACTION' 3.7426   31.8911368 . . 166 1482 98.2707215265 . . . 0.215062210782 . 0.165596897546 . . . . . . . . . . . 
# 
_struct.entry_id                     6US2 
_struct.title                        'MTH1 in complex with compound 5' 
_struct.pdbx_model_details           ? 
_struct.pdbx_formula_weight          ? 
_struct.pdbx_formula_weight_method   ? 
_struct.pdbx_model_type_details      ? 
_struct.pdbx_CASP_flag               N 
# 
_struct_keywords.entry_id        6US2 
_struct_keywords.text            'Hydrolase, NUDT1, Nudix hydrolase, inhibitor, HYDROLASE-HYDROLASE INHIBITOR complex' 
_struct_keywords.pdbx_keywords   'HYDROLASE/HYDROLASE INHIBITOR' 
# 
loop_
_struct_asym.id 
_struct_asym.pdbx_blank_PDB_chainid_flag 
_struct_asym.pdbx_modified 
_struct_asym.entity_id 
_struct_asym.details 
A N N 1 ? 
B N N 2 ? 
C N N 3 ? 
# 
loop_
_struct_conf.conf_type_id 
_struct_conf.id 
_struct_conf.pdbx_PDB_helix_id 
_struct_conf.beg_label_comp_id 
_struct_conf.beg_label_asym_id 
_struct_conf.beg_label_seq_id 
_struct_conf.pdbx_beg_PDB_ins_code 
_struct_conf.end_label_comp_id 
_struct_conf.end_label_asym_id 
_struct_conf.end_label_seq_id 
_struct_conf.pdbx_end_PDB_ins_code 
_struct_conf.beg_auth_comp_id 
_struct_conf.beg_auth_asym_id 
_struct_conf.beg_auth_seq_id 
_struct_conf.end_auth_comp_id 
_struct_conf.end_auth_asym_id 
_struct_conf.end_auth_seq_id 
_struct_conf.pdbx_PDB_helix_class 
_struct_conf.details 
_struct_conf.pdbx_PDB_helix_length 
HELX_P HELX_P1 AA1 THR A 47  ? GLY A 61  ? THR A 44  GLY A 58  1 ? 15 
HELX_P HELX_P2 AA2 ASP A 112 ? ILE A 114 ? ASP A 109 ILE A 111 5 ? 3  
HELX_P HELX_P3 AA3 PRO A 115 ? MET A 119 ? PRO A 112 MET A 116 5 ? 5  
HELX_P HELX_P4 AA4 TRP A 120 ? PRO A 121 ? TRP A 117 PRO A 118 5 ? 2  
HELX_P HELX_P5 AA5 ASP A 122 ? GLN A 132 ? ASP A 119 GLN A 129 1 ? 11 
# 
_struct_conf_type.id          HELX_P 
_struct_conf_type.criteria    ? 
_struct_conf_type.reference   ? 
# 
loop_
_struct_sheet.id 
_struct_sheet.type 
_struct_sheet.number_strands 
_struct_sheet.details 
AA1 ? 4 ? 
AA2 ? 7 ? 
AA3 ? 2 ? 
# 
loop_
_struct_sheet_order.sheet_id 
_struct_sheet_order.range_id_1 
_struct_sheet_order.range_id_2 
_struct_sheet_order.offset 
_struct_sheet_order.sense 
AA1 1 2 ? anti-parallel 
AA1 2 3 ? anti-parallel 
AA2 1 2 ? anti-parallel 
AA2 2 3 ? anti-parallel 
AA2 4 5 ? anti-parallel 
AA2 5 6 ? parallel      
AA2 6 7 ? anti-parallel 
AA3 1 2 ? anti-parallel 
# 
loop_
_struct_sheet_range.sheet_id 
_struct_sheet_range.id 
_struct_sheet_range.beg_label_comp_id 
_struct_sheet_range.beg_label_asym_id 
_struct_sheet_range.beg_label_seq_id 
_struct_sheet_range.pdbx_beg_PDB_ins_code 
_struct_sheet_range.end_label_comp_id 
_struct_sheet_range.end_label_asym_id 
_struct_sheet_range.end_label_seq_id 
_struct_sheet_range.pdbx_end_PDB_ins_code 
_struct_sheet_range.beg_auth_comp_id 
_struct_sheet_range.beg_auth_asym_id 
_struct_sheet_range.beg_auth_seq_id 
_struct_sheet_range.end_auth_comp_id 
_struct_sheet_range.end_auth_asym_id 
_struct_sheet_range.end_auth_seq_id 
AA1 1 TRP A 35  ? ASN A 36  ? TRP A 32  ASN A 33  
AA1 2 ARG A 20  ? LYS A 26  ? ARG A 17  LYS A 23  
AA1 3 SER A 7   ? LEU A 16  ? SER A 4   LEU A 13  
AA1 4 MET A 104 ? GLN A 110 ? MET A 101 GLN A 107 
AA2 1 PHE A 38  ? LYS A 41  ? PHE A 35  LYS A 38  
AA2 2 SER A 7   ? LEU A 16  ? SER A 4   LEU A 13  
AA2 3 ARG A 20  ? LYS A 26  ? ARG A 17  LYS A 23  
AA2 4 LEU A 83  ? THR A 91  ? LEU A 80  THR A 88  
AA2 5 HIS A 68  ? PHE A 77  ? HIS A 65  PHE A 74  
AA2 6 LYS A 135 ? GLN A 143 ? LYS A 132 GLN A 140 
AA2 7 THR A 147 ? VAL A 156 ? THR A 144 VAL A 153 
AA3 1 THR A 63  ? VAL A 64  ? THR A 60  VAL A 61  
AA3 2 ILE A 94  ? GLN A 95  ? ILE A 91  GLN A 92  
# 
loop_
_pdbx_struct_sheet_hbond.sheet_id 
_pdbx_struct_sheet_hbond.range_id_1 
_pdbx_struct_sheet_hbond.range_id_2 
_pdbx_struct_sheet_hbond.range_1_label_atom_id 
_pdbx_struct_sheet_hbond.range_1_label_comp_id 
_pdbx_struct_sheet_hbond.range_1_label_asym_id 
_pdbx_struct_sheet_hbond.range_1_label_seq_id 
_pdbx_struct_sheet_hbond.range_1_PDB_ins_code 
_pdbx_struct_sheet_hbond.range_1_auth_atom_id 
_pdbx_struct_sheet_hbond.range_1_auth_comp_id 
_pdbx_struct_sheet_hbond.range_1_auth_asym_id 
_pdbx_struct_sheet_hbond.range_1_auth_seq_id 
_pdbx_struct_sheet_hbond.range_2_label_atom_id 
_pdbx_struct_sheet_hbond.range_2_label_comp_id 
_pdbx_struct_sheet_hbond.range_2_label_asym_id 
_pdbx_struct_sheet_hbond.range_2_label_seq_id 
_pdbx_struct_sheet_hbond.range_2_PDB_ins_code 
_pdbx_struct_sheet_hbond.range_2_auth_atom_id 
_pdbx_struct_sheet_hbond.range_2_auth_comp_id 
_pdbx_struct_sheet_hbond.range_2_auth_asym_id 
_pdbx_struct_sheet_hbond.range_2_auth_seq_id 
AA1 1 2 O ASN A 36  ? O ASN A 33  N GLY A 24  ? N GLY A 21  
AA1 2 3 O LEU A 22  ? O LEU A 19  N VAL A 15  ? N VAL A 12  
AA2 1 2 O PHE A 38  ? O PHE A 35  N VAL A 13  ? N VAL A 10  
AA2 2 3 N VAL A 15  ? N VAL A 12  O LEU A 22  ? O LEU A 19  
AA2 4 5 O VAL A 88  ? O VAL A 85  N GLY A 71  ? N GLY A 68  
AA2 5 6 N GLU A 76  ? N GLU A 73  O PHE A 142 ? O PHE A 139 
AA2 6 7 N LYS A 141 ? N LYS A 138 O ASP A 150 ? O ASP A 147 
AA3 1 2 N THR A 63  ? N THR A 60  O GLN A 95  ? O GLN A 92  
# 
_struct_site.id                   AC1 
_struct_site.pdbx_evidence_code   Software 
_struct_site.pdbx_auth_asym_id    A 
_struct_site.pdbx_auth_comp_id    S3O 
_struct_site.pdbx_auth_seq_id     201 
_struct_site.pdbx_auth_ins_code   ? 
_struct_site.pdbx_num_residues    13 
_struct_site.details              'binding site for residue S3O A 201' 
# 
loop_
_struct_site_gen.id 
_struct_site_gen.site_id 
_struct_site_gen.pdbx_num_res 
_struct_site_gen.label_comp_id 
_struct_site_gen.label_asym_id 
_struct_site_gen.label_seq_id 
_struct_site_gen.pdbx_auth_ins_code 
_struct_site_gen.auth_comp_id 
_struct_site_gen.auth_asym_id 
_struct_site_gen.auth_seq_id 
_struct_site_gen.label_atom_id 
_struct_site_gen.label_alt_id 
_struct_site_gen.symmetry 
_struct_site_gen.details 
1  AC1 13 TYR A 10  ? TYR A 7   . ? 1_555 ? 
2  AC1 13 THR A 11  ? THR A 8   . ? 1_555 ? 
3  AC1 13 LEU A 12  ? LEU A 9   . ? 1_555 ? 
4  AC1 13 PHE A 30  ? PHE A 27  . ? 1_555 ? 
5  AC1 13 ASN A 36  ? ASN A 33  . ? 1_555 ? 
6  AC1 13 GLY A 37  ? GLY A 34  . ? 1_555 ? 
7  AC1 13 GLY A 40  ? GLY A 37  . ? 1_555 ? 
8  AC1 13 PHE A 75  ? PHE A 72  . ? 1_555 ? 
9  AC1 13 VAL A 86  ? VAL A 83  . ? 1_555 ? 
10 AC1 13 TRP A 120 ? TRP A 117 . ? 1_555 ? 
11 AC1 13 ASP A 122 ? ASP A 119 . ? 1_555 ? 
12 AC1 13 ASP A 123 ? ASP A 120 . ? 1_555 ? 
13 AC1 13 PHE A 127 ? PHE A 124 . ? 1_555 ? 
# 
_atom_sites.entry_id                    6US2 
_atom_sites.Cartn_transf_matrix[1][1]   ? 
_atom_sites.Cartn_transf_matrix[1][2]   ? 
_atom_sites.Cartn_transf_matrix[1][3]   ? 
_atom_sites.Cartn_transf_matrix[2][1]   ? 
_atom_sites.Cartn_transf_matrix[2][2]   ? 
_atom_sites.Cartn_transf_matrix[2][3]   ? 
_atom_sites.Cartn_transf_matrix[3][1]   ? 
_atom_sites.Cartn_transf_matrix[3][2]   ? 
_atom_sites.Cartn_transf_matrix[3][3]   ? 
_atom_sites.Cartn_transf_vector[1]      ? 
_atom_sites.Cartn_transf_vector[2]      ? 
_atom_sites.Cartn_transf_vector[3]      ? 
_atom_sites.fract_transf_matrix[1][1]   0.02290346 
_atom_sites.fract_transf_matrix[1][2]   -0.01341157 
_atom_sites.fract_transf_matrix[1][3]   -0.00733810 
_atom_sites.fract_transf_matrix[2][1]   -0.00277365 
_atom_sites.fract_transf_matrix[2][2]   -0.01128412 
_atom_sites.fract_transf_matrix[2][3]   0.01196653 
_atom_sites.fract_transf_matrix[3][1]   -0.00794476 
_atom_sites.fract_transf_matrix[3][2]   -0.00828528 
_atom_sites.fract_transf_matrix[3][3]   -0.00965427 
_atom_sites.fract_transf_vector[1]      0.242810 
_atom_sites.fract_transf_vector[2]      0.231857 
_atom_sites.fract_transf_vector[3]      2.204792 
_atom_sites.solution_primary            ? 
_atom_sites.solution_secondary          ? 
_atom_sites.solution_hydrogens          ? 
_atom_sites.special_details             ? 
# 
loop_
_atom_type.symbol 
_atom_type.scat_dispersion_real 
_atom_type.scat_dispersion_imag 
_atom_type.scat_Cromer_Mann_a1 
_atom_type.scat_Cromer_Mann_a2 
_atom_type.scat_Cromer_Mann_b1 
_atom_type.scat_Cromer_Mann_b2 
_atom_type.scat_Cromer_Mann_c 
_atom_type.scat_source 
_atom_type.scat_dispersion_source 
C ? ? 3.54356 2.42580 25.62398 1.50364  0.0 
;2-Gaussian fit: Grosse-Kunstleve RW, Sauter NK, Adams PD: Newsletter of the IUCr Commission on Crystallographic Computing 2004, 3, 22-31.
;
? 
N ? ? 4.01032 2.96436 19.97189 1.75589  0.0 
;2-Gaussian fit: Grosse-Kunstleve RW, Sauter NK, Adams PD: Newsletter of the IUCr Commission on Crystallographic Computing 2004, 3, 22-31.
;
? 
O ? ? 4.49882 3.47563 15.80542 1.70748  0.0 
;2-Gaussian fit: Grosse-Kunstleve RW, Sauter NK, Adams PD: Newsletter of the IUCr Commission on Crystallographic Computing 2004, 3, 22-31.
;
? 
S ? ? 9.55732 6.39887 1.23737  29.19336 0.0 
;2-Gaussian fit: Grosse-Kunstleve RW, Sauter NK, Adams PD: Newsletter of the IUCr Commission on Crystallographic Computing 2004, 3, 22-31.
;
? 
# 
loop_
_atom_site.group_PDB 
_atom_site.id 
_atom_site.type_symbol 
_atom_site.label_atom_id 
_atom_site.label_alt_id 
_atom_site.label_comp_id 
_atom_site.label_asym_id 
_atom_site.label_entity_id 
_atom_site.label_seq_id 
_atom_site.pdbx_PDB_ins_code 
_atom_site.Cartn_x 
_atom_site.Cartn_y 
_atom_site.Cartn_z 
_atom_site.occupancy 
_atom_site.B_iso_or_equiv 
_atom_site.pdbx_formal_charge 
_atom_site.auth_seq_id 
_atom_site.auth_comp_id 
_atom_site.auth_asym_id 
_atom_site.auth_atom_id 
_atom_site.pdbx_PDB_model_num 
ATOM   1    N N   . ALA A 1 6   ? 17.02390  8.84054   9.13864   1.000 25.50000 ? 3   ALA A N   1 
ATOM   2    C CA  . ALA A 1 6   ? 17.29639  7.64929   8.33495   1.000 25.34000 ? 3   ALA A CA  1 
ATOM   3    C C   . ALA A 1 6   ? 15.99788  6.95746   7.92940   1.000 31.54000 ? 3   ALA A C   1 
ATOM   4    O O   . ALA A 1 6   ? 15.92448  5.72728   7.87723   1.000 24.00000 ? 3   ALA A O   1 
ATOM   5    C CB  . ALA A 1 6   ? 18.19613  6.67852   9.09725   1.000 26.96000 ? 3   ALA A CB  1 
ATOM   6    N N   . SER A 1 7   ? 14.96865  7.75072   7.66526   1.000 23.84000 ? 4   SER A N   1 
ATOM   7    C CA  . SER A 1 7   ? 13.70738  7.20903   7.18411   1.000 17.88000 ? 4   SER A CA  1 
ATOM   8    C C   . SER A 1 7   ? 13.28329  7.96406   5.93276   1.000 25.11000 ? 4   SER A C   1 
ATOM   9    O O   . SER A 1 7   ? 13.31078  9.19117   5.90728   1.000 29.16000 ? 4   SER A O   1 
ATOM   10   C CB  . SER A 1 7   ? 12.62322  7.29659   8.25594   1.000 22.20000 ? 4   SER A CB  1 
ATOM   11   O OG  . SER A 1 7   ? 11.99248  8.56327   8.22393   1.000 37.08000 ? 4   SER A OG  1 
ATOM   12   N N   . ARG A 1 8   ? 12.90702  7.22238   4.89806   1.000 13.71000 ? 5   ARG A N   1 
ATOM   13   C CA  . ARG A 1 8   ? 12.53106  7.80420   3.61440   1.000 13.20000 ? 5   ARG A CA  1 
ATOM   14   C C   . ARG A 1 8   ? 11.02414  7.72898   3.43533   1.000 18.36000 ? 5   ARG A C   1 
ATOM   15   O O   . ARG A 1 8   ? 10.41560  6.68963   3.70949   1.000 17.19000 ? 5   ARG A O   1 
ATOM   16   C CB  . ARG A 1 8   ? 13.23369  7.08501   2.46487   1.000 16.62000 ? 5   ARG A CB  1 
ATOM   17   C CG  . ARG A 1 8   ? 12.92488  7.68834   1.08883   1.000 23.40000 ? 5   ARG A CG  1 
ATOM   18   C CD  . ARG A 1 8   ? 14.06945  7.48786   0.11547   1.000 44.46000 ? 5   ARG A CD  1 
ATOM   19   N NE  . ARG A 1 8   ? 13.88955  8.24783   -1.12200  1.000 49.06000 ? 5   ARG A NE  1 
ATOM   20   C CZ  . ARG A 1 8   ? 14.78510  8.29255   -2.10864  1.000 54.74000 ? 5   ARG A CZ  1 
ATOM   21   N NH1 . ARG A 1 8   ? 15.92081  7.61135   -2.00965  1.000 40.90000 ? 5   ARG A NH1 1 
ATOM   22   N NH2 . ARG A 1 8   ? 14.54365  9.01577   -3.19711  1.000 43.53000 ? 5   ARG A NH2 1 
ATOM   23   N N   . LEU A 1 9   ? 10.42262  8.82610   2.98258   1.000 16.12000 ? 6   LEU A N   1 
ATOM   24   C CA  . LEU A 1 9   ? 8.97261   8.87382   2.81275   1.000 12.12000 ? 6   LEU A CA  1 
ATOM   25   C C   . LEU A 1 9   ? 8.46383   8.07866   1.61605   1.000 14.64000 ? 6   LEU A C   1 
ATOM   26   O O   . LEU A 1 9   ? 8.96291   8.22460   0.48662   1.000 15.11000 ? 6   LEU A O   1 
ATOM   27   C CB  . LEU A 1 9   ? 8.49971   10.32097  2.68085   1.000 15.25000 ? 6   LEU A CB  1 
ATOM   28   C CG  . LEU A 1 9   ? 8.55120   11.15643  3.94895   1.000 18.40000 ? 6   LEU A CG  1 
ATOM   29   C CD1 . LEU A 1 9   ? 8.35033   12.62356  3.57137   1.000 22.58000 ? 6   LEU A CD1 1 
ATOM   30   C CD2 . LEU A 1 9   ? 7.48676   10.69089  4.92614   1.000 21.18000 ? 6   LEU A CD2 1 
ATOM   31   N N   . TYR A 1 10  ? 7.44356   7.26145   1.86904   1.000 11.24000 ? 7   TYR A N   1 
ATOM   32   C CA  . TYR A 1 10  ? 6.73534   6.53318   0.81324   1.000 12.17000 ? 7   TYR A CA  1 
ATOM   33   C C   . TYR A 1 10  ? 5.23587   6.71884   0.98366   1.000 12.72000 ? 7   TYR A C   1 
ATOM   34   O O   . TYR A 1 10  ? 4.75639   7.06461   2.07115   1.000 13.88000 ? 7   TYR A O   1 
ATOM   35   C CB  . TYR A 1 10  ? 7.03585   5.03472   0.84984   1.000 11.70000 ? 7   TYR A CB  1 
ATOM   36   C CG  . TYR A 1 10  ? 8.44432   4.65922   0.49465   1.000 10.42000 ? 7   TYR A CG  1 
ATOM   37   C CD1 . TYR A 1 10  ? 9.43733   4.67958   1.45908   1.000 17.12000 ? 7   TYR A CD1 1 
ATOM   38   C CD2 . TYR A 1 10  ? 8.77302   4.24494   -0.78439  1.000 8.99000  ? 7   TYR A CD2 1 
ATOM   39   C CE1 . TYR A 1 10  ? 10.74187  4.32898   1.16183   1.000 19.44000 ? 7   TYR A CE1 1 
ATOM   40   C CE2 . TYR A 1 10  ? 10.09752  3.89426   -1.09800  1.000 16.04000 ? 7   TYR A CE2 1 
ATOM   41   C CZ  . TYR A 1 10  ? 11.06405  3.94185   -0.11961  1.000 17.28000 ? 7   TYR A CZ  1 
ATOM   42   O OH  . TYR A 1 10  ? 12.37429  3.60079   -0.39400  1.000 16.45000 ? 7   TYR A OH  1 
ATOM   43   N N   . THR A 1 11  ? 4.49853   6.46838   -0.08691  1.000 12.81000 ? 8   THR A N   1 
ATOM   44   C CA  . THR A 1 11  ? 3.04335   6.38790   -0.00108  1.000 13.54000 ? 8   THR A CA  1 
ATOM   45   C C   . THR A 1 11  ? 2.59858   5.00169   -0.43561  1.000 14.01000 ? 8   THR A C   1 
ATOM   46   O O   . THR A 1 11  ? 3.34546   4.29393   -1.12643  1.000 11.09000 ? 8   THR A O   1 
ATOM   47   C CB  . THR A 1 11  ? 2.34959   7.41790   -0.89673  1.000 19.75000 ? 8   THR A CB  1 
ATOM   48   O OG1 . THR A 1 11  ? 2.73072   7.17897   -2.25753  1.000 17.23000 ? 8   THR A OG1 1 
ATOM   49   C CG2 . THR A 1 11  ? 2.71927   8.83370   -0.48795  1.000 12.57000 ? 8   THR A CG2 1 
ATOM   50   N N   . LEU A 1 12  ? 1.37590   4.63552   -0.05512  1.000 10.88000 ? 9   LEU A N   1 
ATOM   51   C CA  . LEU A 1 12  ? 0.75418   3.39127   -0.47207  1.000 12.73000 ? 9   LEU A CA  1 
ATOM   52   C C   . LEU A 1 12  ? -0.75762  3.61273   -0.49934  1.000 10.99000 ? 9   LEU A C   1 
ATOM   53   O O   . LEU A 1 12  ? -1.34267  4.01531   0.51131   1.000 13.59000 ? 9   LEU A O   1 
ATOM   54   C CB  . LEU A 1 12  ? 1.13840   2.24483   0.48459   1.000 12.38000 ? 9   LEU A CB  1 
ATOM   55   C CG  . LEU A 1 12  ? 0.61810   0.85299   0.12482   1.000 12.55000 ? 9   LEU A CG  1 
ATOM   56   C CD1 . LEU A 1 12  ? 1.23513   0.34070   -1.17842  1.000 11.68000 ? 9   LEU A CD1 1 
ATOM   57   C CD2 . LEU A 1 12  ? 0.84618   -0.13943  1.26578   1.000 14.49000 ? 9   LEU A CD2 1 
ATOM   58   N N   . VAL A 1 13  ? -1.37608  3.38807   -1.65882  1.000 8.03000  ? 10  VAL A N   1 
ATOM   59   C CA  . VAL A 1 13  ? -2.80763  3.64383   -1.86235  1.000 12.56000 ? 10  VAL A CA  1 
ATOM   60   C C   . VAL A 1 13  ? -3.59310  2.34792   -2.09555  1.000 13.94000 ? 10  VAL A C   1 
ATOM   61   O O   . VAL A 1 13  ? -3.25451  1.54181   -2.97655  1.000 13.98000 ? 10  VAL A O   1 
ATOM   62   C CB  . VAL A 1 13  ? -3.04944  4.59647   -3.06353  1.000 12.89000 ? 10  VAL A CB  1 
ATOM   63   C CG1 . VAL A 1 13  ? -4.55726  4.78922   -3.31489  1.000 10.80000 ? 10  VAL A CG1 1 
ATOM   64   C CG2 . VAL A 1 13  ? -2.37000  5.95409   -2.81622  1.000 15.54000 ? 10  VAL A CG2 1 
ATOM   65   N N   . LEU A 1 14  ? -4.63524  2.13900   -1.29635  1.000 8.46000  ? 11  LEU A N   1 
ATOM   66   C CA  . LEU A 1 14  ? -5.51542  1.00739   -1.50251  1.000 12.62000 ? 11  LEU A CA  1 
ATOM   67   C C   . LEU A 1 14  ? -6.83924  1.51764   -2.04883  1.000 13.17000 ? 11  LEU A C   1 
ATOM   68   O O   . LEU A 1 14  ? -7.50745  2.34452   -1.42399  1.000 15.03000 ? 11  LEU A O   1 
ATOM   69   C CB  . LEU A 1 14  ? -5.75211  0.21720   -0.21166  1.000 11.46000 ? 11  LEU A CB  1 
ATOM   70   C CG  . LEU A 1 14  ? -4.64485  -0.73476  0.25963   1.000 12.67000 ? 11  LEU A CG  1 
ATOM   71   C CD1 . LEU A 1 14  ? -4.25524  -1.68903  -0.85935  1.000 12.89000 ? 11  LEU A CD1 1 
ATOM   72   C CD2 . LEU A 1 14  ? -3.46997  0.05885   0.71996   1.000 15.84000 ? 11  LEU A CD2 1 
ATOM   73   N N   . VAL A 1 15  ? -7.22682  1.01556   -3.21149  1.000 11.18000 ? 12  VAL A N   1 
ATOM   74   C CA  . VAL A 1 15  ? -8.52645  1.36766   -3.76474  1.000 11.40000 ? 12  VAL A CA  1 
ATOM   75   C C   . VAL A 1 15  ? -9.52930  0.37431   -3.21801  1.000 14.87000 ? 12  VAL A C   1 
ATOM   76   O O   . VAL A 1 15  ? -9.56134  -0.78649  -3.63564  1.000 14.27000 ? 12  VAL A O   1 
ATOM   77   C CB  . VAL A 1 15  ? -8.51161  1.34624   -5.29665  1.000 11.66000 ? 12  VAL A CB  1 
ATOM   78   C CG1 . VAL A 1 15  ? -9.85482  1.79127   -5.85183  1.000 19.57000 ? 12  VAL A CG1 1 
ATOM   79   C CG2 . VAL A 1 15  ? -7.41429  2.25461   -5.79847  1.000 16.02000 ? 12  VAL A CG2 1 
ATOM   80   N N   . LEU A 1 16  ? -10.32647 0.82622   -2.26157  1.000 13.91000 ? 13  LEU A N   1 
ATOM   81   C CA  . LEU A 1 16  ? -11.17274 -0.07241  -1.49306  1.000 16.82000 ? 13  LEU A CA  1 
ATOM   82   C C   . LEU A 1 16  ? -12.62494 0.33833   -1.62773  1.000 22.73000 ? 13  LEU A C   1 
ATOM   83   O O   . LEU A 1 16  ? -13.02458 1.41921   -1.19176  1.000 21.86000 ? 13  LEU A O   1 
ATOM   84   C CB  . LEU A 1 16  ? -10.74203 -0.09553  -0.02393  1.000 18.63000 ? 13  LEU A CB  1 
ATOM   85   C CG  . LEU A 1 16  ? -11.62555 -0.85979  0.96441   1.000 15.08000 ? 13  LEU A CG  1 
ATOM   86   C CD1 . LEU A 1 16  ? -11.70880 -2.32145  0.56902   1.000 20.55000 ? 13  LEU A CD1 1 
ATOM   87   C CD2 . LEU A 1 16  ? -11.08874 -0.73690  2.39650   1.000 17.47000 ? 13  LEU A CD2 1 
ATOM   88   N N   . GLN A 1 17  ? -13.40065 -0.53066  -2.26176  1.000 18.02000 ? 14  GLN A N   1 
ATOM   89   C CA  . GLN A 1 17  ? -14.82235 -0.30541  -2.48761  1.000 16.47000 ? 14  GLN A CA  1 
ATOM   90   C C   . GLN A 1 17  ? -15.62126 -1.21977  -1.56126  1.000 23.96000 ? 14  GLN A C   1 
ATOM   91   O O   . GLN A 1 17  ? -15.02650 -2.05075  -0.87303  1.000 21.28000 ? 14  GLN A O   1 
ATOM   92   C CB  . GLN A 1 17  ? -15.14502 -0.54978  -3.96370  1.000 20.17000 ? 14  GLN A CB  1 
ATOM   93   C CG  . GLN A 1 17  ? -14.35653 0.36931   -4.88242  1.000 21.03000 ? 14  GLN A CG  1 
ATOM   94   C CD  . GLN A 1 17  ? -14.71962 0.21312   -6.34188  1.000 18.40000 ? 14  GLN A CD  1 
ATOM   95   O OE1 . GLN A 1 17  ? -15.06939 -0.86675  -6.79588  1.000 21.46000 ? 14  GLN A OE1 1 
ATOM   96   N NE2 . GLN A 1 17  ? -14.64557 1.30506   -7.08202  1.000 25.93000 ? 14  GLN A NE2 1 
ATOM   97   N N   . PRO A 1 18  ? -16.95947 -1.05838  -1.50737  1.000 20.25000 ? 15  PRO A N   1 
ATOM   98   C CA  . PRO A 1 18  ? -17.70340 -1.84436  -0.51273  1.000 23.03000 ? 15  PRO A CA  1 
ATOM   99   C C   . PRO A 1 18  ? -17.48459 -3.36147  -0.55447  1.000 28.82000 ? 15  PRO A C   1 
ATOM   100  O O   . PRO A 1 18  ? -17.44716 -3.95459  0.51878   1.000 22.81000 ? 15  PRO A O   1 
ATOM   101  C CB  . PRO A 1 18  ? -19.16024 -1.49899  -0.83139  1.000 28.65000 ? 15  PRO A CB  1 
ATOM   102  C CG  . PRO A 1 18  ? -19.08292 -0.08744  -1.28610  1.000 27.88000 ? 15  PRO A CG  1 
ATOM   103  C CD  . PRO A 1 18  ? -17.80615 -0.00409  -2.09915  1.000 24.25000 ? 15  PRO A CD  1 
ATOM   104  N N   . GLN A 1 19  ? -17.32377 -3.98012  -1.72503  1.000 23.63000 ? 16  GLN A N   1 
ATOM   105  C CA  . GLN A 1 19  ? -17.18654 -5.43880  -1.75289  1.000 20.42000 ? 16  GLN A CA  1 
ATOM   106  C C   . GLN A 1 19  ? -15.91443 -5.94977  -2.42494  1.000 21.59000 ? 16  GLN A C   1 
ATOM   107  O O   . GLN A 1 19  ? -15.73648 -7.15755  -2.59287  1.000 16.56000 ? 16  GLN A O   1 
ATOM   108  C CB  . GLN A 1 19  ? -18.40073 -6.06765  -2.44192  1.000 23.96000 ? 16  GLN A CB  1 
ATOM   109  C CG  . GLN A 1 19  ? -19.72312 -5.85509  -1.71166  1.000 40.28000 ? 16  GLN A CG  1 
ATOM   110  C CD  . GLN A 1 19  ? -19.90048 -6.77194  -0.50698  1.000 46.53000 ? 16  GLN A CD  1 
ATOM   111  O OE1 . GLN A 1 19  ? -18.94678 -7.39146  -0.02683  1.000 49.34000 ? 16  GLN A OE1 1 
ATOM   112  N NE2 . GLN A 1 19  ? -21.13232 -6.86508  -0.01613  1.000 57.57000 ? 16  GLN A NE2 1 
ATOM   113  N N   . ARG A 1 20  ? -15.01517 -5.04483  -2.79191  1.000 16.88000 ? 17  ARG A N   1 
ATOM   114  C CA  . ARG A 1 20  ? -13.79811 -5.47440  -3.45432  1.000 11.61000 ? 17  ARG A CA  1 
ATOM   115  C C   . ARG A 1 20  ? -12.65765 -4.49303  -3.26817  1.000 16.20000 ? 17  ARG A C   1 
ATOM   116  O O   . ARG A 1 20  ? -12.87749 -3.30312  -3.00692  1.000 14.00000 ? 17  ARG A O   1 
ATOM   117  C CB  . ARG A 1 20  ? -14.05882 -5.67591  -4.94671  1.000 17.44000 ? 17  ARG A CB  1 
ATOM   118  C CG  . ARG A 1 20  ? -14.43669 -4.39693  -5.64170  1.000 13.13000 ? 17  ARG A CG  1 
ATOM   119  C CD  . ARG A 1 20  ? -14.83760 -4.62914  -7.08404  1.000 17.65000 ? 17  ARG A CD  1 
ATOM   120  N NE  . ARG A 1 20  ? -15.00881 -3.34770  -7.75390  1.000 21.06000 ? 17  ARG A NE  1 
ATOM   121  C CZ  . ARG A 1 20  ? -15.15968 -3.19369  -9.06540  1.000 20.91000 ? 17  ARG A CZ  1 
ATOM   122  N NH1 . ARG A 1 20  ? -15.14990 -4.25097  -9.87196  1.000 20.65000 ? 17  ARG A NH1 1 
ATOM   123  N NH2 . ARG A 1 20  ? -15.30100 -1.97749  -9.56405  1.000 22.99000 ? 17  ARG A NH2 1 
ATOM   124  N N   . VAL A 1 21  ? -11.43969 -5.00030  -3.44051  1.000 11.28000 ? 18  VAL A N   1 
ATOM   125  C CA  . VAL A 1 21  ? -10.24226 -4.17218  -3.38567  1.000 15.65000 ? 18  VAL A CA  1 
ATOM   126  C C   . VAL A 1 21  ? -9.41369  -4.40016  -4.65334  1.000 12.35000 ? 18  VAL A C   1 
ATOM   127  O O   . VAL A 1 21  ? -9.38182  -5.50917  -5.19132  1.000 13.50000 ? 18  VAL A O   1 
ATOM   128  C CB  . VAL A 1 21  ? -9.40814  -4.47622  -2.09909  1.000 17.63000 ? 18  VAL A CB  1 
ATOM   129  C CG1 . VAL A 1 21  ? -8.89099  -5.91261  -2.08896  1.000 12.46000 ? 18  VAL A CG1 1 
ATOM   130  C CG2 . VAL A 1 21  ? -8.25645  -3.47750  -1.92464  1.000 15.30000 ? 18  VAL A CG2 1 
ATOM   131  N N   . LEU A 1 22  ? -8.77348  -3.33723  -5.13070  1.000 11.66000 ? 19  LEU A N   1 
ATOM   132  C CA  . LEU A 1 22  ? -7.87979  -3.39696  -6.28874  1.000 11.23000 ? 19  LEU A CA  1 
ATOM   133  C C   . LEU A 1 22  ? -6.43319  -3.59169  -5.83459  1.000 13.05000 ? 19  LEU A C   1 
ATOM   134  O O   . LEU A 1 22  ? -5.94135  -2.87401  -4.97693  1.000 14.97000 ? 19  LEU A O   1 
ATOM   135  C CB  . LEU A 1 22  ? -8.00039  -2.12207  -7.11892  1.000 12.50000 ? 19  LEU A CB  1 
ATOM   136  C CG  . LEU A 1 22  ? -7.28764  -2.14787  -8.48344  1.000 17.17000 ? 19  LEU A CG  1 
ATOM   137  C CD1 . LEU A 1 22  ? -7.99172  -3.08253  -9.46806  1.000 12.24000 ? 19  LEU A CD1 1 
ATOM   138  C CD2 . LEU A 1 22  ? -7.16799  -0.73423  -9.04624  1.000 14.66000 ? 19  LEU A CD2 1 
ATOM   139  N N   . LEU A 1 23  ? -5.75618  -4.58317  -6.39377  1.000 6.91000  ? 20  LEU A N   1 
ATOM   140  C CA  . LEU A 1 23  ? -4.35538  -4.78966  -6.07981  1.000 8.70000  ? 20  LEU A CA  1 
ATOM   141  C C   . LEU A 1 23  ? -3.61570  -4.95134  -7.39338  1.000 12.14000 ? 20  LEU A C   1 
ATOM   142  O O   . LEU A 1 23  ? -4.20739  -5.33298  -8.40754  1.000 16.75000 ? 20  LEU A O   1 
ATOM   143  C CB  . LEU A 1 23  ? -4.17290  -6.02607  -5.19064  1.000 9.38000  ? 20  LEU A CB  1 
ATOM   144  C CG  . LEU A 1 23  ? -4.84125  -5.94101  -3.82964  1.000 8.70000  ? 20  LEU A CG  1 
ATOM   145  C CD1 . LEU A 1 23  ? -4.93324  -7.33815  -3.19189  1.000 9.98000  ? 20  LEU A CD1 1 
ATOM   146  C CD2 . LEU A 1 23  ? -4.02985  -4.96971  -2.97099  1.000 12.84000 ? 20  LEU A CD2 1 
ATOM   147  N N   . GLY A 1 24  ? -2.32125  -4.68529  -7.38190  1.000 14.50000 ? 21  GLY A N   1 
ATOM   148  C CA  . GLY A 1 24  ? -1.55463  -4.76164  -8.60598  1.000 15.04000 ? 21  GLY A CA  1 
ATOM   149  C C   . GLY A 1 24  ? -0.44245  -5.76946  -8.49008  1.000 14.96000 ? 21  GLY A C   1 
ATOM   150  O O   . GLY A 1 24  ? 0.35806   -5.71170  -7.55313  1.000 14.68000 ? 21  GLY A O   1 
ATOM   151  N N   . MET A 1 25  ? -0.40772  -6.71333  -9.42226  1.000 13.85000 ? 22  MET A N   1 
ATOM   152  C CA  A MET A 1 25  ? 0.66860   -7.68556  -9.47208  0.570 13.42000 ? 22  MET A CA  1 
ATOM   153  C CA  B MET A 1 25  ? 0.67818   -7.68451  -9.45911  0.430 13.42000 ? 22  MET A CA  1 
ATOM   154  C C   . MET A 1 25  ? 1.90625   -7.03413  -10.08329 1.000 20.86000 ? 22  MET A C   1 
ATOM   155  O O   . MET A 1 25  ? 1.88806   -6.64798  -11.25109 1.000 13.52000 ? 22  MET A O   1 
ATOM   156  C CB  A MET A 1 25  ? 0.22981   -8.91410  -10.27367 0.570 13.63000 ? 22  MET A CB  1 
ATOM   157  C CB  B MET A 1 25  ? 0.26311   -8.94349  -10.23234 0.430 13.64000 ? 22  MET A CB  1 
ATOM   158  C CG  A MET A 1 25  ? 1.34765   -9.85916  -10.64508 0.570 15.83000 ? 22  MET A CG  1 
ATOM   159  C CG  B MET A 1 25  ? 1.41302   -9.86099  -10.65536 0.430 15.84000 ? 22  MET A CG  1 
ATOM   160  S SD  A MET A 1 25  ? 2.25526   -10.48315 -9.22362  0.570 17.96000 ? 22  MET A SD  1 
ATOM   161  S SD  B MET A 1 25  ? 2.40154   -10.56406 -9.31340  0.430 17.98000 ? 22  MET A SD  1 
ATOM   162  C CE  A MET A 1 25  ? 3.27222   -11.69230 -10.03888 0.570 6.77000  ? 22  MET A CE  1 
ATOM   163  C CE  B MET A 1 25  ? 1.13316   -11.32703 -8.30153  0.430 9.98000  ? 22  MET A CE  1 
ATOM   164  N N   . LYS A 1 26  ? 2.96660   -6.89663  -9.28412  1.000 17.49000 ? 23  LYS A N   1 
ATOM   165  C CA  . LYS A 1 26  ? 4.21332   -6.27181  -9.72459  1.000 19.91000 ? 23  LYS A CA  1 
ATOM   166  C C   . LYS A 1 26  ? 5.05682   -7.26957  -10.52569 1.000 15.40000 ? 23  LYS A C   1 
ATOM   167  O O   . LYS A 1 26  ? 5.31534   -8.38545  -10.06977 1.000 15.47000 ? 23  LYS A O   1 
ATOM   168  C CB  . LYS A 1 26  ? 4.99856   -5.74954  -8.51344  1.000 14.70000 ? 23  LYS A CB  1 
ATOM   169  C CG  . LYS A 1 26  ? 6.12901   -4.79878  -8.85052  1.000 30.91000 ? 23  LYS A CG  1 
ATOM   170  C CD  . LYS A 1 26  ? 5.60025   -3.43475  -9.26751  1.000 35.17000 ? 23  LYS A CD  1 
ATOM   171  C CE  . LYS A 1 26  ? 6.69199   -2.38463  -9.20903  1.000 36.09000 ? 23  LYS A CE  1 
ATOM   172  N NZ  . LYS A 1 26  ? 7.21875   -2.16044  -7.82454  1.000 34.86000 ? 23  LYS A NZ  1 
ATOM   173  N N   . LYS A 1 27  ? 5.48394   -6.86936  -11.71779 1.000 16.31000 ? 24  LYS A N   1 
ATOM   174  C CA  . LYS A 1 27  ? 6.16337   -7.78932  -12.62155 1.000 22.88000 ? 24  LYS A CA  1 
ATOM   175  C C   . LYS A 1 27  ? 7.67217   -7.80385  -12.41517 1.000 21.23000 ? 24  LYS A C   1 
ATOM   176  O O   . LYS A 1 27  ? 8.30956   -8.83876  -12.55336 1.000 25.84000 ? 24  LYS A O   1 
ATOM   177  C CB  . LYS A 1 27  ? 5.82510   -7.43893  -14.07010 1.000 17.78000 ? 24  LYS A CB  1 
ATOM   178  C CG  . LYS A 1 27  ? 4.32915   -7.60840  -14.34665 1.000 22.31000 ? 24  LYS A CG  1 
ATOM   179  C CD  . LYS A 1 27  ? 3.98838   -7.42995  -15.82269 1.000 26.41000 ? 24  LYS A CD  1 
ATOM   180  C CE  . LYS A 1 27  ? 2.48991   -7.22509  -16.01447 1.000 18.86000 ? 24  LYS A CE  1 
ATOM   181  N NZ  . LYS A 1 27  ? 2.15950   -7.01467  -17.45657 1.000 24.61000 ? 24  LYS A NZ  1 
ATOM   182  N N   . ARG A 1 28  ? 8.23306   -6.65427  -12.07511 1.000 16.17000 ? 25  ARG A N   1 
ATOM   183  C CA  . ARG A 1 28  ? 9.67182   -6.54801  -11.87281 1.000 30.79000 ? 25  ARG A CA  1 
ATOM   184  C C   . ARG A 1 28  ? 9.95753   -5.57903  -10.72560 1.000 28.16000 ? 25  ARG A C   1 
ATOM   185  O O   . ARG A 1 28  ? 9.11212   -4.77210  -10.36973 1.000 26.38000 ? 25  ARG A O   1 
ATOM   186  C CB  . ARG A 1 28  ? 10.36183  -6.08063  -13.16644 1.000 31.05000 ? 25  ARG A CB  1 
ATOM   187  C CG  . ARG A 1 28  ? 11.86794  -5.93113  -13.03182 1.000 47.19000 ? 25  ARG A CG  1 
ATOM   188  C CD  . ARG A 1 28  ? 12.46370  -7.29896  -12.71022 1.000 57.79000 ? 25  ARG A CD  1 
ATOM   189  N NE  . ARG A 1 28  ? 13.91136  -7.29807  -12.47141 1.000 63.88000 ? 25  ARG A NE  1 
ATOM   190  C CZ  . ARG A 1 28  ? 14.47086  -7.08545  -11.28260 1.000 63.46000 ? 25  ARG A CZ  1 
ATOM   191  N NH1 . ARG A 1 28  ? 13.72439  -6.83972  -10.21891 1.000 56.41000 ? 25  ARG A NH1 1 
ATOM   192  N NH2 . ARG A 1 28  ? 15.78033  -7.11389  -11.15505 1.000 70.07000 ? 25  ARG A NH2 1 
ATOM   193  N N   . GLY A 1 29  ? 11.14870  -5.66062  -10.14592 1.000 30.77000 ? 26  GLY A N   1 
ATOM   194  C CA  . GLY A 1 29  ? 11.58166  -4.67415  -9.17529  1.000 27.37000 ? 26  GLY A CA  1 
ATOM   195  C C   . GLY A 1 29  ? 11.02061  -4.94315  -7.79293  1.000 23.47000 ? 26  GLY A C   1 
ATOM   196  O O   . GLY A 1 29  ? 10.69409  -6.07460  -7.44965  1.000 27.07000 ? 26  GLY A O   1 
ATOM   197  N N   . PHE A 1 30  ? 10.91963  -3.88850  -6.99606  1.000 22.74000 ? 27  PHE A N   1 
ATOM   198  C CA  . PHE A 1 30  ? 10.48848  -4.01785  -5.61361  1.000 27.17000 ? 27  PHE A CA  1 
ATOM   199  C C   . PHE A 1 30  ? 9.05913   -4.52505  -5.56036  1.000 19.18000 ? 27  PHE A C   1 
ATOM   200  O O   . PHE A 1 30  ? 8.17260   -3.93323  -6.16678  1.000 25.54000 ? 27  PHE A O   1 
ATOM   201  C CB  . PHE A 1 30  ? 10.60454  -2.67980  -4.89367  1.000 24.42000 ? 27  PHE A CB  1 
ATOM   202  C CG  . PHE A 1 30  ? 10.27425  -2.74972  -3.44015  1.000 28.94000 ? 27  PHE A CG  1 
ATOM   203  C CD1 . PHE A 1 30  ? 11.20450  -3.22690  -2.53152  1.000 26.12000 ? 27  PHE A CD1 1 
ATOM   204  C CD2 . PHE A 1 30  ? 9.03597   -2.34391  -2.98069  1.000 23.25000 ? 27  PHE A CD2 1 
ATOM   205  C CE1 . PHE A 1 30  ? 10.91500  -3.29754  -1.19329  1.000 22.22000 ? 27  PHE A CE1 1 
ATOM   206  C CE2 . PHE A 1 30  ? 8.73780   -2.40748  -1.63363  1.000 28.87000 ? 27  PHE A CE2 1 
ATOM   207  C CZ  . PHE A 1 30  ? 9.68538   -2.88157  -0.74036  1.000 19.78000 ? 27  PHE A CZ  1 
ATOM   208  N N   . GLY A 1 31  ? 8.84616   -5.63231  -4.85433  1.000 17.08000 ? 28  GLY A N   1 
ATOM   209  C CA  . GLY A 1 31  ? 7.51764   -6.20308  -4.71919  1.000 16.40000 ? 28  GLY A CA  1 
ATOM   210  C C   . GLY A 1 31  ? 7.10454   -7.15104  -5.83708  1.000 17.21000 ? 28  GLY A C   1 
ATOM   211  O O   . GLY A 1 31  ? 5.95479   -7.59814  -5.87284  1.000 16.92000 ? 28  GLY A O   1 
ATOM   212  N N   . ALA A 1 32  ? 8.02611   -7.46312  -6.74712  1.000 18.93000 ? 29  ALA A N   1 
ATOM   213  C CA  . ALA A 1 32  ? 7.68945   -8.29638  -7.90361  1.000 19.28000 ? 29  ALA A CA  1 
ATOM   214  C C   . ALA A 1 32  ? 7.21125   -9.66208  -7.44422  1.000 15.91000 ? 29  ALA A C   1 
ATOM   215  O O   . ALA A 1 32  ? 7.72099   -10.22280 -6.47207  1.000 18.27000 ? 29  ALA A O   1 
ATOM   216  C CB  . ALA A 1 32  ? 8.88686   -8.43714  -8.84743  1.000 19.86000 ? 29  ALA A CB  1 
ATOM   217  N N   . GLY A 1 33  ? 6.19331   -10.18420 -8.10978  1.000 15.40000 ? 30  GLY A N   1 
ATOM   218  C CA  . GLY A 1 33  ? 5.70893   -11.50803 -7.78378  1.000 14.03000 ? 30  GLY A CA  1 
ATOM   219  C C   . GLY A 1 33  ? 4.57593   -11.48440 -6.77380  1.000 23.07000 ? 30  GLY A C   1 
ATOM   220  O O   . GLY A 1 33  ? 3.98897   -12.51100 -6.46310  1.000 24.70000 ? 30  GLY A O   1 
ATOM   221  N N   . ARG A 1 34  ? 4.26497   -10.29769 -6.27324  1.000 16.10000 ? 31  ARG A N   1 
ATOM   222  C CA  . ARG A 1 34  ? 3.27320   -10.14091 -5.22344  1.000 13.88000 ? 31  ARG A CA  1 
ATOM   223  C C   . ARG A 1 34  ? 2.20659   -9.17108  -5.66428  1.000 12.19000 ? 31  ARG A C   1 
ATOM   224  O O   . ARG A 1 34  ? 2.44125   -8.35938  -6.56175  1.000 11.47000 ? 31  ARG A O   1 
ATOM   225  C CB  . ARG A 1 34  ? 3.93370   -9.64162  -3.93186  1.000 13.87000 ? 31  ARG A CB  1 
ATOM   226  C CG  . ARG A 1 34  ? 4.66896   -10.74854 -3.19390  1.000 17.76000 ? 31  ARG A CG  1 
ATOM   227  C CD  . ARG A 1 34  ? 5.49167   -10.21451 -2.02989  1.000 16.46000 ? 31  ARG A CD  1 
ATOM   228  N NE  . ARG A 1 34  ? 5.78782   -11.29757 -1.09243  1.000 24.26000 ? 31  ARG A NE  1 
ATOM   229  C CZ  . ARG A 1 34  ? 6.70065   -11.23917 -0.12884  1.000 16.45000 ? 31  ARG A CZ  1 
ATOM   230  N NH1 . ARG A 1 34  ? 7.42480   -10.14690 0.03751   1.000 18.58000 ? 31  ARG A NH1 1 
ATOM   231  N NH2 . ARG A 1 34  ? 6.88546   -12.28886 0.66653   1.000 23.93000 ? 31  ARG A NH2 1 
ATOM   232  N N   . TRP A 1 35  ? 1.03776   -9.28003  -5.04548  1.000 10.80000 ? 32  TRP A N   1 
ATOM   233  C CA  . TRP A 1 35  ? -0.02616  -8.29981  -5.19295  1.000 11.15000 ? 32  TRP A CA  1 
ATOM   234  C C   . TRP A 1 35  ? 0.24755   -7.17408  -4.20457  1.000 10.74000 ? 32  TRP A C   1 
ATOM   235  O O   . TRP A 1 35  ? 0.44764   -7.42927  -3.01609  1.000 16.87000 ? 32  TRP A O   1 
ATOM   236  C CB  . TRP A 1 35  ? -1.40268  -8.93361  -4.96110  1.000 12.48000 ? 32  TRP A CB  1 
ATOM   237  C CG  . TRP A 1 35  ? -1.72349  -10.03230 -5.94325  1.000 15.56000 ? 32  TRP A CG  1 
ATOM   238  C CD1 . TRP A 1 35  ? -1.52820  -11.37243 -5.76641  1.000 12.95000 ? 32  TRP A CD1 1 
ATOM   239  C CD2 . TRP A 1 35  ? -2.28676  -9.87901  -7.25345  1.000 11.44000 ? 32  TRP A CD2 1 
ATOM   240  N NE1 . TRP A 1 35  ? -1.93997  -12.06843 -6.89033  1.000 12.13000 ? 32  TRP A NE1 1 
ATOM   241  C CE2 . TRP A 1 35  ? -2.39959  -11.17132 -7.81800  1.000 12.84000 ? 32  TRP A CE2 1 
ATOM   242  C CE3 . TRP A 1 35  ? -2.70587  -8.77941  -8.00448  1.000 12.83000 ? 32  TRP A CE3 1 
ATOM   243  C CZ2 . TRP A 1 35  ? -2.92641  -11.38659 -9.09513  1.000 14.00000 ? 32  TRP A CZ2 1 
ATOM   244  C CZ3 . TRP A 1 35  ? -3.20927  -8.99313  -9.27890  1.000 14.63000 ? 32  TRP A CZ3 1 
ATOM   245  C CH2 . TRP A 1 35  ? -3.31940  -10.28808 -9.80768  1.000 12.97000 ? 32  TRP A CH2 1 
ATOM   246  N N   . ASN A 1 36  ? 0.29000   -5.94831  -4.72129  1.000 11.12000 ? 33  ASN A N   1 
ATOM   247  C CA  . ASN A 1 36  ? 0.63056   -4.73878  -3.97014  1.000 14.05000 ? 33  ASN A CA  1 
ATOM   248  C C   . ASN A 1 36  ? -0.46233  -3.67079  -4.09452  1.000 7.78000  ? 33  ASN A C   1 
ATOM   249  O O   . ASN A 1 36  ? -1.22271  -3.63352  -5.07613  1.000 11.19000 ? 33  ASN A O   1 
ATOM   250  C CB  . ASN A 1 36  ? 1.95323   -4.11528  -4.47509  1.000 13.55000 ? 33  ASN A CB  1 
ATOM   251  C CG  . ASN A 1 36  ? 3.15699   -5.03866  -4.32525  1.000 16.98000 ? 33  ASN A CG  1 
ATOM   252  O OD1 . ASN A 1 36  ? 3.93667   -4.90816  -3.37610  1.000 15.24000 ? 33  ASN A OD1 1 
ATOM   253  N ND2 . ASN A 1 36  ? 3.32594   -5.96670  -5.27272  1.000 15.90000 ? 33  ASN A ND2 1 
ATOM   254  N N   . GLY A 1 37  ? -0.52690  -2.77328  -3.11819  1.000 10.73000 ? 34  GLY A N   1 
ATOM   255  C CA  . GLY A 1 37  ? -1.25167  -1.53516  -3.32020  1.000 10.50000 ? 34  GLY A CA  1 
ATOM   256  C C   . GLY A 1 37  ? -0.36724  -0.66852  -4.20761  1.000 18.35000 ? 34  GLY A C   1 
ATOM   257  O O   . GLY A 1 37  ? 0.68102   -1.11715  -4.67901  1.000 10.57000 ? 34  GLY A O   1 
ATOM   258  N N   . PHE A 1 38  ? -0.76107  0.57749   -4.42305  1.000 10.83000 ? 35  PHE A N   1 
ATOM   259  C CA  . PHE A 1 38  ? -0.04583  1.42104   -5.37980  1.000 12.44000 ? 35  PHE A CA  1 
ATOM   260  C C   . PHE A 1 38  ? 0.69635   2.53976   -4.68393  1.000 12.76000 ? 35  PHE A C   1 
ATOM   261  O O   . PHE A 1 38  ? 0.07868   3.38908   -4.06245  1.000 11.49000 ? 35  PHE A O   1 
ATOM   262  C CB  . PHE A 1 38  ? -1.02814  1.99178   -6.40046  1.000 12.56000 ? 35  PHE A CB  1 
ATOM   263  C CG  . PHE A 1 38  ? -1.78159  0.93987   -7.13352  1.000 13.79000 ? 35  PHE A CG  1 
ATOM   264  C CD1 . PHE A 1 38  ? -1.19141  0.26958   -8.19053  1.000 16.90000 ? 35  PHE A CD1 1 
ATOM   265  C CD2 . PHE A 1 38  ? -3.05460  0.58104   -6.73966  1.000 18.37000 ? 35  PHE A CD2 1 
ATOM   266  C CE1 . PHE A 1 38  ? -1.87578  -0.72403  -8.85957  1.000 17.32000 ? 35  PHE A CE1 1 
ATOM   267  C CE2 . PHE A 1 38  ? -3.73567  -0.40743  -7.40030  1.000 18.98000 ? 35  PHE A CE2 1 
ATOM   268  C CZ  . PHE A 1 38  ? -3.14447  -1.06385  -8.46072  1.000 18.29000 ? 35  PHE A CZ  1 
ATOM   269  N N   . GLY A 1 39  ? 2.01872   2.55055   -4.79796  1.000 13.94000 ? 36  GLY A N   1 
ATOM   270  C CA  . GLY A 1 39  ? 2.79600   3.54751   -4.07774  1.000 21.08000 ? 36  GLY A CA  1 
ATOM   271  C C   . GLY A 1 39  ? 4.22654   3.70520   -4.54670  1.000 15.78000 ? 36  GLY A C   1 
ATOM   272  O O   . GLY A 1 39  ? 4.66484   3.03820   -5.49085  1.000 13.55000 ? 36  GLY A O   1 
ATOM   273  N N   . GLY A 1 40  ? 4.95409   4.58994   -3.87413  1.000 16.19000 ? 37  GLY A N   1 
ATOM   274  C CA  . GLY A 1 40  ? 6.35107   4.84412   -4.17765  1.000 11.07000 ? 37  GLY A CA  1 
ATOM   275  C C   . GLY A 1 40  ? 6.89143   6.01617   -3.37233  1.000 17.35000 ? 37  GLY A C   1 
ATOM   276  O O   . GLY A 1 40  ? 6.24918   6.47372   -2.41927  1.000 10.64000 ? 37  GLY A O   1 
ATOM   277  N N   . LYS A 1 41  ? 8.07102   6.49839   -3.75791  1.000 17.05000 ? 38  LYS A N   1 
ATOM   278  C CA  . LYS A 1 41  ? 8.75697   7.56121   -3.01906  1.000 13.65000 ? 38  LYS A CA  1 
ATOM   279  C C   . LYS A 1 41  ? 8.10002   8.90833   -3.24613  1.000 10.47000 ? 38  LYS A C   1 
ATOM   280  O O   . LYS A 1 41  ? 7.59039   9.20115   -4.32870  1.000 16.83000 ? 38  LYS A O   1 
ATOM   281  C CB  . LYS A 1 41  ? 10.23294  7.63234   -3.41693  1.000 18.81000 ? 38  LYS A CB  1 
ATOM   282  C CG  . LYS A 1 41  ? 10.98381  6.34430   -3.13608  1.000 16.47000 ? 38  LYS A CG  1 
ATOM   283  C CD  . LYS A 1 41  ? 12.37249  6.33706   -3.73821  1.000 27.02000 ? 38  LYS A CD  1 
ATOM   284  C CE  . LYS A 1 41  ? 13.07506  5.01197   -3.47282  1.000 31.81000 ? 38  LYS A CE  1 
ATOM   285  N NZ  . LYS A 1 41  ? 14.46886  5.06133   -3.97857  1.000 49.09000 ? 38  LYS A NZ  1 
ATOM   286  N N   . VAL A 1 42  ? 8.08476   9.71254   -2.19302  1.000 12.05000 ? 39  VAL A N   1 
ATOM   287  C CA  . VAL A 1 42  ? 7.58770   11.07157  -2.29933  1.000 15.93000 ? 39  VAL A CA  1 
ATOM   288  C C   . VAL A 1 42  ? 8.73332   11.91286  -2.83927  1.000 19.18000 ? 39  VAL A C   1 
ATOM   289  O O   . VAL A 1 42  ? 9.88573   11.70780  -2.45886  1.000 21.07000 ? 39  VAL A O   1 
ATOM   290  C CB  . VAL A 1 42  ? 7.11043   11.60819  -0.95330  1.000 15.14000 ? 39  VAL A CB  1 
ATOM   291  C CG1 . VAL A 1 42  ? 6.65426   13.05697  -1.10349  1.000 15.51000 ? 39  VAL A CG1 1 
ATOM   292  C CG2 . VAL A 1 42  ? 5.98929   10.70834  -0.39879  1.000 17.11000 ? 39  VAL A CG2 1 
ATOM   293  N N   . GLN A 1 43  ? 8.42647   12.83915  -3.73747  1.000 16.13000 ? 40  GLN A N   1 
ATOM   294  C CA  . GLN A 1 43  ? 9.47913   13.64416  -4.36243  1.000 15.38000 ? 40  GLN A CA  1 
ATOM   295  C C   . GLN A 1 43  ? 9.72872   14.95038  -3.61786  1.000 18.11000 ? 40  GLN A C   1 
ATOM   296  O O   . GLN A 1 43  ? 8.93344   15.37585  -2.77234  1.000 14.58000 ? 40  GLN A O   1 
ATOM   297  C CB  . GLN A 1 43  ? 9.12136   13.93343  -5.82016  1.000 16.36000 ? 40  GLN A CB  1 
ATOM   298  C CG  . GLN A 1 43  ? 8.97489   12.67272  -6.66379  1.000 26.17000 ? 40  GLN A CG  1 
ATOM   299  C CD  . GLN A 1 43  ? 8.40733   12.95361  -8.04423  1.000 28.25000 ? 40  GLN A CD  1 
ATOM   300  O OE1 . GLN A 1 43  ? 8.04108   14.08582  -8.36337  1.000 27.85000 ? 40  GLN A OE1 1 
ATOM   301  N NE2 . GLN A 1 43  ? 8.33391   11.91870  -8.86987  1.000 34.05000 ? 40  GLN A NE2 1 
ATOM   302  N N   . GLU A 1 44  ? 10.85128  15.58182  -3.94007  1.000 13.58000 ? 41  GLU A N   1 
ATOM   303  C CA  . GLU A 1 44  ? 11.18329  16.89346  -3.39849  1.000 17.52000 ? 41  GLU A CA  1 
ATOM   304  C C   . GLU A 1 44  ? 10.10393  17.92573  -3.71929  1.000 13.88000 ? 41  GLU A C   1 
ATOM   305  O O   . GLU A 1 44  ? 9.64755   18.02558  -4.85718  1.000 17.79000 ? 41  GLU A O   1 
ATOM   306  C CB  . GLU A 1 44  ? 12.54019  17.33703  -3.94808  1.000 19.44000 ? 41  GLU A CB  1 
ATOM   307  C CG  . GLU A 1 44  ? 13.66784  16.39984  -3.52644  1.000 23.82000 ? 41  GLU A CG  1 
ATOM   308  C CD  . GLU A 1 44  ? 14.86605  16.46584  -4.44794  1.000 39.62000 ? 41  GLU A CD  1 
ATOM   309  O OE1 . GLU A 1 44  ? 14.67856  16.70078  -5.66514  1.000 32.05000 ? 41  GLU A OE1 1 
ATOM   310  O OE2 . GLU A 1 44  ? 16.00023  16.28225  -3.94977  1.000 50.07000 ? 41  GLU A OE2 1 
ATOM   311  N N   . GLY A 1 45  ? 9.65994   18.65811  -2.70227  1.000 16.74000 ? 42  GLY A N   1 
ATOM   312  C CA  . GLY A 1 45  ? 8.69060   19.72086  -2.90052  1.000 19.28000 ? 42  GLY A CA  1 
ATOM   313  C C   . GLY A 1 45  ? 7.27957   19.20715  -3.10844  1.000 20.99000 ? 42  GLY A C   1 
ATOM   314  O O   . GLY A 1 45  ? 6.38062   19.95981  -3.44339  1.000 21.30000 ? 42  GLY A O   1 
ATOM   315  N N   . GLU A 1 46  ? 7.08383   17.91578  -2.89401  1.000 17.35000 ? 43  GLU A N   1 
ATOM   316  C CA  . GLU A 1 46  ? 5.78970   17.30824  -3.12847  1.000 19.13000 ? 43  GLU A CA  1 
ATOM   317  C C   . GLU A 1 46  ? 5.13814   16.97170  -1.80011  1.000 14.52000 ? 43  GLU A C   1 
ATOM   318  O O   . GLU A 1 46  ? 5.81313   16.45360  -0.90420  1.000 18.15000 ? 43  GLU A O   1 
ATOM   319  C CB  . GLU A 1 46  ? 5.95596   16.04833  -3.97691  1.000 21.29000 ? 43  GLU A CB  1 
ATOM   320  C CG  . GLU A 1 46  ? 4.66733   15.33821  -4.29566  1.000 17.90000 ? 43  GLU A CG  1 
ATOM   321  C CD  . GLU A 1 46  ? 4.89704   14.08225  -5.10338  1.000 12.27000 ? 43  GLU A CD  1 
ATOM   322  O OE1 . GLU A 1 46  ? 5.69369   13.22980  -4.65764  1.000 15.35000 ? 43  GLU A OE1 1 
ATOM   323  O OE2 . GLU A 1 46  ? 4.28816   13.95322  -6.17881  1.000 17.91000 ? 43  GLU A OE2 1 
ATOM   324  N N   . THR A 1 47  ? 3.84268   17.24923  -1.64492  1.000 14.97000 ? 44  THR A N   1 
ATOM   325  C CA  . THR A 1 47  ? 3.18327   16.84197  -0.40320  1.000 16.24000 ? 44  THR A CA  1 
ATOM   326  C C   . THR A 1 47  ? 2.95846   15.33543  -0.44162  1.000 17.21000 ? 44  THR A C   1 
ATOM   327  O O   . THR A 1 47  ? 2.87673   14.74888  -1.50850  1.000 16.13000 ? 44  THR A O   1 
ATOM   328  C CB  . THR A 1 47  ? 1.82630   17.53564  -0.17234  1.000 19.40000 ? 44  THR A CB  1 
ATOM   329  O OG1 . THR A 1 47  ? 0.85954   16.98842  -1.07133  1.000 17.44000 ? 44  THR A OG1 1 
ATOM   330  C CG2 . THR A 1 47  ? 1.94248   19.02610  -0.40982  1.000 20.61000 ? 44  THR A CG2 1 
ATOM   331  N N   . ILE A 1 48  ? 2.84349   14.72459  0.72875   1.000 17.56000 ? 45  ILE A N   1 
ATOM   332  C CA  . ILE A 1 48  ? 2.60921   13.29098  0.81265   1.000 21.00000 ? 45  ILE A CA  1 
ATOM   333  C C   . ILE A 1 48  ? 1.32580   12.88623  0.07218   1.000 14.89000 ? 45  ILE A C   1 
ATOM   334  O O   . ILE A 1 48  ? 1.32267   11.91107  -0.68083  1.000 13.50000 ? 45  ILE A O   1 
ATOM   335  C CB  . ILE A 1 48  ? 2.53908   12.82562  2.28114   1.000 14.74000 ? 45  ILE A CB  1 
ATOM   336  C CG1 . ILE A 1 48  ? 3.87489   13.09699  2.97489   1.000 25.07000 ? 45  ILE A CG1 1 
ATOM   337  C CG2 . ILE A 1 48  ? 2.20644   11.33602  2.34800   1.000 13.81000 ? 45  ILE A CG2 1 
ATOM   338  C CD1 . ILE A 1 48  ? 3.89606   12.71987  4.44321   1.000 17.21000 ? 45  ILE A CD1 1 
ATOM   339  N N   . GLU A 1 49  ? 0.24762   13.64216  0.25632   1.000 13.59000 ? 46  GLU A N   1 
ATOM   340  C CA  . GLU A 1 49  ? -0.99782  13.30289  -0.41779  1.000 19.49000 ? 46  GLU A CA  1 
ATOM   341  C C   . GLU A 1 49  ? -0.88040  13.43161  -1.93768  1.000 13.45000 ? 46  GLU A C   1 
ATOM   342  O O   . GLU A 1 49  ? -1.42765  12.60479  -2.68249  1.000 12.40000 ? 46  GLU A O   1 
ATOM   343  C CB  . GLU A 1 49  ? -2.15489  14.17093  0.10328   1.000 20.14000 ? 46  GLU A CB  1 
ATOM   344  C CG  . GLU A 1 49  ? -3.52242  13.67845  -0.39791  1.000 26.95000 ? 46  GLU A CG  1 
ATOM   345  C CD  . GLU A 1 49  ? -4.70310  14.42403  0.20573   1.000 40.00000 ? 46  GLU A CD  1 
ATOM   346  O OE1 . GLU A 1 49  ? -4.49606  15.47192  0.85435   1.000 44.10000 ? 46  GLU A OE1 1 
ATOM   347  O OE2 . GLU A 1 49  ? -5.84710  13.95541  0.02834   1.000 51.45000 ? 46  GLU A OE2 1 
ATOM   348  N N   . ASP A 1 50  ? -0.16941  14.46348  -2.40004  1.000 13.23000 ? 47  ASP A N   1 
ATOM   349  C CA  . ASP A 1 50  ? 0.04969   14.64309  -3.83443  1.000 15.10000 ? 47  ASP A CA  1 
ATOM   350  C C   . ASP A 1 50  ? 0.85365   13.47757  -4.37358  1.000 15.68000 ? 47  ASP A C   1 
ATOM   351  O O   . ASP A 1 50  ? 0.55931   12.96646  -5.45763  1.000 17.06000 ? 47  ASP A O   1 
ATOM   352  C CB  . ASP A 1 50  ? 0.77518   15.96023  -4.13872  1.000 17.44000 ? 47  ASP A CB  1 
ATOM   353  C CG  . ASP A 1 50  ? -0.13380  17.17535  -4.02180  1.000 29.12000 ? 47  ASP A CG  1 
ATOM   354  O OD1 . ASP A 1 50  ? -1.36242  17.00771  -3.88759  1.000 24.82000 ? 47  ASP A OD1 1 
ATOM   355  O OD2 . ASP A 1 50  ? 0.39146   18.30478  -4.08256  1.000 25.71000 ? 47  ASP A OD2 1 
ATOM   356  N N   . GLY A 1 51  ? 1.86060   13.05576  -3.60822  1.000 13.12000 ? 48  GLY A N   1 
ATOM   357  C CA  . GLY A 1 51  ? 2.66795   11.89834  -3.99397  1.000 13.10000 ? 48  GLY A CA  1 
ATOM   358  C C   . GLY A 1 51  ? 1.81454   10.64353  -4.14283  1.000 12.34000 ? 48  GLY A C   1 
ATOM   359  O O   . GLY A 1 51  ? 1.99077   9.85086   -5.07109  1.000 15.08000 ? 48  GLY A O   1 
ATOM   360  N N   . ALA A 1 52  ? 0.87416   10.46139  -3.22509  1.000 17.44000 ? 49  ALA A N   1 
ATOM   361  C CA  . ALA A 1 52  ? 0.03873   9.26693   -3.22924  1.000 15.63000 ? 49  ALA A CA  1 
ATOM   362  C C   . ALA A 1 52  ? -0.89768  9.27701   -4.44039  1.000 19.60000 ? 49  ALA A C   1 
ATOM   363  O O   . ALA A 1 52  ? -1.10103  8.25975   -5.09969  1.000 16.15000 ? 49  ALA A O   1 
ATOM   364  C CB  . ALA A 1 52  ? -0.74627  9.16847   -1.94567  1.000 16.95000 ? 49  ALA A CB  1 
ATOM   365  N N   . ARG A 1 53  ? -1.45126  10.44572  -4.73924  1.000 13.16000 ? 50  ARG A N   1 
ATOM   366  C CA  . ARG A 1 53  ? -2.31174  10.59558  -5.90134  1.000 14.49000 ? 50  ARG A CA  1 
ATOM   367  C C   . ARG A 1 53  ? -1.51341  10.34256  -7.18012  1.000 17.15000 ? 50  ARG A C   1 
ATOM   368  O O   . ARG A 1 53  ? -1.98137  9.67495   -8.10351  1.000 16.99000 ? 50  ARG A O   1 
ATOM   369  C CB  . ARG A 1 53  ? -2.93632  11.98962  -5.89546  1.000 19.66000 ? 50  ARG A CB  1 
ATOM   370  C CG  . ARG A 1 53  ? -3.95329  12.22851  -6.96945  1.000 27.94000 ? 50  ARG A CG  1 
ATOM   371  C CD  . ARG A 1 53  ? -4.64037  13.57001  -6.74743  1.000 29.43000 ? 50  ARG A CD  1 
ATOM   372  N NE  . ARG A 1 53  ? -5.42837  13.59973  -5.51235  1.000 41.04000 ? 50  ARG A NE  1 
ATOM   373  C CZ  . ARG A 1 53  ? -5.04845  14.20930  -4.39368  1.000 32.53000 ? 50  ARG A CZ  1 
ATOM   374  N NH1 . ARG A 1 53  ? -3.87837  14.83554  -4.34040  1.000 38.75000 ? 50  ARG A NH1 1 
ATOM   375  N NH2 . ARG A 1 53  ? -5.83560  14.18785  -3.32512  1.000 36.28000 ? 50  ARG A NH2 1 
ATOM   376  N N   . ARG A 1 54  ? -0.28107  10.84147  -7.21017  1.000 15.22000 ? 51  ARG A N   1 
ATOM   377  C CA  . ARG A 1 54  ? 0.56341   10.67117  -8.38352  1.000 14.83000 ? 51  ARG A CA  1 
ATOM   378  C C   . ARG A 1 54  ? 0.89803   9.20797   -8.59013  1.000 17.10000 ? 51  ARG A C   1 
ATOM   379  O O   . ARG A 1 54  ? 0.80889   8.71005   -9.71454  1.000 14.41000 ? 51  ARG A O   1 
ATOM   380  C CB  . ARG A 1 54  ? 1.85566   11.48244  -8.25709  1.000 19.90000 ? 51  ARG A CB  1 
ATOM   381  C CG  . ARG A 1 54  ? 2.84200   11.20436  -9.37234  1.000 13.72000 ? 51  ARG A CG  1 
ATOM   382  C CD  . ARG A 1 54  ? 4.13679   11.97748  -9.17953  1.000 12.38000 ? 51  ARG A CD  1 
ATOM   383  N NE  . ARG A 1 54  ? 4.65715   11.80863  -7.82844  1.000 14.80000 ? 51  ARG A NE  1 
ATOM   384  C CZ  . ARG A 1 54  ? 5.36295   10.75686  -7.42584  1.000 15.53000 ? 51  ARG A CZ  1 
ATOM   385  N NH1 . ARG A 1 54  ? 5.65693   9.78467   -8.28141  1.000 23.99000 ? 51  ARG A NH1 1 
ATOM   386  N NH2 . ARG A 1 54  ? 5.79923   10.69153  -6.17364  1.000 15.93000 ? 51  ARG A NH2 1 
ATOM   387  N N   . GLU A 1 55  ? 1.28285   8.52194   -7.50863  1.000 15.45000 ? 52  GLU A N   1 
ATOM   388  C CA  . GLU A 1 55  ? 1.65432   7.10635   -7.60465  1.000 18.94000 ? 52  GLU A CA  1 
ATOM   389  C C   . GLU A 1 55  ? 0.48432   6.26082   -8.09747  1.000 19.47000 ? 52  GLU A C   1 
ATOM   390  O O   . GLU A 1 55  ? 0.66046   5.34631   -8.90089  1.000 13.44000 ? 52  GLU A O   1 
ATOM   391  C CB  . GLU A 1 55  ? 2.14361   6.55912   -6.24817  1.000 19.10000 ? 52  GLU A CB  1 
ATOM   392  C CG  . GLU A 1 55  ? 3.43323   7.18749   -5.70938  1.000 23.27000 ? 52  GLU A CG  1 
ATOM   393  C CD  . GLU A 1 55  ? 4.69447   6.81945   -6.48892  1.000 35.11000 ? 52  GLU A CD  1 
ATOM   394  O OE1 . GLU A 1 55  ? 4.65358   5.92817   -7.36672  1.000 25.32000 ? 52  GLU A OE1 1 
ATOM   395  O OE2 . GLU A 1 55  ? 5.74898   7.44016   -6.20838  1.000 37.70000 ? 52  GLU A OE2 1 
ATOM   396  N N   . LEU A 1 56  ? -0.71516  6.55261   -7.61248  1.000 14.43000 ? 53  LEU A N   1 
ATOM   397  C CA  . LEU A 1 56  ? -1.87154  5.77562   -8.04171  1.000 14.08000 ? 53  LEU A CA  1 
ATOM   398  C C   . LEU A 1 56  ? -2.02570  5.84181   -9.55945  1.000 13.19000 ? 53  LEU A C   1 
ATOM   399  O O   . LEU A 1 56  ? -2.19278  4.81512   -10.22341 1.000 17.77000 ? 53  LEU A O   1 
ATOM   400  C CB  . LEU A 1 56  ? -3.14904  6.26227   -7.36456  1.000 16.43000 ? 53  LEU A CB  1 
ATOM   401  C CG  . LEU A 1 56  ? -4.36292  5.41185   -7.75648  1.000 16.77000 ? 53  LEU A CG  1 
ATOM   402  C CD1 . LEU A 1 56  ? -4.24878  3.93716   -7.27929  1.000 12.80000 ? 53  LEU A CD1 1 
ATOM   403  C CD2 . LEU A 1 56  ? -5.62262  6.03524   -7.23619  1.000 17.80000 ? 53  LEU A CD2 1 
ATOM   404  N N   . GLN A 1 57  ? -1.93817  7.04969   -10.09791 1.000 13.58000 ? 54  GLN A N   1 
ATOM   405  C CA  . GLN A 1 57  ? -2.06497  7.26708   -11.53643 1.000 18.65000 ? 54  GLN A CA  1 
ATOM   406  C C   . GLN A 1 57  ? -0.95625  6.54997   -12.30414 1.000 15.22000 ? 54  GLN A C   1 
ATOM   407  O O   . GLN A 1 57  ? -1.22291  5.80031   -13.23733 1.000 17.03000 ? 54  GLN A O   1 
ATOM   408  C CB  . GLN A 1 57  ? -2.04741  8.76723   -11.85176 1.000 20.26000 ? 54  GLN A CB  1 
ATOM   409  C CG  . GLN A 1 57  ? -1.84092  9.07331   -13.33150 1.000 26.52000 ? 54  GLN A CG  1 
ATOM   410  C CD  . GLN A 1 57  ? -2.92927  8.47835   -14.20753 1.000 30.60000 ? 54  GLN A CD  1 
ATOM   411  O OE1 . GLN A 1 57  ? -2.64926  7.74409   -15.16257 1.000 36.07000 ? 54  GLN A OE1 1 
ATOM   412  N NE2 . GLN A 1 57  ? -4.18007  8.80330   -13.89831 1.000 30.51000 ? 54  GLN A NE2 1 
ATOM   413  N N   . GLU A 1 58  ? 0.28898   6.74658   -11.88030 1.000 20.96000 ? 55  GLU A N   1 
ATOM   414  C CA  . GLU A 1 58  ? 1.43091   6.17048   -12.58818 1.000 19.46000 ? 55  GLU A CA  1 
ATOM   415  C C   . GLU A 1 58  ? 1.37883   4.65542   -12.65733 1.000 18.59000 ? 55  GLU A C   1 
ATOM   416  O O   . GLU A 1 58  ? 1.68548   4.05639   -13.69752 1.000 21.63000 ? 55  GLU A O   1 
ATOM   417  C CB  . GLU A 1 58  ? 2.74516   6.61088   -11.92542 1.000 20.94000 ? 55  GLU A CB  1 
ATOM   418  C CG  . GLU A 1 58  ? 3.01349   8.10237   -12.03885 1.000 24.03000 ? 55  GLU A CG  1 
ATOM   419  C CD  . GLU A 1 58  ? 4.33891   8.50818   -11.41309 1.000 31.66000 ? 55  GLU A CD  1 
ATOM   420  O OE1 . GLU A 1 58  ? 4.97608   7.65803   -10.75263 1.000 35.39000 ? 55  GLU A OE1 1 
ATOM   421  O OE2 . GLU A 1 58  ? 4.74424   9.67683   -11.58593 1.000 31.93000 ? 55  GLU A OE2 1 
ATOM   422  N N   . GLU A 1 59  ? 0.97210   4.03155   -11.55572 1.000 16.79000 ? 56  GLU A N   1 
ATOM   423  C CA  . GLU A 1 59  ? 0.99985   2.58124   -11.46027 1.000 18.61000 ? 56  GLU A CA  1 
ATOM   424  C C   . GLU A 1 59  ? -0.30608  1.86795   -11.84597 1.000 20.59000 ? 56  GLU A C   1 
ATOM   425  O O   . GLU A 1 59  ? -0.28084  0.69385   -12.22941 1.000 20.75000 ? 56  GLU A O   1 
ATOM   426  C CB  . GLU A 1 59  ? 1.39705   2.18109   -10.04082 1.000 14.83000 ? 56  GLU A CB  1 
ATOM   427  C CG  . GLU A 1 59  ? 2.75751   2.69987   -9.66979  1.000 19.09000 ? 56  GLU A CG  1 
ATOM   428  C CD  . GLU A 1 59  ? 3.21977   2.20433   -8.33077  1.000 34.16000 ? 56  GLU A CD  1 
ATOM   429  O OE1 . GLU A 1 59  ? 2.43085   1.52468   -7.62961  1.000 24.92000 ? 56  GLU A OE1 1 
ATOM   430  O OE2 . GLU A 1 59  ? 4.38778   2.48429   -7.99259  1.000 36.75000 ? 56  GLU A OE2 1 
ATOM   431  N N   . SER A 1 60  ? -1.43681  2.55433   -11.74377 1.000 21.74000 ? 57  SER A N   1 
ATOM   432  C CA  . SER A 1 60  ? -2.72408  1.89106   -12.00131 1.000 20.44000 ? 57  SER A CA  1 
ATOM   433  C C   . SER A 1 60  ? -3.51830  2.51887   -13.14339 1.000 20.60000 ? 57  SER A C   1 
ATOM   434  O O   . SER A 1 60  ? -4.40947  1.88360   -13.69809 1.000 19.92000 ? 57  SER A O   1 
ATOM   435  C CB  . SER A 1 60  ? -3.58983  1.87943   -10.73821 1.000 17.57000 ? 57  SER A CB  1 
ATOM   436  O OG  . SER A 1 60  ? -4.16011  3.15754   -10.49732 1.000 14.25000 ? 57  SER A OG  1 
ATOM   437  N N   . GLY A 1 61  ? -3.21879  3.76672   -13.48353 1.000 23.04000 ? 58  GLY A N   1 
ATOM   438  C CA  . GLY A 1 61  ? -3.96227  4.45484   -14.52492 1.000 17.92000 ? 58  GLY A CA  1 
ATOM   439  C C   . GLY A 1 61  ? -5.18891  5.17354   -13.98934 1.000 19.09000 ? 58  GLY A C   1 
ATOM   440  O O   . GLY A 1 61  ? -5.90091  5.85926   -14.73298 1.000 19.07000 ? 58  GLY A O   1 
ATOM   441  N N   . LEU A 1 62  ? -5.44290  5.01746   -12.69557 1.000 15.33000 ? 59  LEU A N   1 
ATOM   442  C CA  . LEU A 1 62  ? -6.63831  5.59189   -12.07274 1.000 13.75000 ? 59  LEU A CA  1 
ATOM   443  C C   . LEU A 1 62  ? -6.39486  6.97753   -11.50003 1.000 23.92000 ? 59  LEU A C   1 
ATOM   444  O O   . LEU A 1 62  ? -5.36416  7.23353   -10.86361 1.000 18.17000 ? 59  LEU A O   1 
ATOM   445  C CB  . LEU A 1 62  ? -7.15089  4.68851   -10.95955 1.000 12.90000 ? 59  LEU A CB  1 
ATOM   446  C CG  . LEU A 1 62  ? -7.58437  3.28962   -11.37694 1.000 19.92000 ? 59  LEU A CG  1 
ATOM   447  C CD1 . LEU A 1 62  ? -7.88975  2.46836   -10.15361 1.000 19.58000 ? 59  LEU A CD1 1 
ATOM   448  C CD2 . LEU A 1 62  ? -8.79283  3.38914   -12.26850 1.000 16.79000 ? 59  LEU A CD2 1 
ATOM   449  N N   . THR A 1 63  ? -7.36908  7.85409   -11.71469 1.000 16.09000 ? 60  THR A N   1 
ATOM   450  C CA  . THR A 1 63  ? -7.38143  9.18067   -11.12315 1.000 18.84000 ? 60  THR A CA  1 
ATOM   451  C C   . THR A 1 63  ? -8.17753  9.17538   -9.81562  1.000 24.78000 ? 60  THR A C   1 
ATOM   452  O O   . THR A 1 63  ? -9.36332  8.83039   -9.80526  1.000 19.44000 ? 60  THR A O   1 
ATOM   453  C CB  . THR A 1 63  ? -7.99565  10.20191  -12.09226 1.000 17.79000 ? 60  THR A CB  1 
ATOM   454  O OG1 . THR A 1 63  ? -7.21826  10.23469  -13.29456 1.000 23.32000 ? 60  THR A OG1 1 
ATOM   455  C CG2 . THR A 1 63  ? -8.01356  11.56788  -11.46625 1.000 19.15000 ? 60  THR A CG2 1 
ATOM   456  N N   . VAL A 1 64  ? -7.55026  9.54671   -8.70537  1.000 19.89000 ? 61  VAL A N   1 
ATOM   457  C CA  . VAL A 1 64  ? -8.31537  9.58304   -7.45595  1.000 18.98000 ? 61  VAL A CA  1 
ATOM   458  C C   . VAL A 1 64  ? -8.70933  11.01538  -7.13052  1.000 26.67000 ? 61  VAL A C   1 
ATOM   459  O O   . VAL A 1 64  ? -7.92757  11.93956  -7.33652  1.000 33.29000 ? 61  VAL A O   1 
ATOM   460  C CB  . VAL A 1 64  ? -7.52669  8.95096   -6.27458  1.000 21.03000 ? 61  VAL A CB  1 
ATOM   461  C CG1 . VAL A 1 64  ? -6.21370  9.64852   -6.07074  1.000 21.34000 ? 61  VAL A CG1 1 
ATOM   462  C CG2 . VAL A 1 64  ? -8.34899  8.97791   -5.00267  1.000 22.94000 ? 61  VAL A CG2 1 
ATOM   463  N N   . ASP A 1 65  ? -9.94021  11.24327  -6.66428  1.000 37.47000 ? 62  ASP A N   1 
ATOM   464  C CA  . ASP A 1 65  ? -10.30389 12.60734  -6.18711  1.000 51.26000 ? 62  ASP A CA  1 
ATOM   465  C C   . ASP A 1 65  ? -10.07560 12.62169  -4.67521  1.000 46.03000 ? 62  ASP A C   1 
ATOM   466  O O   . ASP A 1 65  ? -9.04822  13.11987  -4.25166  1.000 54.52000 ? 62  ASP A O   1 
ATOM   467  C CB  . ASP A 1 65  ? -11.73904 13.02534  -6.51449  1.000 48.93000 ? 62  ASP A CB  1 
ATOM   468  C CG  . ASP A 1 65  ? -12.00760 14.53158  -6.43180  1.000 64.10000 ? 62  ASP A CG  1 
ATOM   469  O OD1 . ASP A 1 65  ? -11.20440 15.29230  -6.96260  1.000 53.55000 ? 62  ASP A OD1 1 
ATOM   470  O OD2 . ASP A 1 65  ? -13.04990 14.93287  -5.82524  1.000 77.32000 ? 62  ASP A OD2 1 
ATOM   471  N N   . ALA A 1 66  ? -10.95926 11.97171  -3.92621  1.000 40.65000 ? 63  ALA A N   1 
ATOM   472  C CA  . ALA A 1 66  ? -10.83998 11.98880  -2.44813  1.000 50.04000 ? 63  ALA A CA  1 
ATOM   473  C C   . ALA A 1 66  ? -9.90241  10.87667  -1.96230  1.000 25.80000 ? 63  ALA A C   1 
ATOM   474  O O   . ALA A 1 66  ? -10.14055 9.76945   -2.37439  1.000 34.56000 ? 63  ALA A O   1 
ATOM   475  C CB  . ALA A 1 66  ? -12.21728 11.80552  -1.84878  1.000 51.06000 ? 63  ALA A CB  1 
ATOM   476  N N   . LEU A 1 67  ? -8.93217  11.19754  -1.10031  1.000 26.85000 ? 64  LEU A N   1 
ATOM   477  C CA  . LEU A 1 67  ? -8.00136  10.20950  -0.46838  1.000 26.80000 ? 64  LEU A CA  1 
ATOM   478  C C   . LEU A 1 67  ? -8.17914  10.30192  1.04813   1.000 24.31000 ? 64  LEU A C   1 
ATOM   479  O O   . LEU A 1 67  ? -8.29702  11.40560  1.52629   1.000 31.82000 ? 64  LEU A O   1 
ATOM   480  C CB  . LEU A 1 67  ? -6.54692  10.57620  -0.76816  1.000 21.08000 ? 64  LEU A CB  1 
ATOM   481  C CG  . LEU A 1 67  ? -5.84371  9.85042   -1.90008  1.000 20.79000 ? 64  LEU A CG  1 
ATOM   482  C CD1 . LEU A 1 67  ? -4.37718  10.11959  -1.82626  1.000 32.21000 ? 64  LEU A CD1 1 
ATOM   483  C CD2 . LEU A 1 67  ? -6.10573  8.36812   -1.85876  1.000 29.89000 ? 64  LEU A CD2 1 
ATOM   484  N N   . HIS A 1 68  ? -8.14094  9.18758   1.75551   1.000 16.40000 ? 65  HIS A N   1 
ATOM   485  C CA  . HIS A 1 68  ? -8.27510  9.20777   3.19868   1.000 22.07000 ? 65  HIS A CA  1 
ATOM   486  C C   . HIS A 1 68  ? -7.02921  8.60873   3.82163   1.000 17.51000 ? 65  HIS A C   1 
ATOM   487  O O   . HIS A 1 68  ? -6.51539  7.60444   3.33939   1.000 17.74000 ? 65  HIS A O   1 
ATOM   488  C CB  . HIS A 1 68  ? -9.53081  8.45326   3.63045   1.000 22.02000 ? 65  HIS A CB  1 
ATOM   489  C CG  . HIS A 1 68  ? -10.76613 8.91534   2.92679   1.000 42.30000 ? 65  HIS A CG  1 
ATOM   490  N ND1 . HIS A 1 68  ? -11.35945 10.13231  3.19251   1.000 27.95000 ? 65  HIS A ND1 1 
ATOM   491  C CD2 . HIS A 1 68  ? -11.50733 8.34376   1.94699   1.000 36.26000 ? 65  HIS A CD2 1 
ATOM   492  C CE1 . HIS A 1 68  ? -12.41461 10.28512  2.41181   1.000 35.81000 ? 65  HIS A CE1 1 
ATOM   493  N NE2 . HIS A 1 68  ? -12.52685 9.21162   1.64811   1.000 41.89000 ? 65  HIS A NE2 1 
ATOM   494  N N   . LYS A 1 69  ? -6.53850  9.24844   4.87453   1.000 16.84000 ? 66  LYS A N   1 
ATOM   495  C CA  . LYS A 1 69  ? -5.38910  8.75023   5.61620   1.000 19.72000 ? 66  LYS A CA  1 
ATOM   496  C C   . LYS A 1 69  ? -5.81341  7.55445   6.43230   1.000 19.70000 ? 66  LYS A C   1 
ATOM   497  O O   . LYS A 1 69  ? -6.72284  7.66232   7.25435   1.000 24.60000 ? 66  LYS A O   1 
ATOM   498  C CB  . LYS A 1 69  ? -4.81507  9.84420   6.52296   1.000 22.24000 ? 66  LYS A CB  1 
ATOM   499  C CG  . LYS A 1 69  ? -3.98167  10.86606  5.77427   1.000 26.62000 ? 66  LYS A CG  1 
ATOM   500  C CD  . LYS A 1 69  ? -3.42459  11.94165  6.70299   1.000 28.21000 ? 66  LYS A CD  1 
ATOM   501  C CE  . LYS A 1 69  ? -4.49344  12.94608  7.08877   1.000 37.19000 ? 66  LYS A CE  1 
ATOM   502  N NZ  . LYS A 1 69  ? -3.96646  13.91153  8.09483   1.000 44.77000 ? 66  LYS A NZ  1 
ATOM   503  N N   . VAL A 1 70  ? -5.18374  6.40310   6.22017   1.000 13.58000 ? 67  VAL A N   1 
ATOM   504  C CA  . VAL A 1 70  ? -5.58917  5.25928   7.02274   1.000 17.40000 ? 67  VAL A CA  1 
ATOM   505  C C   . VAL A 1 70  ? -4.51073  4.75382   7.95021   1.000 20.02000 ? 67  VAL A C   1 
ATOM   506  O O   . VAL A 1 70  ? -4.81974  4.13005   8.95888   1.000 17.37000 ? 67  VAL A O   1 
ATOM   507  C CB  . VAL A 1 70  ? -6.10113  4.08481   6.16039   1.000 25.33000 ? 67  VAL A CB  1 
ATOM   508  C CG1 . VAL A 1 70  ? -7.52529  4.35928   5.72809   1.000 33.67000 ? 67  VAL A CG1 1 
ATOM   509  C CG2 . VAL A 1 70  ? -5.22912  3.86556   4.95980   1.000 22.54000 ? 67  VAL A CG2 1 
ATOM   510  N N   . GLY A 1 71  ? -3.24975  5.02995   7.65121   1.000 11.47000 ? 68  GLY A N   1 
ATOM   511  C CA  . GLY A 1 71  ? -2.22087  4.56138   8.56295   1.000 12.16000 ? 68  GLY A CA  1 
ATOM   512  C C   . GLY A 1 71  ? -0.80784  4.96330   8.24216   1.000 9.95000  ? 68  GLY A C   1 
ATOM   513  O O   . GLY A 1 71  ? -0.51473  5.51740   7.18363   1.000 10.71000 ? 68  GLY A O   1 
ATOM   514  N N   . GLN A 1 72  ? 0.08101   4.68132   9.17891   1.000 15.00000 ? 69  GLN A N   1 
ATOM   515  C CA  . GLN A 1 72  ? 1.50019   4.87122   8.94957   1.000 11.16000 ? 69  GLN A CA  1 
ATOM   516  C C   . GLN A 1 72  ? 2.21886   3.61710   9.38318   1.000 10.83000 ? 69  GLN A C   1 
ATOM   517  O O   . GLN A 1 72  ? 1.94321   3.08864   10.46436  1.000 13.05000 ? 69  GLN A O   1 
ATOM   518  C CB  . GLN A 1 72  ? 2.00722   6.09911   9.70643   1.000 12.03000 ? 69  GLN A CB  1 
ATOM   519  C CG  . GLN A 1 72  ? 3.49369   6.33590   9.60519   1.000 17.99000 ? 69  GLN A CG  1 
ATOM   520  C CD  . GLN A 1 72  ? 3.92278   7.56156   10.38927  1.000 31.41000 ? 69  GLN A CD  1 
ATOM   521  O OE1 . GLN A 1 72  ? 3.16542   8.09163   11.20701  1.000 41.46000 ? 69  GLN A OE1 1 
ATOM   522  N NE2 . GLN A 1 72  ? 5.13553   8.02418   10.13925  1.000 22.83000 ? 69  GLN A NE2 1 
ATOM   523  N N   . ILE A 1 73  ? 3.11035   3.12308   8.52042   1.000 8.09000  ? 70  ILE A N   1 
ATOM   524  C CA  . ILE A 1 73  ? 3.87460   1.91429   8.81080   1.000 11.57000 ? 70  ILE A CA  1 
ATOM   525  C C   . ILE A 1 73  ? 5.33681   2.17926   8.52979   1.000 8.66000  ? 70  ILE A C   1 
ATOM   526  O O   . ILE A 1 73  ? 5.70261   2.61215   7.43933   1.000 13.93000 ? 70  ILE A O   1 
ATOM   527  C CB  . ILE A 1 73  ? 3.44219   0.68180   7.97629   1.000 11.06000 ? 70  ILE A CB  1 
ATOM   528  C CG1 . ILE A 1 73  ? 1.92463   0.49435   7.96911   1.000 15.36000 ? 70  ILE A CG1 1 
ATOM   529  C CG2 . ILE A 1 73  ? 4.11840   -0.59173  8.52674   1.000 13.21000 ? 70  ILE A CG2 1 
ATOM   530  C CD1 . ILE A 1 73  ? 1.46938   -0.55248  6.97541   1.000 14.54000 ? 70  ILE A CD1 1 
ATOM   531  N N   . VAL A 1 74  ? 6.16682   1.94016   9.53098   1.000 8.53000  ? 71  VAL A N   1 
ATOM   532  C CA  . VAL A 1 74  ? 7.60136   2.04057   9.35182   1.000 11.38000 ? 71  VAL A CA  1 
ATOM   533  C C   . VAL A 1 74  ? 8.16886   0.64640   9.13048   1.000 12.79000 ? 71  VAL A C   1 
ATOM   534  O O   . VAL A 1 74  ? 7.95747   -0.24888  9.95313   1.000 16.36000 ? 71  VAL A O   1 
ATOM   535  C CB  . VAL A 1 74  ? 8.26988   2.70553   10.56453  1.000 13.69000 ? 71  VAL A CB  1 
ATOM   536  C CG1 . VAL A 1 74  ? 9.78601   2.68592   10.41656  1.000 13.71000 ? 71  VAL A CG1 1 
ATOM   537  C CG2 . VAL A 1 74  ? 7.75350   4.12998   10.72870  1.000 18.80000 ? 71  VAL A CG2 1 
ATOM   538  N N   . PHE A 1 75  ? 8.87429   0.45930   8.01917   1.000 10.13000 ? 72  PHE A N   1 
ATOM   539  C CA  . PHE A 1 75  ? 9.50208   -0.82879  7.72087   1.000 12.03000 ? 72  PHE A CA  1 
ATOM   540  C C   . PHE A 1 75  ? 11.00486  -0.77720  7.87390   1.000 12.10000 ? 72  PHE A C   1 
ATOM   541  O O   . PHE A 1 75  ? 11.66279  0.12717   7.36266   1.000 11.15000 ? 72  PHE A O   1 
ATOM   542  C CB  . PHE A 1 75  ? 9.18176   -1.28636  6.30773   1.000 11.21000 ? 72  PHE A CB  1 
ATOM   543  C CG  . PHE A 1 75  ? 7.73426   -1.58690  6.08050   1.000 13.06000 ? 72  PHE A CG  1 
ATOM   544  C CD1 . PHE A 1 75  ? 7.17054   -2.76631  6.55914   1.000 11.76000 ? 72  PHE A CD1 1 
ATOM   545  C CD2 . PHE A 1 75  ? 6.93616   -0.69738  5.37109   1.000 12.26000 ? 72  PHE A CD2 1 
ATOM   546  C CE1 . PHE A 1 75  ? 5.82210   -3.04022  6.34095   1.000 13.27000 ? 72  PHE A CE1 1 
ATOM   547  C CE2 . PHE A 1 75  ? 5.60279   -0.96694  5.15074   1.000 12.98000 ? 72  PHE A CE2 1 
ATOM   548  C CZ  . PHE A 1 75  ? 5.04538   -2.14418  5.63010   1.000 15.49000 ? 72  PHE A CZ  1 
ATOM   549  N N   . GLU A 1 76  ? 11.53359  -1.76767  8.57623   1.000 12.10000 ? 73  GLU A N   1 
ATOM   550  C CA  . GLU A 1 76  ? 12.96545  -1.97877  8.67282   1.000 18.43000 ? 73  GLU A CA  1 
ATOM   551  C C   . GLU A 1 76  ? 13.32250  -3.28520  7.96830   1.000 13.24000 ? 73  GLU A C   1 
ATOM   552  O O   . GLU A 1 76  ? 12.65267  -4.30034  8.17580   1.000 12.21000 ? 73  GLU A O   1 
ATOM   553  C CB  . GLU A 1 76  ? 13.39379  -2.02885  10.13131  1.000 20.21000 ? 73  GLU A CB  1 
ATOM   554  C CG  . GLU A 1 76  ? 14.86691  -2.19460  10.31506  1.000 18.82000 ? 73  GLU A CG  1 
ATOM   555  C CD  . GLU A 1 76  ? 15.22880  -2.44858  11.76242  1.000 22.07000 ? 73  GLU A CD  1 
ATOM   556  O OE1 . GLU A 1 76  ? 14.48066  -2.00632  12.66814  1.000 27.05000 ? 73  GLU A OE1 1 
ATOM   557  O OE2 . GLU A 1 76  ? 16.26368  -3.09434  11.98854  1.000 20.50000 ? 73  GLU A OE2 1 
ATOM   558  N N   . PHE A 1 77  ? 14.35085  -3.25868  7.11794   1.000 15.66000 ? 74  PHE A N   1 
ATOM   559  C CA  . PHE A 1 77  ? 14.94032  -4.48341  6.59172   1.000 18.79000 ? 74  PHE A CA  1 
ATOM   560  C C   . PHE A 1 77  ? 16.33380  -4.61136  7.22337   1.000 14.49000 ? 74  PHE A C   1 
ATOM   561  O O   . PHE A 1 77  ? 17.15348  -3.71022  7.07274   1.000 13.83000 ? 74  PHE A O   1 
ATOM   562  C CB  . PHE A 1 77  ? 15.01968  -4.46077  5.06056   1.000 13.83000 ? 74  PHE A CB  1 
ATOM   563  C CG  . PHE A 1 77  ? 13.68242  -4.56178  4.38494   1.000 15.39000 ? 74  PHE A CG  1 
ATOM   564  C CD1 . PHE A 1 77  ? 12.96301  -3.42801  4.06765   1.000 18.78000 ? 74  PHE A CD1 1 
ATOM   565  C CD2 . PHE A 1 77  ? 13.14430  -5.80050  4.07621   1.000 15.66000 ? 74  PHE A CD2 1 
ATOM   566  C CE1 . PHE A 1 77  ? 11.72153  -3.52519  3.45130   1.000 18.58000 ? 74  PHE A CE1 1 
ATOM   567  C CE2 . PHE A 1 77  ? 11.91087  -5.90686  3.46422   1.000 16.69000 ? 74  PHE A CE2 1 
ATOM   568  C CZ  . PHE A 1 77  ? 11.19190  -4.76636  3.15478   1.000 19.00000 ? 74  PHE A CZ  1 
ATOM   569  N N   . VAL A 1 78  ? 16.58300  -5.69443  7.96176   1.000 12.38000 ? 75  VAL A N   1 
ATOM   570  C CA  . VAL A 1 78  ? 17.84102  -5.78263  8.70962   1.000 10.77000 ? 75  VAL A CA  1 
ATOM   571  C C   . VAL A 1 78  ? 19.00227  -5.70528  7.72335   1.000 13.28000 ? 75  VAL A C   1 
ATOM   572  O O   . VAL A 1 78  ? 18.92591  -6.24250  6.62060   1.000 19.57000 ? 75  VAL A O   1 
ATOM   573  C CB  . VAL A 1 78  ? 17.92540  -7.06685  9.57139   1.000 26.97000 ? 75  VAL A CB  1 
ATOM   574  C CG1 . VAL A 1 78  ? 16.85937  -7.03886  10.66234  1.000 19.11000 ? 75  VAL A CG1 1 
ATOM   575  C CG2 . VAL A 1 78  ? 17.77356  -8.30936  8.72277   1.000 23.53000 ? 75  VAL A CG2 1 
ATOM   576  N N   . GLY A 1 79  ? 20.04216  -4.96444  8.09147   1.000 19.99000 ? 76  GLY A N   1 
ATOM   577  C CA  . GLY A 1 79  ? 21.17751  -4.78168  7.20696   1.000 29.89000 ? 76  GLY A CA  1 
ATOM   578  C C   . GLY A 1 79  ? 21.01352  -3.68268  6.16881   1.000 37.04000 ? 76  GLY A C   1 
ATOM   579  O O   . GLY A 1 79  ? 21.92838  -3.42027  5.38495   1.000 31.65000 ? 76  GLY A O   1 
ATOM   580  N N   . GLU A 1 80  ? 19.84553  -3.04791  6.14400   1.000 24.88000 ? 77  GLU A N   1 
ATOM   581  C CA  . GLU A 1 80  ? 19.63090  -1.88986  5.28639   1.000 17.32000 ? 77  GLU A CA  1 
ATOM   582  C C   . GLU A 1 80  ? 19.49616  -0.61732  6.12757   1.000 16.31000 ? 77  GLU A C   1 
ATOM   583  O O   . GLU A 1 80  ? 18.68034  -0.55904  7.04721   1.000 16.13000 ? 77  GLU A O   1 
ATOM   584  C CB  . GLU A 1 80  ? 18.39088  -2.08462  4.41389   1.000 17.95000 ? 77  GLU A CB  1 
ATOM   585  C CG  . GLU A 1 80  ? 18.47886  -3.31258  3.52166   1.000 20.57000 ? 77  GLU A CG  1 
ATOM   586  C CD  . GLU A 1 80  ? 17.41748  -3.35100  2.45188   1.000 34.82000 ? 77  GLU A CD  1 
ATOM   587  O OE1 . GLU A 1 80  ? 16.58176  -2.42369  2.39662   1.000 38.68000 ? 77  GLU A OE1 1 
ATOM   588  O OE2 . GLU A 1 80  ? 17.42487  -4.31352  1.65608   1.000 39.66000 ? 77  GLU A OE2 1 
ATOM   589  N N   . PRO A 1 81  ? 20.29008  0.41494   5.80328   1.000 16.60000 ? 78  PRO A N   1 
ATOM   590  C CA  . PRO A 1 81  ? 20.31682  1.63456   6.62223   1.000 17.07000 ? 78  PRO A CA  1 
ATOM   591  C C   . PRO A 1 81  ? 18.99279  2.38476   6.66871   1.000 17.74000 ? 78  PRO A C   1 
ATOM   592  O O   . PRO A 1 81  ? 18.62163  2.87851   7.71873   1.000 16.25000 ? 78  PRO A O   1 
ATOM   593  C CB  . PRO A 1 81  ? 21.38775  2.50561   5.94110   1.000 15.94000 ? 78  PRO A CB  1 
ATOM   594  C CG  . PRO A 1 81  ? 21.47563  1.99115   4.54384   1.000 23.58000 ? 78  PRO A CG  1 
ATOM   595  C CD  . PRO A 1 81  ? 21.21862  0.49356   4.66251   1.000 17.57000 ? 78  PRO A CD  1 
ATOM   596  N N   . GLU A 1 82  ? 18.28460  2.46817   5.55174   1.000 12.46000 ? 79  GLU A N   1 
ATOM   597  C CA  . GLU A 1 82  ? 17.12821  3.34065   5.48893   1.000 15.65000 ? 79  GLU A CA  1 
ATOM   598  C C   . GLU A 1 82  ? 15.83524  2.63439   5.88509   1.000 16.19000 ? 79  GLU A C   1 
ATOM   599  O O   . GLU A 1 82  ? 15.54350  1.53845   5.41267   1.000 13.06000 ? 79  GLU A O   1 
ATOM   600  C CB  . GLU A 1 82  ? 16.99728  3.92933   4.08317   1.000 24.92000 ? 79  GLU A CB  1 
ATOM   601  C CG  . GLU A 1 82  ? 16.17822  5.22001   4.01619   1.000 35.26000 ? 79  GLU A CG  1 
ATOM   602  C CD  . GLU A 1 82  ? 16.92963  6.45384   4.53422   1.000 46.26000 ? 79  GLU A CD  1 
ATOM   603  O OE1 . GLU A 1 82  ? 18.07380  6.32382   5.02947   1.000 32.65000 ? 79  GLU A OE1 1 
ATOM   604  O OE2 . GLU A 1 82  ? 16.37115  7.56653   4.43508   1.000 41.79000 ? 79  GLU A OE2 1 
ATOM   605  N N   . LEU A 1 83  ? 15.07371  3.26684   6.76913   1.000 15.90000 ? 80  LEU A N   1 
ATOM   606  C CA  . LEU A 1 83  ? 13.73264  2.79462   7.11278   1.000 18.08000 ? 80  LEU A CA  1 
ATOM   607  C C   . LEU A 1 83  ? 12.71932  3.31676   6.08789   1.000 17.02000 ? 80  LEU A C   1 
ATOM   608  O O   . LEU A 1 83  ? 12.88502  4.41488   5.56998   1.000 18.10000 ? 80  LEU A O   1 
ATOM   609  C CB  . LEU A 1 83  ? 13.33822  3.25514   8.51497   1.000 14.09000 ? 80  LEU A CB  1 
ATOM   610  C CG  . LEU A 1 83  ? 14.24822  2.90144   9.69007   1.000 17.44000 ? 80  LEU A CG  1 
ATOM   611  C CD1 . LEU A 1 83  ? 13.64804  3.41687   10.98763  1.000 16.01000 ? 80  LEU A CD1 1 
ATOM   612  C CD2 . LEU A 1 83  ? 14.45665  1.39600   9.74473   1.000 15.70000 ? 80  LEU A CD2 1 
ATOM   613  N N   . MET A 1 84  ? 11.68585  2.53490   5.78851   1.000 10.68000 ? 81  MET A N   1 
ATOM   614  C CA  . MET A 1 84  ? 10.61865  3.01865   4.91704   1.000 15.86000 ? 81  MET A CA  1 
ATOM   615  C C   . MET A 1 84  ? 9.53042   3.60822   5.78667   1.000 14.56000 ? 81  MET A C   1 
ATOM   616  O O   . MET A 1 84  ? 8.95488   2.90729   6.61481   1.000 14.85000 ? 81  MET A O   1 
ATOM   617  C CB  . MET A 1 84  ? 10.04444  1.90221   4.05456   1.000 10.88000 ? 81  MET A CB  1 
ATOM   618  C CG  . MET A 1 84  ? 11.05366  1.25129   3.12549   1.000 14.47000 ? 81  MET A CG  1 
ATOM   619  S SD  . MET A 1 84  ? 10.32137  -0.10203  2.18002   1.000 19.37000 ? 81  MET A SD  1 
ATOM   620  C CE  . MET A 1 84  ? 9.33303   0.80567   1.00876   1.000 21.15000 ? 81  MET A CE  1 
ATOM   621  N N   . ASP A 1 85  ? 9.25873   4.89615   5.60563   1.000 15.01000 ? 82  ASP A N   1 
ATOM   622  C CA  . ASP A 1 85  ? 8.21970   5.56748   6.36305   1.000 12.73000 ? 82  ASP A CA  1 
ATOM   623  C C   . ASP A 1 85  ? 7.00825   5.68191   5.46115   1.000 11.64000 ? 82  ASP A C   1 
ATOM   624  O O   . ASP A 1 85  ? 6.88355   6.63446   4.68570   1.000 12.42000 ? 82  ASP A O   1 
ATOM   625  C CB  . ASP A 1 85  ? 8.71243   6.92960   6.84870   1.000 17.52000 ? 82  ASP A CB  1 
ATOM   626  C CG  . ASP A 1 85  ? 7.65486   7.71526   7.58696   1.000 24.89000 ? 82  ASP A CG  1 
ATOM   627  O OD1 . ASP A 1 85  ? 6.55517   7.18298   7.85187   1.000 19.02000 ? 82  ASP A OD1 1 
ATOM   628  O OD2 . ASP A 1 85  ? 7.93892   8.88744   7.91483   1.000 32.62000 ? 82  ASP A OD2 1 
ATOM   629  N N   . VAL A 1 86  ? 6.12371   4.69211   5.55636   1.000 10.49000 ? 83  VAL A N   1 
ATOM   630  C CA  . VAL A 1 86  ? 5.04559   4.54971   4.57561   1.000 12.24000 ? 83  VAL A CA  1 
ATOM   631  C C   . VAL A 1 86  ? 3.73808   5.14937   5.07637   1.000 10.92000 ? 83  VAL A C   1 
ATOM   632  O O   . VAL A 1 86  ? 3.17136   4.71606   6.08084   1.000 11.48000 ? 83  VAL A O   1 
ATOM   633  C CB  . VAL A 1 86  ? 4.80178   3.07309   4.20555   1.000 10.13000 ? 83  VAL A CB  1 
ATOM   634  C CG1 . VAL A 1 86  ? 3.70655   2.96121   3.13811   1.000 12.85000 ? 83  VAL A CG1 1 
ATOM   635  C CG2 . VAL A 1 86  ? 6.10321   2.41163   3.71621   1.000 14.00000 ? 83  VAL A CG2 1 
ATOM   636  N N   . HIS A 1 87  ? 3.24900   6.13537   4.34835   1.000 11.24000 ? 84  HIS A N   1 
ATOM   637  C CA  . HIS A 1 87  ? 1.95848   6.72240   4.63624   1.000 11.34000 ? 84  HIS A CA  1 
ATOM   638  C C   . HIS A 1 87  ? 0.90551   6.04863   3.77077   1.000 14.47000 ? 84  HIS A C   1 
ATOM   639  O O   . HIS A 1 87  ? 0.95993   6.11222   2.53727   1.000 12.81000 ? 84  HIS A O   1 
ATOM   640  C CB  . HIS A 1 87  ? 2.02520   8.23579   4.40891   1.000 10.07000 ? 84  HIS A CB  1 
ATOM   641  C CG  . HIS A 1 87  ? 2.93206   8.92994   5.37403   1.000 13.54000 ? 84  HIS A CG  1 
ATOM   642  N ND1 . HIS A 1 87  ? 2.47204   9.81840   6.31846   1.000 17.46000 ? 84  HIS A ND1 1 
ATOM   643  C CD2 . HIS A 1 87  ? 4.26771   8.82818   5.57093   1.000 16.31000 ? 84  HIS A CD2 1 
ATOM   644  C CE1 . HIS A 1 87  ? 3.48535   10.24483  7.05442   1.000 14.95000 ? 84  HIS A CE1 1 
ATOM   645  N NE2 . HIS A 1 87  ? 4.58731   9.66443   6.61617   1.000 15.01000 ? 84  HIS A NE2 1 
ATOM   646  N N   . VAL A 1 88  ? -0.03225  5.37202   4.43333   1.000 13.94000 ? 85  VAL A N   1 
ATOM   647  C CA  . VAL A 1 88  ? -1.03190  4.54484   3.75196   1.000 9.81000  ? 85  VAL A CA  1 
ATOM   648  C C   . VAL A 1 88  ? -2.32460  5.32358   3.56639   1.000 12.43000 ? 85  VAL A C   1 
ATOM   649  O O   . VAL A 1 88  ? -2.80457  5.96801   4.50051   1.000 16.18000 ? 85  VAL A O   1 
ATOM   650  C CB  . VAL A 1 88  ? -1.32621  3.24822   4.53518   1.000 14.45000 ? 85  VAL A CB  1 
ATOM   651  C CG1 . VAL A 1 88  ? -2.30857  2.34263   3.75462   1.000 9.23000  ? 85  VAL A CG1 1 
ATOM   652  C CG2 . VAL A 1 88  ? -0.01465  2.49613   4.85480   1.000 9.62000  ? 85  VAL A CG2 1 
ATOM   653  N N   . PHE A 1 89  ? -2.87844  5.25988   2.36320   1.000 11.16000 ? 86  PHE A N   1 
ATOM   654  C CA  . PHE A 1 89  ? -4.13723  5.93892   2.05662   1.000 14.30000 ? 86  PHE A CA  1 
ATOM   655  C C   . PHE A 1 89  ? -5.14631  4.98302   1.48726   1.000 16.46000 ? 86  PHE A C   1 
ATOM   656  O O   . PHE A 1 89  ? -4.79554  3.96170   0.89124   1.000 11.31000 ? 86  PHE A O   1 
ATOM   657  C CB  . PHE A 1 89  ? -3.93908  7.08696   1.04969   1.000 13.45000 ? 86  PHE A CB  1 
ATOM   658  C CG  . PHE A 1 89  ? -3.07672  8.20919   1.55510   1.000 15.16000 ? 86  PHE A CG  1 
ATOM   659  C CD1 . PHE A 1 89  ? -1.70152  8.12430   1.48436   1.000 17.21000 ? 86  PHE A CD1 1 
ATOM   660  C CD2 . PHE A 1 89  ? -3.64693  9.35947   2.09363   1.000 18.05000 ? 86  PHE A CD2 1 
ATOM   661  C CE1 . PHE A 1 89  ? -0.89762  9.16122   1.95572   1.000 19.41000 ? 86  PHE A CE1 1 
ATOM   662  C CE2 . PHE A 1 89  ? -2.85191  10.39657  2.55196   1.000 18.70000 ? 86  PHE A CE2 1 
ATOM   663  C CZ  . PHE A 1 89  ? -1.46718  10.29104  2.48487   1.000 19.78000 ? 86  PHE A CZ  1 
ATOM   664  N N   . CYS A 1 90  ? -6.41337  5.32987   1.64192   1.000 11.82000 ? 87  CYS A N   1 
ATOM   665  C CA  A CYS A 1 90  ? -7.49855  4.56166   1.05489   0.290 15.35000 ? 87  CYS A CA  1 
ATOM   666  C CA  C CYS A 1 90  ? -7.44624  4.55546   0.97056   0.710 15.25000 ? 87  CYS A CA  1 
ATOM   667  C C   . CYS A 1 90  ? -8.41186  5.47577   0.23742   1.000 18.72000 ? 87  CYS A C   1 
ATOM   668  O O   . CYS A 1 90  ? -8.54227  6.65160   0.55212   1.000 18.03000 ? 87  CYS A O   1 
ATOM   669  C CB  A CYS A 1 90  ? -8.28741  3.85373   2.15314   0.290 20.38000 ? 87  CYS A CB  1 
ATOM   670  C CB  C CYS A 1 90  ? -8.19342  3.67700   1.96646   0.710 20.80000 ? 87  CYS A CB  1 
ATOM   671  S SG  A CYS A 1 90  ? -9.39042  2.58382   1.55304   0.290 17.96000 ? 87  CYS A SG  1 
ATOM   672  S SG  C CYS A 1 90  ? -9.37487  4.59843   2.90300   0.710 25.09000 ? 87  CYS A SG  1 
ATOM   673  N N   . THR A 1 91  ? -9.04973  4.93305   -0.79159  1.000 14.19000 ? 88  THR A N   1 
ATOM   674  C CA  . THR A 1 91  ? -10.01678 5.68640   -1.55427  1.000 17.87000 ? 88  THR A CA  1 
ATOM   675  C C   . THR A 1 91  ? -11.10258 4.76379   -2.04868  1.000 24.37000 ? 88  THR A C   1 
ATOM   676  O O   . THR A 1 91  ? -10.86776 3.57635   -2.29019  1.000 21.11000 ? 88  THR A O   1 
ATOM   677  C CB  . THR A 1 91  ? -9.38129  6.40662   -2.75593  1.000 23.89000 ? 88  THR A CB  1 
ATOM   678  O OG1 . THR A 1 91  ? -10.40851 7.05358   -3.52694  1.000 23.61000 ? 88  THR A OG1 1 
ATOM   679  C CG2 . THR A 1 91  ? -8.62161  5.41684   -3.64560  1.000 22.70000 ? 88  THR A CG2 1 
ATOM   680  N N   . ASP A 1 92  ? -12.29057 5.33718   -2.20012  1.000 25.28000 ? 89  ASP A N   1 
ATOM   681  C CA  . ASP A 1 92  ? -13.46378 4.64845   -2.70056  1.000 21.58000 ? 89  ASP A CA  1 
ATOM   682  C C   . ASP A 1 92  ? -13.91408 5.27360   -4.01773  1.000 32.89000 ? 89  ASP A C   1 
ATOM   683  O O   . ASP A 1 92  ? -14.52997 4.60976   -4.85058  1.000 40.05000 ? 89  ASP A O   1 
ATOM   684  C CB  . ASP A 1 92  ? -14.58751 4.71777   -1.65509  1.000 37.03000 ? 89  ASP A CB  1 
ATOM   685  C CG  . ASP A 1 92  ? -15.87959 4.08269   -2.12551  1.000 50.77000 ? 89  ASP A CG  1 
ATOM   686  O OD1 . ASP A 1 92  ? -15.84310 3.16858   -2.97904  1.000 42.73000 ? 89  ASP A OD1 1 
ATOM   687  O OD2 . ASP A 1 92  ? -16.94310 4.49889   -1.61993  1.000 63.36000 ? 89  ASP A OD2 1 
ATOM   688  N N   . SER A 1 93  ? -13.60061 6.55574   -4.19683  1.000 39.71000 ? 90  SER A N   1 
ATOM   689  C CA  . SER A 1 93  ? -14.01275 7.29623   -5.38804  1.000 32.49000 ? 90  SER A CA  1 
ATOM   690  C C   . SER A 1 93  ? -12.86285 7.48418   -6.36046  1.000 28.18000 ? 90  SER A C   1 
ATOM   691  O O   . SER A 1 93  ? -11.95842 8.28974   -6.12439  1.000 28.56000 ? 90  SER A O   1 
ATOM   692  C CB  . SER A 1 93  ? -14.57185 8.66319   -5.01198  1.000 30.94000 ? 90  SER A CB  1 
ATOM   693  O OG  . SER A 1 93  ? -13.54321 9.49894   -4.51097  1.000 56.89000 ? 90  SER A OG  1 
ATOM   694  N N   . ILE A 1 94  ? -12.91645 6.74531   -7.46270  1.000 21.47000 ? 91  ILE A N   1 
ATOM   695  C CA  A ILE A 1 94  ? -11.89349 6.82314   -8.49870  0.550 22.50000 ? 91  ILE A CA  1 
ATOM   696  C CA  B ILE A 1 94  ? -11.89433 6.82362   -8.49843  0.450 22.50000 ? 91  ILE A CA  1 
ATOM   697  C C   . ILE A 1 94  ? -12.52068 7.11812   -9.85459  1.000 28.63000 ? 91  ILE A C   1 
ATOM   698  O O   . ILE A 1 94  ? -13.72779 6.96552   -10.02598 1.000 20.93000 ? 91  ILE A O   1 
ATOM   699  C CB  A ILE A 1 94  ? -11.09714 5.51417   -8.61174  0.550 23.59000 ? 91  ILE A CB  1 
ATOM   700  C CB  B ILE A 1 94  ? -11.09518 5.51570   -8.60845  0.450 23.59000 ? 91  ILE A CB  1 
ATOM   701  C CG1 A ILE A 1 94  ? -12.04483 4.36924   -8.98550  0.550 25.76000 ? 91  ILE A CG1 1 
ATOM   702  C CG1 B ILE A 1 94  ? -12.04042 4.36660   -8.97443  0.450 25.76000 ? 91  ILE A CG1 1 
ATOM   703  C CG2 A ILE A 1 94  ? -10.36814 5.21705   -7.32071  0.550 22.70000 ? 91  ILE A CG2 1 
ATOM   704  C CG2 B ILE A 1 94  ? -10.36335 5.22441   -7.31544  0.450 22.71000 ? 91  ILE A CG2 1 
ATOM   705  C CD1 A ILE A 1 94  ? -11.38770 3.00977   -9.01675  0.550 27.52000 ? 91  ILE A CD1 1 
ATOM   706  C CD1 B ILE A 1 94  ? -11.37733 3.00974   -9.01438  0.450 27.50000 ? 91  ILE A CD1 1 
ATOM   707  N N   . GLN A 1 95  ? -11.69016 7.53281   -10.80849 1.000 20.01000 ? 92  GLN A N   1 
ATOM   708  C CA  . GLN A 1 95  ? -12.10316 7.69355   -12.20368 1.000 19.16000 ? 92  GLN A CA  1 
ATOM   709  C C   . GLN A 1 95  ? -11.13394 6.94802   -13.10719 1.000 20.21000 ? 92  GLN A C   1 
ATOM   710  O O   . GLN A 1 95  ? -9.96425  6.78591   -12.77010 1.000 19.68000 ? 92  GLN A O   1 
ATOM   711  C CB  . GLN A 1 95  ? -12.15196 9.16262   -12.60552 1.000 16.67000 ? 92  GLN A CB  1 
ATOM   712  C CG  . GLN A 1 95  ? -13.16201 9.95965   -11.82601 1.000 18.66000 ? 92  GLN A CG  1 
ATOM   713  C CD  . GLN A 1 95  ? -13.09275 11.42401  -12.15473 1.000 27.55000 ? 92  GLN A CD  1 
ATOM   714  O OE1 . GLN A 1 95  ? -12.36909 12.18009  -11.50681 1.000 28.24000 ? 92  GLN A OE1 1 
ATOM   715  N NE2 . GLN A 1 95  ? -13.84044 11.83615  -13.17020 1.000 22.38000 ? 92  GLN A NE2 1 
ATOM   716  N N   . GLY A 1 96  ? -11.61940 6.50596   -14.26102 1.000 26.20000 ? 93  GLY A N   1 
ATOM   717  C CA  . GLY A 1 96  ? -10.80973 5.72733   -15.17418 1.000 22.21000 ? 93  GLY A CA  1 
ATOM   718  C C   . GLY A 1 96  ? -10.95615 4.24699   -14.87700 1.000 23.25000 ? 93  GLY A C   1 
ATOM   719  O O   . GLY A 1 96  ? -11.60310 3.87080   -13.90835 1.000 21.48000 ? 93  GLY A O   1 
ATOM   720  N N   . THR A 1 97  ? -10.36624 3.40673   -15.71800 1.000 21.33000 ? 94  THR A N   1 
ATOM   721  C CA  . THR A 1 97  ? -10.34229 1.97703   -15.45068 1.000 17.18000 ? 94  THR A CA  1 
ATOM   722  C C   . THR A 1 97  ? -8.89068  1.55671   -15.27779 1.000 13.66000 ? 94  THR A C   1 
ATOM   723  O O   . THR A 1 97  ? -7.99639  2.15294   -15.87289 1.000 18.15000 ? 94  THR A O   1 
ATOM   724  C CB  . THR A 1 97  ? -10.99761 1.15784   -16.57298 1.000 26.18000 ? 94  THR A CB  1 
ATOM   725  O OG1 . THR A 1 97  ? -10.28755 1.37664   -17.79251 1.000 31.41000 ? 94  THR A OG1 1 
ATOM   726  C CG2 . THR A 1 97  ? -12.46942 1.56155   -16.75227 1.000 27.51000 ? 94  THR A CG2 1 
ATOM   727  N N   . PRO A 1 98  ? -8.65369  0.52959   -14.45463 1.000 16.68000 ? 95  PRO A N   1 
ATOM   728  C CA  . PRO A 1 98  ? -7.27853  0.10398   -14.16923 1.000 15.06000 ? 95  PRO A CA  1 
ATOM   729  C C   . PRO A 1 98  ? -6.53771  -0.27376  -15.45211 1.000 17.36000 ? 95  PRO A C   1 
ATOM   730  O O   . PRO A 1 98  ? -7.11883  -0.88559  -16.32404 1.000 16.66000 ? 95  PRO A O   1 
ATOM   731  C CB  . PRO A 1 98  ? -7.47117  -1.11006  -13.26089 1.000 19.47000 ? 95  PRO A CB  1 
ATOM   732  C CG  . PRO A 1 98  ? -8.80540  -0.88461  -12.61740 1.000 18.86000 ? 95  PRO A CG  1 
ATOM   733  C CD  . PRO A 1 98  ? -9.64201  -0.23271  -13.67690 1.000 16.24000 ? 95  PRO A CD  1 
ATOM   734  N N   . VAL A 1 99  ? -5.27615  0.11922   -15.56135 1.000 17.23000 ? 96  VAL A N   1 
ATOM   735  C CA  . VAL A 1 99  ? -4.49621  -0.07187  -16.78181 1.000 15.14000 ? 96  VAL A CA  1 
ATOM   736  C C   . VAL A 1 99  ? -3.41528  -1.09611  -16.51580 1.000 13.78000 ? 96  VAL A C   1 
ATOM   737  O O   . VAL A 1 99  ? -2.66355  -0.94383  -15.56235 1.000 19.79000 ? 96  VAL A O   1 
ATOM   738  C CB  . VAL A 1 99  ? -3.85097  1.26023   -17.25507 1.000 16.74000 ? 96  VAL A CB  1 
ATOM   739  C CG1 . VAL A 1 99  ? -2.86878  1.01974   -18.40693 1.000 18.96000 ? 96  VAL A CG1 1 
ATOM   740  C CG2 . VAL A 1 99  ? -4.92546  2.27721   -17.64910 1.000 18.07000 ? 96  VAL A CG2 1 
ATOM   741  N N   . GLU A 1 100 ? -3.33475  -2.15413  -17.31780 1.000 14.83000 ? 97  GLU A N   1 
ATOM   742  C CA  . GLU A 1 100 ? -2.20429  -3.06255  -17.17641 1.000 13.26000 ? 97  GLU A CA  1 
ATOM   743  C C   . GLU A 1 100 ? -1.04211  -2.52833  -17.98535 1.000 14.36000 ? 97  GLU A C   1 
ATOM   744  O O   . GLU A 1 100 ? -1.19744  -2.11903  -19.13940 1.000 15.09000 ? 97  GLU A O   1 
ATOM   745  C CB  . GLU A 1 100 ? -2.53001  -4.49825  -17.61050 1.000 22.05000 ? 97  GLU A CB  1 
ATOM   746  C CG  . GLU A 1 100 ? -1.29030  -5.39199  -17.59025 1.000 18.89000 ? 97  GLU A CG  1 
ATOM   747  C CD  . GLU A 1 100 ? -1.57805  -6.85295  -17.89718 1.000 25.20000 ? 97  GLU A CD  1 
ATOM   748  O OE1 . GLU A 1 100 ? -2.73118  -7.17207  -18.21866 1.000 26.42000 ? 97  GLU A OE1 1 
ATOM   749  O OE2 . GLU A 1 100 ? -0.64072  -7.67752  -17.82883 1.000 24.83000 ? 97  GLU A OE2 1 
ATOM   750  N N   . SER A 1 101 ? 0.12567   -2.52572  -17.36235 1.000 17.19000 ? 98  SER A N   1 
ATOM   751  C CA  . SER A 1 101 ? 1.33607   -2.05139  -18.00888 1.000 17.07000 ? 98  SER A CA  1 
ATOM   752  C C   . SER A 1 101 ? 2.43487   -3.09943  -17.94378 1.000 24.03000 ? 98  SER A C   1 
ATOM   753  O O   . SER A 1 101 ? 2.24607   -4.18362  -17.38463 1.000 21.49000 ? 98  SER A O   1 
ATOM   754  C CB  . SER A 1 101 ? 1.82019   -0.77589  -17.33928 1.000 15.05000 ? 98  SER A CB  1 
ATOM   755  O OG  . SER A 1 101 ? 2.17285   -1.06054  -15.98850 1.000 18.76000 ? 98  SER A OG  1 
ATOM   756  N N   . ASP A 1 102 ? 3.59467   -2.74938  -18.49483 1.000 19.97000 ? 99  ASP A N   1 
ATOM   757  C CA  . ASP A 1 102 ? 4.78702   -3.57186  -18.38490 1.000 21.35000 ? 99  ASP A CA  1 
ATOM   758  C C   . ASP A 1 102 ? 5.12923   -3.83273  -16.92631 1.000 18.34000 ? 99  ASP A C   1 
ATOM   759  O O   . ASP A 1 102 ? 5.66790   -4.88133  -16.59709 1.000 32.88000 ? 99  ASP A O   1 
ATOM   760  C CB  . ASP A 1 102 ? 5.97907   -2.90486  -19.09934 1.000 20.87000 ? 99  ASP A CB  1 
ATOM   761  C CG  . ASP A 1 102 ? 6.38099   -1.55475  -18.47740 1.000 28.25000 ? 99  ASP A CG  1 
ATOM   762  O OD1 . ASP A 1 102 ? 5.50069   -0.81292  -17.97634 1.000 21.69000 ? 99  ASP A OD1 1 
ATOM   763  O OD2 . ASP A 1 102 ? 7.59140   -1.22572  -18.49431 1.000 30.28000 ? 99  ASP A OD2 1 
ATOM   764  N N   . GLU A 1 103 ? 4.80120   -2.88186  -16.05551 1.000 16.62000 ? 100 GLU A N   1 
ATOM   765  C CA  . GLU A 1 103 ? 5.22496   -2.93521  -14.65413 1.000 18.91000 ? 100 GLU A CA  1 
ATOM   766  C C   . GLU A 1 103 ? 4.21380   -3.59699  -13.71861 1.000 22.17000 ? 100 GLU A C   1 
ATOM   767  O O   . GLU A 1 103 ? 4.58954   -4.15188  -12.68004 1.000 18.02000 ? 100 GLU A O   1 
ATOM   768  C CB  . GLU A 1 103 ? 5.51076   -1.52115  -14.14377 1.000 14.71000 ? 100 GLU A CB  1 
ATOM   769  C CG  . GLU A 1 103 ? 6.67166   -0.80607  -14.82566 1.000 41.95000 ? 100 GLU A CG  1 
ATOM   770  C CD  . GLU A 1 103 ? 8.02057   -1.14660  -14.21105 1.000 43.34000 ? 100 GLU A CD  1 
ATOM   771  O OE1 . GLU A 1 103 ? 8.04379   -1.79531  -13.14054 1.000 54.34000 ? 100 GLU A OE1 1 
ATOM   772  O OE2 . GLU A 1 103 ? 9.05848   -0.76380  -14.79710 1.000 44.93000 ? 100 GLU A OE2 1 
ATOM   773  N N   . MET A 1 104 ? 2.93782   -3.53895  -14.08090 1.000 15.91000 ? 101 MET A N   1 
ATOM   774  C CA  . MET A 1 104 ? 1.87611   -3.81304  -13.11490 1.000 17.68000 ? 101 MET A CA  1 
ATOM   775  C C   . MET A 1 104 ? 0.63032   -4.41214  -13.76926 1.000 20.18000 ? 101 MET A C   1 
ATOM   776  O O   . MET A 1 104 ? 0.17311   -3.93093  -14.81117 1.000 16.41000 ? 101 MET A O   1 
ATOM   777  C CB  . MET A 1 104 ? 1.52598   -2.50657  -12.38504 1.000 17.54000 ? 101 MET A CB  1 
ATOM   778  C CG  . MET A 1 104 ? 0.71659   -2.66941  -11.11625 1.000 25.78000 ? 101 MET A CG  1 
ATOM   779  S SD  . MET A 1 104 ? 1.70388   -3.33065  -9.75326  1.000 25.04000 ? 101 MET A SD  1 
ATOM   780  C CE  . MET A 1 104 ? 2.36293   -1.83235  -9.00865  1.000 23.64000 ? 101 MET A CE  1 
ATOM   781  N N   . ARG A 1 105 ? 0.09112   -5.46590  -13.16228 1.000 15.48000 ? 102 ARG A N   1 
ATOM   782  C CA  . ARG A 1 105 ? -1.14800  -6.08511  -13.62776 1.000 14.44000 ? 102 ARG A CA  1 
ATOM   783  C C   . ARG A 1 105 ? -2.23481  -5.96231  -12.54980 1.000 19.85000 ? 102 ARG A C   1 
ATOM   784  O O   . ARG A 1 105 ? -2.26752  -6.73619  -11.59773 1.000 16.19000 ? 102 ARG A O   1 
ATOM   785  C CB  . ARG A 1 105 ? -0.90697  -7.55678  -13.99089 1.000 17.33000 ? 102 ARG A CB  1 
ATOM   786  C CG  . ARG A 1 105 ? -2.15143  -8.34180  -14.39513 1.000 21.68000 ? 102 ARG A CG  1 
ATOM   787  C CD  . ARG A 1 105 ? -1.79152  -9.70888  -14.99867 1.000 17.39000 ? 102 ARG A CD  1 
ATOM   788  N NE  . ARG A 1 105 ? -1.08279  -10.59715 -14.06764 1.000 14.26000 ? 102 ARG A NE  1 
ATOM   789  C CZ  . ARG A 1 105 ? -1.68436  -11.49624 -13.28884 1.000 15.03000 ? 102 ARG A CZ  1 
ATOM   790  N NH1 . ARG A 1 105 ? -3.00342  -11.60460 -13.30508 1.000 19.13000 ? 102 ARG A NH1 1 
ATOM   791  N NH2 . ARG A 1 105 ? -0.97251  -12.27131 -12.47616 1.000 23.58000 ? 102 ARG A NH2 1 
ATOM   792  N N   . PRO A 1 106 ? -3.12091  -4.96952  -12.69437 1.000 15.73000 ? 103 PRO A N   1 
ATOM   793  C CA  . PRO A 1 106 ? -4.19824  -4.74206  -11.72180 1.000 15.77000 ? 103 PRO A CA  1 
ATOM   794  C C   . PRO A 1 106 ? -5.31343  -5.79575  -11.81696 1.000 19.12000 ? 103 PRO A C   1 
ATOM   795  O O   . PRO A 1 106 ? -5.63294  -6.28579  -12.90927 1.000 17.60000 ? 103 PRO A O   1 
ATOM   796  C CB  . PRO A 1 106 ? -4.73455  -3.34676  -12.09571 1.000 18.99000 ? 103 PRO A CB  1 
ATOM   797  C CG  . PRO A 1 106 ? -3.69272  -2.73901  -13.03186 1.000 30.17000 ? 103 PRO A CG  1 
ATOM   798  C CD  . PRO A 1 106 ? -3.08101  -3.92608  -13.73765 1.000 23.28000 ? 103 PRO A CD  1 
ATOM   799  N N   . CYS A 1 107 ? -5.88565  -6.14060  -10.66483 1.000 15.66000 ? 104 CYS A N   1 
ATOM   800  C CA  A CYS A 1 107 ? -7.00443  -7.08062  -10.58115 0.550 13.93000 ? 104 CYS A CA  1 
ATOM   801  C CA  B CYS A 1 107 ? -7.01406  -7.05762  -10.60073 0.450 13.94000 ? 104 CYS A CA  1 
ATOM   802  C C   . CYS A 1 107 ? -7.84604  -6.74417  -9.36477  1.000 11.55000 ? 104 CYS A C   1 
ATOM   803  O O   . CYS A 1 107 ? -7.30138  -6.39224  -8.32680  1.000 12.23000 ? 104 CYS A O   1 
ATOM   804  C CB  A CYS A 1 107 ? -6.52572  -8.53500  -10.47423 0.550 19.11000 ? 104 CYS A CB  1 
ATOM   805  C CB  B CYS A 1 107 ? -6.53464  -8.51117  -10.56813 0.450 19.16000 ? 104 CYS A CB  1 
ATOM   806  S SG  A CYS A 1 107 ? -6.00136  -9.31532  -12.01963 0.550 21.34000 ? 104 CYS A SG  1 
ATOM   807  S SG  B CYS A 1 107 ? -7.80923  -9.72559  -10.92707 0.450 26.65000 ? 104 CYS A SG  1 
ATOM   808  N N   . TRP A 1 108 ? -9.17035  -6.85183  -9.50003  1.000 16.05000 ? 105 TRP A N   1 
ATOM   809  C CA  . TRP A 1 108 ? -10.06556 -6.68138  -8.36896  1.000 13.08000 ? 105 TRP A CA  1 
ATOM   810  C C   . TRP A 1 108 ? -10.16917 -8.00987  -7.61900  1.000 23.59000 ? 105 TRP A C   1 
ATOM   811  O O   . TRP A 1 108 ? -10.15197 -9.07737  -8.24111  1.000 17.03000 ? 105 TRP A O   1 
ATOM   812  C CB  . TRP A 1 108 ? -11.44866 -6.21939  -8.82819  1.000 12.96000 ? 105 TRP A CB  1 
ATOM   813  C CG  . TRP A 1 108 ? -11.50157 -4.84366  -9.41377  1.000 15.62000 ? 105 TRP A CG  1 
ATOM   814  C CD1 . TRP A 1 108 ? -11.54718 -4.52450  -10.73611 1.000 16.99000 ? 105 TRP A CD1 1 
ATOM   815  C CD2 . TRP A 1 108 ? -11.55091 -3.60097  -8.69803  1.000 15.39000 ? 105 TRP A CD2 1 
ATOM   816  N NE1 . TRP A 1 108 ? -11.61425 -3.15876  -10.88975 1.000 18.33000 ? 105 TRP A NE1 1 
ATOM   817  C CE2 . TRP A 1 108 ? -11.62921 -2.57081  -9.65440  1.000 16.10000 ? 105 TRP A CE2 1 
ATOM   818  C CE3 . TRP A 1 108 ? -11.54284 -3.26206  -7.34092  1.000 18.80000 ? 105 TRP A CE3 1 
ATOM   819  C CZ2 . TRP A 1 108 ? -11.68166 -1.22360  -9.30080  1.000 18.42000 ? 105 TRP A CZ2 1 
ATOM   820  C CZ3 . TRP A 1 108 ? -11.60914 -1.92096  -6.98933  1.000 16.71000 ? 105 TRP A CZ3 1 
ATOM   821  C CH2 . TRP A 1 108 ? -11.67820 -0.91924  -7.96618  1.000 16.69000 ? 105 TRP A CH2 1 
ATOM   822  N N   . PHE A 1 109 ? -10.25884 -7.93306  -6.29055  1.000 10.12000 ? 106 PHE A N   1 
ATOM   823  C CA  . PHE A 1 109 ? -10.45177 -9.08981  -5.42026  1.000 14.24000 ? 106 PHE A CA  1 
ATOM   824  C C   . PHE A 1 109 ? -11.63794 -8.86809  -4.49924  1.000 17.21000 ? 106 PHE A C   1 
ATOM   825  O O   . PHE A 1 109 ? -11.76459 -7.80107  -3.88762  1.000 15.91000 ? 106 PHE A O   1 
ATOM   826  C CB  . PHE A 1 109 ? -9.19703  -9.36400  -4.57534  1.000 12.58000 ? 106 PHE A CB  1 
ATOM   827  C CG  . PHE A 1 109 ? -8.00106  -9.78916  -5.39042  1.000 11.95000 ? 106 PHE A CG  1 
ATOM   828  C CD1 . PHE A 1 109 ? -7.16508  -8.84141  -5.93937  1.000 11.76000 ? 106 PHE A CD1 1 
ATOM   829  C CD2 . PHE A 1 109 ? -7.72446  -11.12870 -5.60259  1.000 11.74000 ? 106 PHE A CD2 1 
ATOM   830  C CE1 . PHE A 1 109 ? -6.06855  -9.21037  -6.70220  1.000 15.43000 ? 106 PHE A CE1 1 
ATOM   831  C CE2 . PHE A 1 109 ? -6.61918  -11.51690 -6.35922  1.000 13.55000 ? 106 PHE A CE2 1 
ATOM   832  C CZ  . PHE A 1 109 ? -5.79454  -10.55176 -6.91531  1.000 10.52000 ? 106 PHE A CZ  1 
ATOM   833  N N   . GLN A 1 110 ? -12.51158 -9.86653  -4.41801  1.000 17.01000 ? 107 GLN A N   1 
ATOM   834  C CA  . GLN A 1 110 ? -13.58663 -9.86970  -3.42962  1.000 25.57000 ? 107 GLN A CA  1 
ATOM   835  C C   . GLN A 1 110 ? -12.91159 -9.88395  -2.06973  1.000 16.20000 ? 107 GLN A C   1 
ATOM   836  O O   . GLN A 1 110 ? -11.83205 -10.45731 -1.93783  1.000 15.38000 ? 107 GLN A O   1 
ATOM   837  C CB  . GLN A 1 110 ? -14.49473 -11.08860 -3.60469  1.000 26.29000 ? 107 GLN A CB  1 
ATOM   838  C CG  . GLN A 1 110 ? -15.27906 -11.08505 -4.89964  1.000 26.70000 ? 107 GLN A CG  1 
ATOM   839  C CD  . GLN A 1 110 ? -16.17010 -9.87316  -5.00601  1.000 35.52000 ? 107 GLN A CD  1 
ATOM   840  O OE1 . GLN A 1 110 ? -17.01261 -9.64263  -4.13922  1.000 39.15000 ? 107 GLN A OE1 1 
ATOM   841  N NE2 . GLN A 1 110 ? -15.98278 -9.07959  -6.05561  1.000 30.36000 ? 107 GLN A NE2 1 
ATOM   842  N N   . LEU A 1 111 ? -13.51697 -9.26101  -1.06368  1.000 20.13000 ? 108 LEU A N   1 
ATOM   843  C CA  . LEU A 1 111 ? -12.80112 -9.06748  0.19773   1.000 18.35000 ? 108 LEU A CA  1 
ATOM   844  C C   . LEU A 1 111 ? -12.45535 -10.39081 0.88109   1.000 19.10000 ? 108 LEU A C   1 
ATOM   845  O O   . LEU A 1 111 ? -11.42961 -10.49525 1.55282   1.000 22.48000 ? 108 LEU A O   1 
ATOM   846  C CB  . LEU A 1 111 ? -13.60565 -8.18484  1.14325   1.000 18.06000 ? 108 LEU A CB  1 
ATOM   847  C CG  . LEU A 1 111 ? -13.97580 -6.82780  0.54736   1.000 20.44000 ? 108 LEU A CG  1 
ATOM   848  C CD1 . LEU A 1 111 ? -14.72774 -6.00300  1.56760   1.000 22.61000 ? 108 LEU A CD1 1 
ATOM   849  C CD2 . LEU A 1 111 ? -12.72807 -6.10680  0.09188   1.000 18.20000 ? 108 LEU A CD2 1 
ATOM   850  N N   . ASP A 1 112 ? -13.28590 -11.40507 0.67165   1.000 16.63000 ? 109 ASP A N   1 
ATOM   851  C CA  . ASP A 1 112 ? -13.04072 -12.73149 1.24933   1.000 20.19000 ? 109 ASP A CA  1 
ATOM   852  C C   . ASP A 1 112 ? -12.05030 -13.54922 0.42762   1.000 23.48000 ? 109 ASP A C   1 
ATOM   853  O O   . ASP A 1 112 ? -11.73121 -14.68625 0.77728   1.000 20.33000 ? 109 ASP A O   1 
ATOM   854  C CB  . ASP A 1 112 ? -14.35687 -13.50627 1.38314   1.000 22.22000 ? 109 ASP A CB  1 
ATOM   855  C CG  . ASP A 1 112 ? -15.30570 -12.88030 2.38492   1.000 37.49000 ? 109 ASP A CG  1 
ATOM   856  O OD1 . ASP A 1 112 ? -14.84262 -12.12913 3.27168   1.000 39.88000 ? 109 ASP A OD1 1 
ATOM   857  O OD2 . ASP A 1 112 ? -16.52049 -13.14730 2.28229   1.000 50.45000 ? 109 ASP A OD2 1 
ATOM   858  N N   . GLN A 1 113 ? -11.56215 -12.96935 -0.66594  1.000 21.05000 ? 110 GLN A N   1 
ATOM   859  C CA  . GLN A 1 113 ? -10.61962 -13.66047 -1.53826  1.000 16.12000 ? 110 GLN A CA  1 
ATOM   860  C C   . GLN A 1 113 ? -9.33633  -12.83970 -1.73111  1.000 13.31000 ? 110 GLN A C   1 
ATOM   861  O O   . GLN A 1 113 ? -8.64724  -12.95654 -2.74789  1.000 17.92000 ? 110 GLN A O   1 
ATOM   862  C CB  . GLN A 1 113 ? -11.26980 -13.96449 -2.89561  1.000 23.22000 ? 110 GLN A CB  1 
ATOM   863  C CG  . GLN A 1 113 ? -12.59897 -14.71105 -2.79396  1.000 24.09000 ? 110 GLN A CG  1 
ATOM   864  C CD  . GLN A 1 113 ? -13.11684 -15.16299 -4.14722  1.000 35.27000 ? 110 GLN A CD  1 
ATOM   865  O OE1 . GLN A 1 113 ? -13.11528 -14.39942 -5.11762  1.000 46.64000 ? 110 GLN A OE1 1 
ATOM   866  N NE2 . GLN A 1 113 ? -13.55731 -16.41373 -4.22302  1.000 37.75000 ? 110 GLN A NE2 1 
ATOM   867  N N   . ILE A 1 114 ? -8.99923  -12.02394 -0.74016  1.000 15.31000 ? 111 ILE A N   1 
ATOM   868  C CA  . ILE A 1 114 ? -7.73859  -11.27717 -0.79338  1.000 18.48000 ? 111 ILE A CA  1 
ATOM   869  C C   . ILE A 1 114 ? -6.55754  -12.26875 -0.70614  1.000 13.75000 ? 111 ILE A C   1 
ATOM   870  O O   . ILE A 1 114 ? -6.53908  -13.12994 0.18242   1.000 13.88000 ? 111 ILE A O   1 
ATOM   871  C CB  . ILE A 1 114 ? -7.70120  -10.22601 0.32917   1.000 17.90000 ? 111 ILE A CB  1 
ATOM   872  C CG1 . ILE A 1 114 ? -8.77359  -9.15545  0.06143   1.000 13.99000 ? 111 ILE A CG1 1 
ATOM   873  C CG2 . ILE A 1 114 ? -6.33010  -9.57845  0.43799   1.000 12.45000 ? 111 ILE A CG2 1 
ATOM   874  C CD1 . ILE A 1 114 ? -9.05155  -8.24755  1.23086   1.000 23.91000 ? 111 ILE A CD1 1 
ATOM   875  N N   . PRO A 1 115 ? -5.60500  -12.19764 -1.66445  1.000 13.98000 ? 112 PRO A N   1 
ATOM   876  C CA  . PRO A 1 115 ? -4.58051  -13.23510 -1.83936  1.000 16.70000 ? 112 PRO A CA  1 
ATOM   877  C C   . PRO A 1 115 ? -3.38052  -13.09761 -0.91583  1.000 18.55000 ? 112 PRO A C   1 
ATOM   878  O O   . PRO A 1 115 ? -2.25101  -12.92728 -1.39804  1.000 18.24000 ? 112 PRO A O   1 
ATOM   879  C CB  . PRO A 1 115 ? -4.13622  -13.04069 -3.28845  1.000 17.70000 ? 112 PRO A CB  1 
ATOM   880  C CG  . PRO A 1 115 ? -4.30578  -11.58964 -3.51642  1.000 17.32000 ? 112 PRO A CG  1 
ATOM   881  C CD  . PRO A 1 115 ? -5.58877  -11.24064 -2.78497  1.000 11.19000 ? 112 PRO A CD  1 
ATOM   882  N N   . PHE A 1 116 ? -3.60933  -13.21536 0.38647   1.000 14.21000 ? 113 PHE A N   1 
ATOM   883  C CA  . PHE A 1 116 ? -2.56288  -12.92138 1.37040   1.000 18.84000 ? 113 PHE A CA  1 
ATOM   884  C C   . PHE A 1 116 ? -1.28925  -13.75904 1.22139   1.000 18.19000 ? 113 PHE A C   1 
ATOM   885  O O   . PHE A 1 116 ? -0.19052  -13.31009 1.55234   1.000 15.10000 ? 113 PHE A O   1 
ATOM   886  C CB  . PHE A 1 116 ? -3.12851  -13.08603 2.78039   1.000 14.97000 ? 113 PHE A CB  1 
ATOM   887  C CG  . PHE A 1 116 ? -4.09742  -12.00668 3.16102   1.000 15.36000 ? 113 PHE A CG  1 
ATOM   888  C CD1 . PHE A 1 116 ? -3.64149  -10.71657 3.44201   1.000 15.51000 ? 113 PHE A CD1 1 
ATOM   889  C CD2 . PHE A 1 116 ? -5.45607  -12.26124 3.20961   1.000 19.27000 ? 113 PHE A CD2 1 
ATOM   890  C CE1 . PHE A 1 116 ? -4.53110  -9.70349  3.77852   1.000 16.22000 ? 113 PHE A CE1 1 
ATOM   891  C CE2 . PHE A 1 116 ? -6.35846  -11.26092 3.55205   1.000 24.23000 ? 113 PHE A CE2 1 
ATOM   892  C CZ  . PHE A 1 116 ? -5.89682  -9.97784  3.83748   1.000 20.32000 ? 113 PHE A CZ  1 
ATOM   893  N N   . LYS A 1 117 ? -1.43154  -14.97160 0.70431   1.000 17.14000 ? 114 LYS A N   1 
ATOM   894  C CA  . LYS A 1 117 ? -0.30200  -15.87264 0.56669   1.000 16.94000 ? 114 LYS A CA  1 
ATOM   895  C C   . LYS A 1 117 ? 0.64274   -15.34731 -0.50313  1.000 20.26000 ? 114 LYS A C   1 
ATOM   896  O O   . LYS A 1 117 ? 1.81191   -15.70867 -0.53526  1.000 15.02000 ? 114 LYS A O   1 
ATOM   897  C CB  . LYS A 1 117 ? -0.76096  -17.29862 0.21682   1.000 25.53000 ? 114 LYS A CB  1 
ATOM   898  C CG  . LYS A 1 117 ? -1.86149  -17.92888 1.14602   1.000 49.74000 ? 114 LYS A CG  1 
ATOM   899  C CD  . LYS A 1 117 ? -3.19381  -17.14116 1.21062   1.000 51.30000 ? 114 LYS A CD  1 
ATOM   900  C CE  . LYS A 1 117 ? -4.45154  -18.00431 1.33180   1.000 62.49000 ? 114 LYS A CE  1 
ATOM   901  N NZ  . LYS A 1 117 ? -5.62421  -17.09476 1.21794   1.000 57.32000 ? 114 LYS A NZ  1 
ATOM   902  N N   . ASP A 1 118 ? 0.12276   -14.47488 -1.36771  1.000 15.74000 ? 115 ASP A N   1 
ATOM   903  C CA  . ASP A 1 118 ? 0.92425   -13.87201 -2.42969  1.000 15.85000 ? 115 ASP A CA  1 
ATOM   904  C C   . ASP A 1 118 ? 0.99370   -12.35079 -2.28380  1.000 14.05000 ? 115 ASP A C   1 
ATOM   905  O O   . ASP A 1 118 ? 1.02657   -11.61772 -3.27709  1.000 12.30000 ? 115 ASP A O   1 
ATOM   906  C CB  . ASP A 1 118 ? 0.38016   -14.24599 -3.81586  1.000 17.05000 ? 115 ASP A CB  1 
ATOM   907  C CG  . ASP A 1 118 ? 1.35411   -13.88844 -4.93818  1.000 26.36000 ? 115 ASP A CG  1 
ATOM   908  O OD1 . ASP A 1 118 ? 2.57886   -13.83265 -4.68114  1.000 21.85000 ? 115 ASP A OD1 1 
ATOM   909  O OD2 . ASP A 1 118 ? 0.90042   -13.64352 -6.07384  1.000 23.97000 ? 115 ASP A OD2 1 
ATOM   910  N N   . MET A 1 119 ? 1.02924   -11.89225 -1.03332  1.000 9.69000  ? 116 MET A N   1 
ATOM   911  C CA  . MET A 1 119 ? 1.20487   -10.48723 -0.69641  1.000 13.58000 ? 116 MET A CA  1 
ATOM   912  C C   . MET A 1 119 ? 2.31564   -10.38260 0.34272   1.000 14.95000 ? 116 MET A C   1 
ATOM   913  O O   . MET A 1 119 ? 2.71645   -11.39587 0.90887   1.000 14.05000 ? 116 MET A O   1 
ATOM   914  C CB  . MET A 1 119 ? -0.10164  -9.88421  -0.15740  1.000 10.92000 ? 116 MET A CB  1 
ATOM   915  C CG  . MET A 1 119 ? -1.21876  -9.86361  -1.19002  1.000 11.68000 ? 116 MET A CG  1 
ATOM   916  S SD  . MET A 1 119 ? -2.89596  -9.72697  -0.55784  1.000 13.71000 ? 116 MET A SD  1 
ATOM   917  C CE  . MET A 1 119 ? -2.91449  -8.09300  0.16184   1.000 15.29000 ? 116 MET A CE  1 
ATOM   918  N N   . TRP A 1 120 ? 2.82094   -9.17362  0.59210   1.000 12.04000 ? 117 TRP A N   1 
ATOM   919  C CA  . TRP A 1 120 ? 3.79641   -9.00252  1.66533   1.000 10.59000 ? 117 TRP A CA  1 
ATOM   920  C C   . TRP A 1 120 ? 3.17604   -9.51839  2.95726   1.000 12.60000 ? 117 TRP A C   1 
ATOM   921  O O   . TRP A 1 120 ? 2.00176   -9.28748  3.20809   1.000 11.59000 ? 117 TRP A O   1 
ATOM   922  C CB  . TRP A 1 120 ? 4.20406   -7.53706  1.80915   1.000 13.58000 ? 117 TRP A CB  1 
ATOM   923  C CG  . TRP A 1 120 ? 5.06066   -7.03507  0.69828   1.000 16.99000 ? 117 TRP A CG  1 
ATOM   924  C CD1 . TRP A 1 120 ? 4.64274   -6.52340  -0.50931  1.000 15.18000 ? 117 TRP A CD1 1 
ATOM   925  C CD2 . TRP A 1 120 ? 6.48298   -6.98527  0.68602   1.000 10.79000 ? 117 TRP A CD2 1 
ATOM   926  N NE1 . TRP A 1 120 ? 5.73446   -6.16428  -1.26691  1.000 18.72000 ? 117 TRP A NE1 1 
ATOM   927  C CE2 . TRP A 1 120 ? 6.87289   -6.44584  -0.55766  1.000 19.51000 ? 117 TRP A CE2 1 
ATOM   928  C CE3 . TRP A 1 120 ? 7.47241   -7.35980  1.59923   1.000 16.98000 ? 117 TRP A CE3 1 
ATOM   929  C CZ2 . TRP A 1 120 ? 8.21091   -6.26739  -0.90304  1.000 17.26000 ? 117 TRP A CZ2 1 
ATOM   930  C CZ3 . TRP A 1 120 ? 8.79968   -7.17023  1.25627   1.000 20.65000 ? 117 TRP A CZ3 1 
ATOM   931  C CH2 . TRP A 1 120 ? 9.15430   -6.63099  0.01538   1.000 20.66000 ? 117 TRP A CH2 1 
ATOM   932  N N   . PRO A 1 121 ? 3.95704   -10.23498 3.77003   1.000 11.13000 ? 118 PRO A N   1 
ATOM   933  C CA  . PRO A 1 121 ? 3.41269   -10.89789 4.95625   1.000 12.43000 ? 118 PRO A CA  1 
ATOM   934  C C   . PRO A 1 121 ? 2.81204   -9.94984  5.98701   1.000 12.26000 ? 118 PRO A C   1 
ATOM   935  O O   . PRO A 1 121 ? 1.90640   -10.37391 6.68607   1.000 13.62000 ? 118 PRO A O   1 
ATOM   936  C CB  . PRO A 1 121 ? 4.63055   -11.62303 5.54580   1.000 14.25000 ? 118 PRO A CB  1 
ATOM   937  C CG  . PRO A 1 121 ? 5.81927   -10.93509 4.95906   1.000 18.00000 ? 118 PRO A CG  1 
ATOM   938  C CD  . PRO A 1 121 ? 5.38893   -10.52348 3.58036   1.000 13.80000 ? 118 PRO A CD  1 
ATOM   939  N N   . ASP A 1 122 ? 3.29186   -8.71096  6.08722   1.000 10.98000 ? 119 ASP A N   1 
ATOM   940  C CA  . ASP A 1 122 ? 2.70944   -7.76397  7.04175   1.000 9.73000  ? 119 ASP A CA  1 
ATOM   941  C C   . ASP A 1 122 ? 1.23585   -7.43920  6.72348   1.000 11.51000 ? 119 ASP A C   1 
ATOM   942  O O   . ASP A 1 122 ? 0.48909   -6.99057  7.59930   1.000 12.33000 ? 119 ASP A O   1 
ATOM   943  C CB  . ASP A 1 122 ? 3.53778   -6.46402  7.08240   1.000 8.80000  ? 119 ASP A CB  1 
ATOM   944  C CG  . ASP A 1 122 ? 3.68273   -5.81347  5.70413   1.000 7.11000  ? 119 ASP A CG  1 
ATOM   945  O OD1 . ASP A 1 122 ? 4.40851   -6.36414  4.85547   1.000 12.31000 ? 119 ASP A OD1 1 
ATOM   946  O OD2 . ASP A 1 122 ? 3.08225   -4.74757  5.47307   1.000 13.19000 ? 119 ASP A OD2 1 
ATOM   947  N N   . ASP A 1 123 ? 0.82495   -7.64198  5.47385   1.000 9.78000  ? 120 ASP A N   1 
ATOM   948  C CA  . ASP A 1 123 ? -0.54562  -7.33410  5.04645   1.000 14.92000 ? 120 ASP A CA  1 
ATOM   949  C C   . ASP A 1 123 ? -1.59618  -8.04894  5.89215   1.000 10.57000 ? 120 ASP A C   1 
ATOM   950  O O   . ASP A 1 123 ? -2.63468  -7.47552  6.22979   1.000 13.29000 ? 120 ASP A O   1 
ATOM   951  C CB  . ASP A 1 123 ? -0.75332  -7.71047  3.58127   1.000 7.96000  ? 120 ASP A CB  1 
ATOM   952  C CG  . ASP A 1 123 ? -0.07761  -6.74173  2.62885   1.000 12.41000 ? 120 ASP A CG  1 
ATOM   953  O OD1 . ASP A 1 123 ? 0.51406   -5.75579  3.10888   1.000 13.34000 ? 120 ASP A OD1 1 
ATOM   954  O OD2 . ASP A 1 123 ? -0.15051  -6.95586  1.39668   1.000 14.07000 ? 120 ASP A OD2 1 
ATOM   955  N N   . SER A 1 124 ? -1.31911  -9.30904  6.20801   1.000 14.18000 ? 121 SER A N   1 
ATOM   956  C CA  . SER A 1 124 ? -2.22909  -10.13438 7.00021   1.000 18.46000 ? 121 SER A CA  1 
ATOM   957  C C   . SER A 1 124 ? -2.51241  -9.52096  8.36464   1.000 17.04000 ? 121 SER A C   1 
ATOM   958  O O   . SER A 1 124 ? -3.56423  -9.79086  8.97866   1.000 15.69000 ? 121 SER A O   1 
ATOM   959  C CB  . SER A 1 124 ? -1.64394  -11.53993 7.16251   1.000 17.77000 ? 121 SER A CB  1 
ATOM   960  O OG  . SER A 1 124 ? -1.43403  -12.12264 5.88807   1.000 27.67000 ? 121 SER A OG  1 
ATOM   961  N N   . TYR A 1 125 ? -1.57970  -8.68591  8.83022   1.000 11.99000 ? 122 TYR A N   1 
ATOM   962  C CA  . TYR A 1 125 ? -1.73757  -7.96178  10.09117  1.000 14.70000 ? 122 TYR A CA  1 
ATOM   963  C C   . TYR A 1 125 ? -2.60184  -6.70286  10.03116  1.000 19.71000 ? 122 TYR A C   1 
ATOM   964  O O   . TYR A 1 125 ? -3.46987  -6.51795  10.88666  1.000 14.93000 ? 122 TYR A O   1 
ATOM   965  C CB  . TYR A 1 125 ? -0.36499  -7.57928  10.65152  1.000 10.76000 ? 122 TYR A CB  1 
ATOM   966  C CG  . TYR A 1 125 ? 0.39687   -8.79564  11.13214  1.000 13.21000 ? 122 TYR A CG  1 
ATOM   967  C CD1 . TYR A 1 125 ? 0.18969   -9.29078  12.41115  1.000 30.41000 ? 122 TYR A CD1 1 
ATOM   968  C CD2 . TYR A 1 125 ? 1.27325   -9.46520  10.30663  1.000 18.43000 ? 122 TYR A CD2 1 
ATOM   969  C CE1 . TYR A 1 125 ? 0.85539   -10.40073 12.86250  1.000 33.29000 ? 122 TYR A CE1 1 
ATOM   970  C CE2 . TYR A 1 125 ? 1.95290   -10.59392 10.75328  1.000 20.30000 ? 122 TYR A CE2 1 
ATOM   971  C CZ  . TYR A 1 125 ? 1.73832   -11.04899 12.03351  1.000 28.81000 ? 122 TYR A CZ  1 
ATOM   972  O OH  . TYR A 1 125 ? 2.39557   -12.16397 12.49768  1.000 35.48000 ? 122 TYR A OH  1 
ATOM   973  N N   . TRP A 1 126 ? -2.35321  -5.81324  9.07241   1.000 14.37000 ? 123 TRP A N   1 
ATOM   974  C CA  . TRP A 1 126 ? -3.09371  -4.55444  9.08001   1.000 9.39000  ? 123 TRP A CA  1 
ATOM   975  C C   . TRP A 1 126 ? -4.23290  -4.48075  8.07281   1.000 16.68000 ? 123 TRP A C   1 
ATOM   976  O O   . TRP A 1 126 ? -5.06868  -3.58954  8.18841   1.000 12.97000 ? 123 TRP A O   1 
ATOM   977  C CB  . TRP A 1 126 ? -2.14653  -3.34924  8.88044   1.000 11.04000 ? 123 TRP A CB  1 
ATOM   978  C CG  . TRP A 1 126 ? -1.25019  -3.40338  7.66417   1.000 11.63000 ? 123 TRP A CG  1 
ATOM   979  C CD1 . TRP A 1 126 ? 0.00977   -3.93805  7.59420   1.000 10.47000 ? 123 TRP A CD1 1 
ATOM   980  C CD2 . TRP A 1 126 ? -1.52769  -2.85904  6.37358   1.000 10.17000 ? 123 TRP A CD2 1 
ATOM   981  N NE1 . TRP A 1 126 ? 0.50654   -3.79317  6.31687   1.000 10.83000 ? 123 TRP A NE1 1 
ATOM   982  C CE2 . TRP A 1 126 ? -0.40974  -3.11886  5.55694   1.000 9.35000  ? 123 TRP A CE2 1 
ATOM   983  C CE3 . TRP A 1 126 ? -2.63223  -2.19428  5.82026   1.000 11.16000 ? 123 TRP A CE3 1 
ATOM   984  C CZ2 . TRP A 1 126 ? -0.35515  -2.73383  4.21679   1.000 15.33000 ? 123 TRP A CZ2 1 
ATOM   985  C CZ3 . TRP A 1 126 ? -2.57572  -1.80449  4.49620   1.000 13.82000 ? 123 TRP A CZ3 1 
ATOM   986  C CH2 . TRP A 1 126 ? -1.44625  -2.08315  3.70489   1.000 12.40000 ? 123 TRP A CH2 1 
ATOM   987  N N   . PHE A 1 127 ? -4.31032  -5.38803  7.09897   1.000 11.78000 ? 124 PHE A N   1 
ATOM   988  C CA  . PHE A 1 127 ? -5.51727  -5.37285  6.25368   1.000 16.28000 ? 124 PHE A CA  1 
ATOM   989  C C   . PHE A 1 127 ? -6.84462  -5.49157  7.00354   1.000 17.59000 ? 124 PHE A C   1 
ATOM   990  O O   . PHE A 1 127 ? -7.78935  -4.78871  6.65422   1.000 20.38000 ? 124 PHE A O   1 
ATOM   991  C CB  . PHE A 1 127 ? -5.49028  -6.45737  5.18290   1.000 21.50000 ? 124 PHE A CB  1 
ATOM   992  C CG  . PHE A 1 127 ? -5.05367  -5.95005  3.85843   1.000 22.18000 ? 124 PHE A CG  1 
ATOM   993  C CD1 . PHE A 1 127 ? -3.85029  -5.28882  3.73777   1.000 25.61000 ? 124 PHE A CD1 1 
ATOM   994  C CD2 . PHE A 1 127 ? -5.89583  -6.02937  2.75210   1.000 19.42000 ? 124 PHE A CD2 1 
ATOM   995  C CE1 . PHE A 1 127 ? -3.44513  -4.78693  2.52774   1.000 20.30000 ? 124 PHE A CE1 1 
ATOM   996  C CE2 . PHE A 1 127 ? -5.49357  -5.50153  1.52685   1.000 23.32000 ? 124 PHE A CE2 1 
ATOM   997  C CZ  . PHE A 1 127 ? -4.26262  -4.89498  1.41955   1.000 22.23000 ? 124 PHE A CZ  1 
ATOM   998  N N   . PRO A 1 128 ? -6.94229  -6.38797  7.99925   1.000 14.47000 ? 125 PRO A N   1 
ATOM   999  C CA  . PRO A 1 128 ? -8.19881  -6.44710  8.75621   1.000 16.29000 ? 125 PRO A CA  1 
ATOM   1000 C C   . PRO A 1 128 ? -8.57835  -5.08595  9.34682   1.000 19.83000 ? 125 PRO A C   1 
ATOM   1001 O O   . PRO A 1 128 ? -9.76200  -4.77989  9.44610   1.000 20.56000 ? 125 PRO A O   1 
ATOM   1002 C CB  . PRO A 1 128 ? -7.89135  -7.45321  9.86224   1.000 16.43000 ? 125 PRO A CB  1 
ATOM   1003 C CG  . PRO A 1 128 ? -6.90509  -8.39373  9.23322   1.000 20.00000 ? 125 PRO A CG  1 
ATOM   1004 C CD  . PRO A 1 128 ? -6.04446  -7.50807  8.35684   1.000 18.86000 ? 125 PRO A CD  1 
ATOM   1005 N N   . LEU A 1 129 ? -7.59162  -4.28032  9.72329   1.000 18.23000 ? 126 LEU A N   1 
ATOM   1006 C CA  . LEU A 1 129 ? -7.89470  -2.96070  10.27574  1.000 16.94000 ? 126 LEU A CA  1 
ATOM   1007 C C   . LEU A 1 129 ? -8.38436  -2.06373  9.15698   1.000 16.93000 ? 126 LEU A C   1 
ATOM   1008 O O   . LEU A 1 129 ? -9.42582  -1.42553  9.25813   1.000 14.85000 ? 126 LEU A O   1 
ATOM   1009 C CB  . LEU A 1 129 ? -6.66746  -2.35524  10.96943  1.000 12.67000 ? 126 LEU A CB  1 
ATOM   1010 C CG  . LEU A 1 129 ? -6.09747  -3.15901  12.13476  1.000 19.61000 ? 126 LEU A CG  1 
ATOM   1011 C CD1 . LEU A 1 129 ? -4.91363  -2.42977  12.75949  1.000 14.19000 ? 126 LEU A CD1 1 
ATOM   1012 C CD2 . LEU A 1 129 ? -7.18574  -3.40219  13.17533  1.000 28.49000 ? 126 LEU A CD2 1 
ATOM   1013 N N   . LEU A 1 130 ? -7.63571  -2.04961  8.06423   1.000 14.96000 ? 127 LEU A N   1 
ATOM   1014 C CA  . LEU A 1 130 ? -8.02227  -1.28962  6.88341   1.000 15.65000 ? 127 LEU A CA  1 
ATOM   1015 C C   . LEU A 1 130 ? -9.46912  -1.61731  6.46765   1.000 17.01000 ? 127 LEU A C   1 
ATOM   1016 O O   . LEU A 1 130 ? -10.27916 -0.71400  6.25494   1.000 14.28000 ? 127 LEU A O   1 
ATOM   1017 C CB  . LEU A 1 130 ? -7.04481  -1.58054  5.74144   1.000 15.21000 ? 127 LEU A CB  1 
ATOM   1018 C CG  . LEU A 1 130 ? -7.47171  -1.15532  4.33734   1.000 23.04000 ? 127 LEU A CG  1 
ATOM   1019 C CD1 . LEU A 1 130 ? -7.13777  0.31410   4.15001   1.000 21.74000 ? 127 LEU A CD1 1 
ATOM   1020 C CD2 . LEU A 1 130 ? -6.80721  -2.03668  3.27137   1.000 22.11000 ? 127 LEU A CD2 1 
ATOM   1021 N N   . LEU A 1 131 ? -9.79640  -2.90704  6.40362   1.000 14.97000 ? 128 LEU A N   1 
ATOM   1022 C CA  . LEU A 1 131 ? -11.11632 -3.34860  5.93918   1.000 17.23000 ? 128 LEU A CA  1 
ATOM   1023 C C   . LEU A 1 131 ? -12.25381 -2.90572  6.85561   1.000 20.54000 ? 128 LEU A C   1 
ATOM   1024 O O   . LEU A 1 131 ? -13.39668 -2.74279  6.40563   1.000 19.33000 ? 128 LEU A O   1 
ATOM   1025 C CB  . LEU A 1 131 ? -11.13954 -4.87380  5.78352   1.000 17.57000 ? 128 LEU A CB  1 
ATOM   1026 C CG  . LEU A 1 131 ? -10.21867 -5.46531  4.69904   1.000 16.27000 ? 128 LEU A CG  1 
ATOM   1027 C CD1 . LEU A 1 131 ? -10.33673 -6.98806  4.65194   1.000 20.82000 ? 128 LEU A CD1 1 
ATOM   1028 C CD2 . LEU A 1 131 ? -10.50944 -4.85590  3.32315   1.000 16.45000 ? 128 LEU A CD2 1 
ATOM   1029 N N   . GLN A 1 132 ? -11.95735 -2.72230  8.13991   1.000 18.80000 ? 129 GLN A N   1 
ATOM   1030 C CA  . GLN A 1 132 ? -12.97590 -2.26396  9.08036   1.000 20.13000 ? 129 GLN A CA  1 
ATOM   1031 C C   . GLN A 1 132 ? -12.87620 -0.76941  9.36562   1.000 18.63000 ? 129 GLN A C   1 
ATOM   1032 O O   . GLN A 1 132 ? -13.44299 -0.27828  10.34274  1.000 17.42000 ? 129 GLN A O   1 
ATOM   1033 C CB  . GLN A 1 132 ? -12.89977 -3.07500  10.37247  1.000 16.67000 ? 129 GLN A CB  1 
ATOM   1034 C CG  . GLN A 1 132 ? -13.39583 -4.52522  10.15005  1.000 17.16000 ? 129 GLN A CG  1 
ATOM   1035 C CD  . GLN A 1 132 ? -13.51163 -5.31882  11.42667  1.000 24.51000 ? 129 GLN A CD  1 
ATOM   1036 O OE1 . GLN A 1 132 ? -13.02008 -4.90117  12.47526  1.000 21.07000 ? 129 GLN A OE1 1 
ATOM   1037 N NE2 . GLN A 1 132 ? -14.17756 -6.47366  11.35002  1.000 22.23000 ? 129 GLN A NE2 1 
ATOM   1038 N N   . LYS A 1 133 ? -12.18326 -0.05270  8.48481   1.000 16.73000 ? 130 LYS A N   1 
ATOM   1039 C CA  . LYS A 1 133 ? -12.11382 1.41231   8.53447   1.000 19.29000 ? 130 LYS A CA  1 
ATOM   1040 C C   . LYS A 1 133 ? -11.46616 1.91936   9.82064   1.000 21.50000 ? 130 LYS A C   1 
ATOM   1041 O O   . LYS A 1 133 ? -11.88724 2.92949   10.39401  1.000 20.17000 ? 130 LYS A O   1 
ATOM   1042 C CB  . LYS A 1 133 ? -13.51042 2.03126   8.38044   1.000 25.53000 ? 130 LYS A CB  1 
ATOM   1043 C CG  . LYS A 1 133 ? -14.14204 1.79121   7.01662   1.000 38.65000 ? 130 LYS A CG  1 
ATOM   1044 C CD  . LYS A 1 133 ? -15.35684 2.68803   6.79457   1.000 39.22000 ? 130 LYS A CD  1 
ATOM   1045 C CE  . LYS A 1 133 ? -16.11577 2.27815   5.53521   1.000 59.72000 ? 130 LYS A CE  1 
ATOM   1046 N NZ  . LYS A 1 133 ? -16.23534 0.78276   5.41461   1.000 50.59000 ? 130 LYS A NZ  1 
ATOM   1047 N N   . LYS A 1 134 ? -10.43790 1.21517   10.27170  1.000 13.00000 ? 131 LYS A N   1 
ATOM   1048 C CA  . LYS A 1 134 ? -9.68584  1.65017   11.43746  1.000 13.15000 ? 131 LYS A CA  1 
ATOM   1049 C C   . LYS A 1 134 ? -8.39487  2.30365   10.97016  1.000 22.79000 ? 131 LYS A C   1 
ATOM   1050 O O   . LYS A 1 134 ? -7.87984  1.98489   9.89548   1.000 23.56000 ? 131 LYS A O   1 
ATOM   1051 C CB  . LYS A 1 134 ? -9.38628  0.47461   12.37072  1.000 19.87000 ? 131 LYS A CB  1 
ATOM   1052 C CG  . LYS A 1 134 ? -10.59635 -0.38137  12.69509  1.000 24.61000 ? 131 LYS A CG  1 
ATOM   1053 C CD  . LYS A 1 134 ? -11.73676 0.45435   13.21464  1.000 23.01000 ? 131 LYS A CD  1 
ATOM   1054 C CE  . LYS A 1 134 ? -12.21430 -0.06423  14.54827  1.000 41.35000 ? 131 LYS A CE  1 
ATOM   1055 N NZ  . LYS A 1 134 ? -13.31650 0.77663   15.08013  1.000 31.20000 ? 131 LYS A NZ  1 
ATOM   1056 N N   . LYS A 1 135 ? -7.88307  3.23791   11.76069  1.000 16.61000 ? 132 LYS A N   1 
ATOM   1057 C CA  . LYS A 1 135 ? -6.59398  3.85204   11.46076  1.000 18.37000 ? 132 LYS A CA  1 
ATOM   1058 C C   . LYS A 1 135 ? -5.53012  3.24543   12.35497  1.000 15.75000 ? 132 LYS A C   1 
ATOM   1059 O O   . LYS A 1 135 ? -5.82232  2.81905   13.47561  1.000 17.04000 ? 132 LYS A O   1 
ATOM   1060 C CB  . LYS A 1 135 ? -6.64586  5.36750   11.63999  1.000 16.92000 ? 132 LYS A CB  1 
ATOM   1061 C CG  . LYS A 1 135 ? -7.79065  6.01804   10.86322  1.000 15.51000 ? 132 LYS A CG  1 
ATOM   1062 C CD  . LYS A 1 135 ? -7.86564  7.50731   11.09325  1.000 21.60000 ? 132 LYS A CD  1 
ATOM   1063 C CE  . LYS A 1 135 ? -9.04108  8.11441   10.33394  1.000 38.02000 ? 132 LYS A CE  1 
ATOM   1064 N NZ  . LYS A 1 135 ? -8.93932  9.59515   10.24563  1.000 60.22000 ? 132 LYS A NZ  1 
ATOM   1065 N N   . PHE A 1 136 ? -4.29178  3.20209   11.87492  1.000 11.84000 ? 133 PHE A N   1 
ATOM   1066 C CA  . PHE A 1 136 ? -3.27417  2.49822   12.63743  1.000 14.90000 ? 133 PHE A CA  1 
ATOM   1067 C C   . PHE A 1 136 ? -1.86748  3.06333   12.46768  1.000 12.93000 ? 133 PHE A C   1 
ATOM   1068 O O   . PHE A 1 136 ? -1.57079  3.79534   11.51919  1.000 13.24000 ? 133 PHE A O   1 
ATOM   1069 C CB  . PHE A 1 136 ? -3.29299  1.00450   12.26159  1.000 14.27000 ? 133 PHE A CB  1 
ATOM   1070 C CG  . PHE A 1 136 ? -3.08923  0.75408   10.78472  1.000 12.44000 ? 133 PHE A CG  1 
ATOM   1071 C CD1 . PHE A 1 136 ? -1.81011  0.69739   10.24995  1.000 13.95000 ? 133 PHE A CD1 1 
ATOM   1072 C CD2 . PHE A 1 136 ? -4.16885  0.57853   9.94241   1.000 18.88000 ? 133 PHE A CD2 1 
ATOM   1073 C CE1 . PHE A 1 136 ? -1.61066  0.48314   8.91492   1.000 15.52000 ? 133 PHE A CE1 1 
ATOM   1074 C CE2 . PHE A 1 136 ? -3.97592  0.35910   8.58147   1.000 21.74000 ? 133 PHE A CE2 1 
ATOM   1075 C CZ  . PHE A 1 136 ? -2.69264  0.31120   8.06990   1.000 19.96000 ? 133 PHE A CZ  1 
ATOM   1076 N N   . HIS A 1 137 ? -1.03342  2.74398   13.44430  1.000 12.43000 ? 134 HIS A N   1 
ATOM   1077 C CA  . HIS A 1 137 ? 0.40034   2.96399   13.39308  1.000 13.85000 ? 134 HIS A CA  1 
ATOM   1078 C C   . HIS A 1 137 ? 1.05545   1.60875   13.53541  1.000 15.00000 ? 134 HIS A C   1 
ATOM   1079 O O   . HIS A 1 137 ? 0.75033   0.85902   14.47498  1.000 14.13000 ? 134 HIS A O   1 
ATOM   1080 C CB  . HIS A 1 137 ? 0.86790   3.90153   14.51237  1.000 16.31000 ? 134 HIS A CB  1 
ATOM   1081 C CG  . HIS A 1 137 ? 0.61361   5.34963   14.23549  1.000 13.35000 ? 134 HIS A CG  1 
ATOM   1082 N ND1 . HIS A 1 137 ? 0.90642   6.33867   15.14679  1.000 18.67000 ? 134 HIS A ND1 1 
ATOM   1083 C CD2 . HIS A 1 137 ? 0.09070   5.97374   13.15142  1.000 15.67000 ? 134 HIS A CD2 1 
ATOM   1084 C CE1 . HIS A 1 137 ? 0.58691   7.51570   14.63264  1.000 19.70000 ? 134 HIS A CE1 1 
ATOM   1085 N NE2 . HIS A 1 137 ? 0.09294   7.32095   13.42429  1.000 20.23000 ? 134 HIS A NE2 1 
ATOM   1086 N N   . GLY A 1 138 ? 1.93928   1.27814   12.59776  1.000 12.67000 ? 135 GLY A N   1 
ATOM   1087 C CA  . GLY A 1 138 ? 2.64596   0.01229   12.65512  1.000 12.89000 ? 135 GLY A CA  1 
ATOM   1088 C C   . GLY A 1 138 ? 4.14479   0.08729   12.41534  1.000 17.75000 ? 135 GLY A C   1 
ATOM   1089 O O   . GLY A 1 138 ? 4.67385   1.06322   11.86641  1.000 12.58000 ? 135 GLY A O   1 
ATOM   1090 N N   . TYR A 1 139 ? 4.83252   -0.96765  12.83864  1.000 14.57000 ? 136 TYR A N   1 
ATOM   1091 C CA  . TYR A 1 139 ? 6.26055   -1.10285  12.60446  1.000 13.22000 ? 136 TYR A CA  1 
ATOM   1092 C C   . TYR A 1 139 ? 6.54789   -2.56814  12.37796  1.000 14.59000 ? 136 TYR A C   1 
ATOM   1093 O O   . TYR A 1 139 ? 6.11286   -3.40189  13.15940  1.000 15.94000 ? 136 TYR A O   1 
ATOM   1094 C CB  . TYR A 1 139 ? 7.07736   -0.56310  13.78085  1.000 15.70000 ? 136 TYR A CB  1 
ATOM   1095 C CG  . TYR A 1 139 ? 8.50285   -1.07235  13.79832  1.000 17.74000 ? 136 TYR A CG  1 
ATOM   1096 C CD1 . TYR A 1 139 ? 9.48920   -0.44833  13.05701  1.000 21.06000 ? 136 TYR A CD1 1 
ATOM   1097 C CD2 . TYR A 1 139 ? 8.85735   -2.18133  14.55620  1.000 31.73000 ? 136 TYR A CD2 1 
ATOM   1098 C CE1 . TYR A 1 139 ? 10.79510  -0.91458  13.06918  1.000 20.51000 ? 136 TYR A CE1 1 
ATOM   1099 C CE2 . TYR A 1 139 ? 10.15216  -2.65504  14.56991  1.000 26.81000 ? 136 TYR A CE2 1 
ATOM   1100 C CZ  . TYR A 1 139 ? 11.11795  -2.01306  13.82544  1.000 33.50000 ? 136 TYR A CZ  1 
ATOM   1101 O OH  . TYR A 1 139 ? 12.41458  -2.47966  13.83932  1.000 31.59000 ? 136 TYR A OH  1 
ATOM   1102 N N   . PHE A 1 140 ? 7.26800   -2.87623  11.30093  1.000 9.92000  ? 137 PHE A N   1 
ATOM   1103 C CA  . PHE A 1 140 ? 7.60498   -4.25090  10.95115  1.000 13.98000 ? 137 PHE A CA  1 
ATOM   1104 C C   . PHE A 1 140 ? 9.08771   -4.37101  10.65746  1.000 14.76000 ? 137 PHE A C   1 
ATOM   1105 O O   . PHE A 1 140 ? 9.57971   -3.69231  9.75556   1.000 13.18000 ? 137 PHE A O   1 
ATOM   1106 C CB  . PHE A 1 140 ? 6.80791   -4.71918  9.72824   1.000 9.99000  ? 137 PHE A CB  1 
ATOM   1107 C CG  . PHE A 1 140 ? 5.35118   -4.86087  9.99993   1.000 11.21000 ? 137 PHE A CG  1 
ATOM   1108 C CD1 . PHE A 1 140 ? 4.51385   -3.76668  9.88980   1.000 8.38000  ? 137 PHE A CD1 1 
ATOM   1109 C CD2 . PHE A 1 140 ? 4.82933   -6.06174  10.43458  1.000 13.20000 ? 137 PHE A CD2 1 
ATOM   1110 C CE1 . PHE A 1 140 ? 3.16361   -3.88883  10.17671  1.000 12.60000 ? 137 PHE A CE1 1 
ATOM   1111 C CE2 . PHE A 1 140 ? 3.48542   -6.17965  10.72975  1.000 14.37000 ? 137 PHE A CE2 1 
ATOM   1112 C CZ  . PHE A 1 140 ? 2.66061   -5.09922  10.59003  1.000 13.81000 ? 137 PHE A CZ  1 
ATOM   1113 N N   . LYS A 1 141 ? 9.77486   -5.22982  11.41472  1.000 12.33000 ? 138 LYS A N   1 
ATOM   1114 C CA  . LYS A 1 141 ? 11.17423  -5.55683  11.17145  1.000 12.98000 ? 138 LYS A CA  1 
ATOM   1115 C C   . LYS A 1 141 ? 11.25528  -6.83796  10.35852  1.000 9.60000  ? 138 LYS A C   1 
ATOM   1116 O O   . LYS A 1 141 ? 10.80115  -7.88636  10.82719  1.000 12.34000 ? 138 LYS A O   1 
ATOM   1117 C CB  . LYS A 1 141 ? 11.94761  -5.73030  12.48762  1.000 9.23000  ? 138 LYS A CB  1 
ATOM   1118 C CG  . LYS A 1 141 ? 13.44350  -6.00697  12.25844  1.000 11.64000 ? 138 LYS A CG  1 
ATOM   1119 C CD  . LYS A 1 141 ? 14.19372  -6.39921  13.53440  1.000 16.95000 ? 138 LYS A CD  1 
ATOM   1120 C CE  . LYS A 1 141 ? 13.99077  -5.38709  14.65364  1.000 26.33000 ? 138 LYS A CE  1 
ATOM   1121 N NZ  . LYS A 1 141 ? 14.66847  -5.81537  15.91923  1.000 29.81000 ? 138 LYS A NZ  1 
ATOM   1122 N N   . PHE A 1 142 ? 11.81824  -6.73511  9.15446   1.000 9.00000  ? 139 PHE A N   1 
ATOM   1123 C CA  . PHE A 1 142 ? 11.95176  -7.82974  8.20199   1.000 12.01000 ? 139 PHE A CA  1 
ATOM   1124 C C   . PHE A 1 142 ? 13.38556  -8.34278  8.13974   1.000 12.86000 ? 139 PHE A C   1 
ATOM   1125 O O   . PHE A 1 142 ? 14.31987  -7.56550  8.25432   1.000 18.60000 ? 139 PHE A O   1 
ATOM   1126 C CB  . PHE A 1 142 ? 11.58628  -7.36640  6.79232   1.000 10.75000 ? 139 PHE A CB  1 
ATOM   1127 C CG  . PHE A 1 142 ? 10.11776  -7.42177  6.47918   1.000 9.63000  ? 139 PHE A CG  1 
ATOM   1128 C CD1 . PHE A 1 142 ? 9.25450   -6.45358  6.95371   1.000 12.30000 ? 139 PHE A CD1 1 
ATOM   1129 C CD2 . PHE A 1 142 ? 9.61621   -8.43214  5.68338   1.000 17.32000 ? 139 PHE A CD2 1 
ATOM   1130 C CE1 . PHE A 1 142 ? 7.90976   -6.50627  6.64670   1.000 11.96000 ? 139 PHE A CE1 1 
ATOM   1131 C CE2 . PHE A 1 142 ? 8.27576   -8.48897  5.37485   1.000 20.63000 ? 139 PHE A CE2 1 
ATOM   1132 C CZ  . PHE A 1 142 ? 7.42326   -7.52241  5.85591   1.000 10.77000 ? 139 PHE A CZ  1 
ATOM   1133 N N   . GLN A 1 143 ? 13.54480  -9.63491  7.89491   1.000 12.41000 ? 140 GLN A N   1 
ATOM   1134 C CA  . GLN A 1 143 ? 14.80781  -10.19657 7.44476   1.000 16.87000 ? 140 GLN A CA  1 
ATOM   1135 C C   . GLN A 1 143 ? 14.56545  -10.75955 6.05483   1.000 19.67000 ? 140 GLN A C   1 
ATOM   1136 O O   . GLN A 1 143 ? 13.83122  -11.73284 5.89100   1.000 18.67000 ? 140 GLN A O   1 
ATOM   1137 C CB  . GLN A 1 143 ? 15.31648  -11.28381 8.39268   1.000 21.48000 ? 140 GLN A CB  1 
ATOM   1138 C CG  . GLN A 1 143 ? 16.65081  -11.92345 7.93989   1.000 23.94000 ? 140 GLN A CG  1 
ATOM   1139 C CD  . GLN A 1 143 ? 17.14572  -12.97970 8.90828   1.000 46.00000 ? 140 GLN A CD  1 
ATOM   1140 O OE1 . GLN A 1 143 ? 18.00051  -12.70825 9.75545   1.000 49.80000 ? 140 GLN A OE1 1 
ATOM   1141 N NE2 . GLN A 1 143 ? 16.60568  -14.19190 8.79278   1.000 39.15000 ? 140 GLN A NE2 1 
ATOM   1142 N N   . GLY A 1 144 ? 15.16208  -10.14181 5.04303   1.000 14.54000 ? 141 GLY A N   1 
ATOM   1143 C CA  . GLY A 1 144 ? 14.82160  -10.51126 3.68739   1.000 19.84000 ? 141 GLY A CA  1 
ATOM   1144 C C   . GLY A 1 144 ? 13.39681  -10.05812 3.43319   1.000 22.57000 ? 141 GLY A C   1 
ATOM   1145 O O   . GLY A 1 144 ? 12.87676  -9.20951  4.15050   1.000 18.50000 ? 141 GLY A O   1 
ATOM   1146 N N   . GLN A 1 145 ? 12.75280  -10.62556 2.42267   1.000 20.15000 ? 142 GLN A N   1 
ATOM   1147 C CA  . GLN A 1 145 ? 11.41212  -10.18245 2.06281   1.000 23.40000 ? 142 GLN A CA  1 
ATOM   1148 C C   . GLN A 1 145 ? 10.28709  -11.08996 2.54787   1.000 17.45000 ? 142 GLN A C   1 
ATOM   1149 O O   . GLN A 1 145 ? 9.11282   -10.79787 2.32671   1.000 17.65000 ? 142 GLN A O   1 
ATOM   1150 C CB  . GLN A 1 145 ? 11.33394  -10.02299 0.55166   1.000 32.04000 ? 142 GLN A CB  1 
ATOM   1151 C CG  . GLN A 1 145 ? 12.51919  -9.25190  0.01604   1.000 34.21000 ? 142 GLN A CG  1 
ATOM   1152 C CD  . GLN A 1 145 ? 12.18426  -8.43469  -1.20200  1.000 31.65000 ? 142 GLN A CD  1 
ATOM   1153 O OE1 . GLN A 1 145 ? 11.39297  -8.85565  -2.04302  1.000 39.07000 ? 142 GLN A OE1 1 
ATOM   1154 N NE2 . GLN A 1 145 ? 12.76323  -7.23727  -1.29074  1.000 36.71000 ? 142 GLN A NE2 1 
ATOM   1155 N N   . ASP A 1 146 ? 10.62567  -12.17501 3.24238   1.000 15.08000 ? 143 ASP A N   1 
ATOM   1156 C CA  . ASP A 1 146 ? 9.59037   -13.13490 3.59290   1.000 16.04000 ? 143 ASP A CA  1 
ATOM   1157 C C   . ASP A 1 146 ? 9.35483   -13.28904 5.07956   1.000 18.54000 ? 143 ASP A C   1 
ATOM   1158 O O   . ASP A 1 146 ? 8.34849   -13.87173 5.48026   1.000 17.37000 ? 143 ASP A O   1 
ATOM   1159 C CB  . ASP A 1 146 ? 9.92293   -14.50163 3.00845   1.000 23.53000 ? 143 ASP A CB  1 
ATOM   1160 C CG  . ASP A 1 146 ? 10.09177  -14.46538 1.51782   1.000 31.08000 ? 143 ASP A CG  1 
ATOM   1161 O OD1 . ASP A 1 146 ? 9.45298   -13.60626 0.86964   1.000 25.15000 ? 143 ASP A OD1 1 
ATOM   1162 O OD2 . ASP A 1 146 ? 10.86550  -15.29301 0.99479   1.000 34.60000 ? 143 ASP A OD2 1 
ATOM   1163 N N   . THR A 1 147 ? 10.28392  -12.78900 5.89468   1.000 11.39000 ? 144 THR A N   1 
ATOM   1164 C CA  . THR A 1 147 ? 10.24900  -13.07531 7.32968   1.000 18.76000 ? 144 THR A CA  1 
ATOM   1165 C C   . THR A 1 147 ? 10.07568  -11.83874 8.18376   1.000 10.89000 ? 144 THR A C   1 
ATOM   1166 O O   . THR A 1 147 ? 10.87722  -10.92373 8.12005   1.000 12.76000 ? 144 THR A O   1 
ATOM   1167 C CB  . THR A 1 147 ? 11.53476  -13.79151 7.77335   1.000 18.87000 ? 144 THR A CB  1 
ATOM   1168 O OG1 . THR A 1 147 ? 11.68082  -14.98538 7.00759   1.000 17.34000 ? 144 THR A OG1 1 
ATOM   1169 C CG2 . THR A 1 147 ? 11.48562  -14.15167 9.25390   1.000 15.60000 ? 144 THR A CG2 1 
ATOM   1170 N N   . ILE A 1 148 ? 9.01068   -11.81309 8.97446   1.000 9.91000  ? 145 ILE A N   1 
ATOM   1171 C CA  . ILE A 1 148 ? 8.85499   -10.76259 9.97217   1.000 11.21000 ? 145 ILE A CA  1 
ATOM   1172 C C   . ILE A 1 148 ? 9.51660   -11.22282 11.27220  1.000 14.20000 ? 145 ILE A C   1 
ATOM   1173 O O   . ILE A 1 148 ? 9.06742   -12.18929 11.89177  1.000 13.95000 ? 145 ILE A O   1 
ATOM   1174 C CB  . ILE A 1 148 ? 7.37546   -10.42785 10.22506  1.000 13.21000 ? 145 ILE A CB  1 
ATOM   1175 C CG1 . ILE A 1 148 ? 6.69802   -9.94740  8.93624   1.000 13.90000 ? 145 ILE A CG1 1 
ATOM   1176 C CG2 . ILE A 1 148 ? 7.26990   -9.35014  11.25448  1.000 13.18000 ? 145 ILE A CG2 1 
ATOM   1177 C CD1 . ILE A 1 148 ? 5.16677   -9.89971  9.05701   1.000 12.25000 ? 145 ILE A CD1 1 
ATOM   1178 N N   . LEU A 1 149 ? 10.59278  -10.54314 11.65519  1.000 10.12000 ? 146 LEU A N   1 
ATOM   1179 C CA  . LEU A 1 149 ? 11.29184  -10.81609 12.91748  1.000 14.57000 ? 146 LEU A CA  1 
ATOM   1180 C C   . LEU A 1 149 ? 10.50887  -10.31633 14.12723  1.000 14.08000 ? 146 LEU A C   1 
ATOM   1181 O O   . LEU A 1 149 ? 10.38203  -11.02287 15.15024  1.000 12.28000 ? 146 LEU A O   1 
ATOM   1182 C CB  . LEU A 1 149 ? 12.67874  -10.16652 12.91059  1.000 12.68000 ? 146 LEU A CB  1 
ATOM   1183 C CG  . LEU A 1 149 ? 13.68417  -10.68150 11.87885  1.000 13.35000 ? 146 LEU A CG  1 
ATOM   1184 C CD1 . LEU A 1 149 ? 14.98829  -9.92964  12.04959  1.000 14.29000 ? 146 LEU A CD1 1 
ATOM   1185 C CD2 . LEU A 1 149 ? 13.91243  -12.15508 12.06852  1.000 14.08000 ? 146 LEU A CD2 1 
ATOM   1186 N N   . ASP A 1 150 ? 9.98582   -9.09790  14.00917  1.000 15.53000 ? 147 ASP A N   1 
ATOM   1187 C CA  . ASP A 1 150 ? 9.30164   -8.41122  15.10305  1.000 13.05000 ? 147 ASP A CA  1 
ATOM   1188 C C   . ASP A 1 150 ? 8.35216   -7.37504  14.52751  1.000 9.46000  ? 147 ASP A C   1 
ATOM   1189 O O   . ASP A 1 150 ? 8.58174   -6.86831  13.43607  1.000 12.62000 ? 147 ASP A O   1 
ATOM   1190 C CB  . ASP A 1 150 ? 10.27751  -7.68500  16.03357  1.000 15.13000 ? 147 ASP A CB  1 
ATOM   1191 C CG  . ASP A 1 150 ? 11.35603  -8.58067  16.57497  1.000 31.73000 ? 147 ASP A CG  1 
ATOM   1192 O OD1 . ASP A 1 150 ? 12.40032  -8.72448  15.89805  1.000 25.75000 ? 147 ASP A OD1 1 
ATOM   1193 O OD2 . ASP A 1 150 ? 11.16003  -9.13501  17.67808  1.000 28.11000 ? 147 ASP A OD2 1 
ATOM   1194 N N   . TYR A 1 151 ? 7.31501   -7.03189  15.27140  1.000 12.57000 ? 148 TYR A N   1 
ATOM   1195 C CA  . TYR A 1 151 ? 6.42939   -5.95999  14.82240  1.000 12.20000 ? 148 TYR A CA  1 
ATOM   1196 C C   . TYR A 1 151 ? 5.65324   -5.37657  15.97183  1.000 17.26000 ? 148 TYR A C   1 
ATOM   1197 O O   . TYR A 1 151 ? 5.54870   -5.99217  17.02584  1.000 17.56000 ? 148 TYR A O   1 
ATOM   1198 C CB  . TYR A 1 151 ? 5.44391   -6.47759  13.76580  1.000 13.72000 ? 148 TYR A CB  1 
ATOM   1199 C CG  . TYR A 1 151 ? 4.25100   -7.19819  14.36537  1.000 14.80000 ? 148 TYR A CG  1 
ATOM   1200 C CD1 . TYR A 1 151 ? 4.36528   -8.49875  14.84370  1.000 16.20000 ? 148 TYR A CD1 1 
ATOM   1201 C CD2 . TYR A 1 151 ? 3.02137   -6.56692  14.47352  1.000 10.62000 ? 148 TYR A CD2 1 
ATOM   1202 C CE1 . TYR A 1 151 ? 3.27803   -9.15257  15.41087  1.000 25.57000 ? 148 TYR A CE1 1 
ATOM   1203 C CE2 . TYR A 1 151 ? 1.93106   -7.20706  15.03614  1.000 15.20000 ? 148 TYR A CE2 1 
ATOM   1204 C CZ  . TYR A 1 151 ? 2.06667   -8.49783  15.49938  1.000 21.86000 ? 148 TYR A CZ  1 
ATOM   1205 O OH  . TYR A 1 151 ? 0.98288   -9.13242  16.05342  1.000 24.28000 ? 148 TYR A OH  1 
ATOM   1206 N N   . THR A 1 152 ? 5.09619   -4.19398  15.74937  1.000 12.05000 ? 149 THR A N   1 
ATOM   1207 C CA  . THR A 1 152 ? 4.09524   -3.61323  16.64485  1.000 12.74000 ? 149 THR A CA  1 
ATOM   1208 C C   . THR A 1 152 ? 3.01747   -3.01397  15.75441  1.000 16.00000 ? 149 THR A C   1 
ATOM   1209 O O   . THR A 1 152 ? 3.29392   -2.60026  14.62655  1.000 14.77000 ? 149 THR A O   1 
ATOM   1210 C CB  . THR A 1 152 ? 4.68687   -2.53578  17.59170  1.000 22.10000 ? 149 THR A CB  1 
ATOM   1211 O OG1 . THR A 1 152 ? 5.17732   -1.42656  16.82499  1.000 17.77000 ? 149 THR A OG1 1 
ATOM   1212 C CG2 . THR A 1 152 ? 5.82322   -3.11927  18.42973  1.000 17.42000 ? 149 THR A CG2 1 
ATOM   1213 N N   . LEU A 1 153 ? 1.78463   -2.99829  16.24591  1.000 13.08000 ? 150 LEU A N   1 
ATOM   1214 C CA  . LEU A 1 153 ? 0.66338   -2.47449  15.47775  1.000 14.75000 ? 150 LEU A CA  1 
ATOM   1215 C C   . LEU A 1 153 ? -0.40280  -2.05364  16.46938  1.000 14.94000 ? 150 LEU A C   1 
ATOM   1216 O O   . LEU A 1 153 ? -0.82993  -2.86143  17.31059  1.000 16.69000 ? 150 LEU A O   1 
ATOM   1217 C CB  . LEU A 1 153 ? 0.12924   -3.51683  14.49231  1.000 16.48000 ? 150 LEU A CB  1 
ATOM   1218 C CG  . LEU A 1 153 ? -0.98786  -3.08233  13.53636  1.000 16.34000 ? 150 LEU A CG  1 
ATOM   1219 C CD1 . LEU A 1 153 ? -0.55359  -1.91835  12.63682  1.000 15.26000 ? 150 LEU A CD1 1 
ATOM   1220 C CD2 . LEU A 1 153 ? -1.49193  -4.27651  12.70464  1.000 13.26000 ? 150 LEU A CD2 1 
ATOM   1221 N N   . ARG A 1 154 ? -0.79639  -0.78711  16.40856  1.000 19.21000 ? 151 ARG A N   1 
ATOM   1222 C CA  . ARG A 1 154 ? -1.83056  -0.27982  17.31210  1.000 18.59000 ? 151 ARG A CA  1 
ATOM   1223 C C   . ARG A 1 154 ? -2.78214  0.66303   16.58534  1.000 17.40000 ? 151 ARG A C   1 
ATOM   1224 O O   . ARG A 1 154 ? -2.37838  1.40024   15.67634  1.000 16.35000 ? 151 ARG A O   1 
ATOM   1225 C CB  . ARG A 1 154 ? -1.19677  0.42834   18.51010  1.000 19.18000 ? 151 ARG A CB  1 
ATOM   1226 C CG  . ARG A 1 154 ? -0.73862  1.85692   18.24474  1.000 25.59000 ? 151 ARG A CG  1 
ATOM   1227 C CD  . ARG A 1 154 ? -0.03005  2.44686   19.45314  1.000 27.18000 ? 151 ARG A CD  1 
ATOM   1228 N NE  . ARG A 1 154 ? 0.79766   3.58893   19.06738  1.000 38.78000 ? 151 ARG A NE  1 
ATOM   1229 C CZ  . ARG A 1 154 ? 0.40323   4.85740   19.13922  1.000 44.66000 ? 151 ARG A CZ  1 
ATOM   1230 N NH1 . ARG A 1 154 ? -0.80402  5.14577   19.60246  1.000 29.57000 ? 151 ARG A NH1 1 
ATOM   1231 N NH2 . ARG A 1 154 ? 1.21836   5.83504   18.75579  1.000 32.05000 ? 151 ARG A NH2 1 
ATOM   1232 N N   . GLU A 1 155 ? -4.04659  0.63746   16.98600  1.000 15.28000 ? 152 GLU A N   1 
ATOM   1233 C CA  . GLU A 1 155 ? -5.03617  1.54339   16.41076  1.000 14.10000 ? 152 GLU A CA  1 
ATOM   1234 C C   . GLU A 1 155 ? -4.90512  2.94580   16.98857  1.000 17.74000 ? 152 GLU A C   1 
ATOM   1235 O O   . GLU A 1 155 ? -4.57543  3.12776   18.16909  1.000 17.63000 ? 152 GLU A O   1 
ATOM   1236 C CB  . GLU A 1 155 ? -6.45677  1.00081   16.63478  1.000 17.20000 ? 152 GLU A CB  1 
ATOM   1237 C CG  . GLU A 1 155 ? -6.71652  -0.27561  15.89784  1.000 23.19000 ? 152 GLU A CG  1 
ATOM   1238 C CD  . GLU A 1 155 ? -8.13562  -0.76534  16.06750  1.000 22.48000 ? 152 GLU A CD  1 
ATOM   1239 O OE1 . GLU A 1 155 ? -9.03395  0.07240   16.28823  1.000 22.44000 ? 152 GLU A OE1 1 
ATOM   1240 O OE2 . GLU A 1 155 ? -8.34171  -1.99269  15.99003  1.000 32.09000 ? 152 GLU A OE2 1 
ATOM   1241 N N   . VAL A 1 156 ? -5.12872  3.93998   16.13605  1.000 13.13000 ? 153 VAL A N   1 
ATOM   1242 C CA  . VAL A 1 156 ? -5.05416  5.33560   16.54243  1.000 17.98000 ? 153 VAL A CA  1 
ATOM   1243 C C   . VAL A 1 156 ? -6.29751  6.07095   16.07230  1.000 21.76000 ? 153 VAL A C   1 
ATOM   1244 O O   . VAL A 1 156 ? -6.97829  5.61853   15.15335  1.000 19.82000 ? 153 VAL A O   1 
ATOM   1245 C CB  . VAL A 1 156 ? -3.80920  6.02527   15.95921  1.000 13.66000 ? 153 VAL A CB  1 
ATOM   1246 C CG1 . VAL A 1 156 ? -2.53908  5.33378   16.43648  1.000 18.51000 ? 153 VAL A CG1 1 
ATOM   1247 C CG2 . VAL A 1 156 ? -3.88373  6.02763   14.42761  1.000 18.77000 ? 153 VAL A CG2 1 
ATOM   1248 N N   . ASP A 1 157 ? -6.58511  7.21465   16.68686  1.000 16.76000 ? 154 ASP A N   1 
ATOM   1249 C CA  . ASP A 1 157 ? -7.64681  8.07412   16.18909  1.000 17.17000 ? 154 ASP A CA  1 
ATOM   1250 C C   . ASP A 1 157 ? -7.10438  9.08292   15.17525  1.000 18.16000 ? 154 ASP A C   1 
ATOM   1251 O O   . ASP A 1 157 ? -7.83848  9.57490   14.33021  1.000 19.38000 ? 154 ASP A O   1 
ATOM   1252 C CB  . ASP A 1 157 ? -8.32601  8.80466   17.34221  1.000 21.45000 ? 154 ASP A CB  1 
ATOM   1253 C CG  . ASP A 1 157 ? -9.08094  7.87246   18.25079  1.000 24.69000 ? 154 ASP A CG  1 
ATOM   1254 O OD1 . ASP A 1 157 ? -9.61407  6.86119   17.75208  1.000 32.64000 ? 154 ASP A OD1 1 
ATOM   1255 O OD2 . ASP A 1 157 ? -9.14793  8.15720   19.46136  1.000 29.59000 ? 154 ASP A OD2 1 
ATOM   1256 N N   . THR A 1 158 ? -5.81153  9.37475   15.26224  1.000 20.17000 ? 155 THR A N   1 
ATOM   1257 C CA  . THR A 1 158 ? -5.18632  10.33222  14.36416  1.000 21.54000 ? 155 THR A CA  1 
ATOM   1258 C C   . THR A 1 158 ? -3.95023  9.71160   13.73508  1.000 16.47000 ? 155 THR A C   1 
ATOM   1259 O O   . THR A 1 158 ? -3.03673  9.29717   14.44672  1.000 18.35000 ? 155 THR A O   1 
ATOM   1260 C CB  . THR A 1 158 ? -4.80860  11.64177  15.11230  1.000 25.05000 ? 155 THR A CB  1 
ATOM   1261 O OG1 . THR A 1 158 ? -6.00208  12.37149  15.41227  1.000 37.92000 ? 155 THR A OG1 1 
ATOM   1262 C CG2 . THR A 1 158 ? -3.89467  12.51403  14.25793  1.000 29.36000 ? 155 THR A CG2 1 
ATOM   1263 N N   . VAL A 1 159 ? -3.92957  9.61290   12.40763  1.000 18.68000 ? 156 VAL A N   1 
ATOM   1264 C CA  . VAL A 1 159 ? -2.76598  9.03532   11.74380  1.000 21.36000 ? 156 VAL A CA  1 
ATOM   1265 C C   . VAL A 1 159 ? -1.59587  9.99702   11.88203  1.000 27.36000 ? 156 VAL A C   1 
ATOM   1266 O O   . VAL A 1 159 ? -0.45668  9.57976   12.11363  1.000 23.98000 ? 156 VAL A O   1 
ATOM   1267 C CB  . VAL A 1 159 ? -3.01384  8.73491   10.24336  1.000 15.23000 ? 156 VAL A CB  1 
ATOM   1268 C CG1 . VAL A 1 159 ? -1.76123  8.12555   9.61898   1.000 19.33000 ? 156 VAL A CG1 1 
ATOM   1269 C CG2 . VAL A 1 159 ? -4.21259  7.79833   10.06363  1.000 15.83000 ? 156 VAL A CG2 1 
ATOM   1270 O OXT . VAL A 1 159 ? -1.78560  11.21404  11.76741  1.000 19.87000 ? 156 VAL A OXT 1 
HETATM 1271 C C01 . S3O B 2 .   ? 7.75717   -3.54512  2.30454   1.000 18.06000 ? 201 S3O A C01 1 
HETATM 1272 C C02 . S3O B 2 .   ? 7.06072   -4.37063  3.37328   1.000 12.73000 ? 201 S3O A C02 1 
HETATM 1273 N N03 . S3O B 2 .   ? 5.63409   -4.58856  3.25528   1.000 14.93000 ? 201 S3O A N03 1 
HETATM 1274 C C04 . S3O B 2 .   ? 4.87086   -4.02358  2.25348   1.000 14.31000 ? 201 S3O A C04 1 
HETATM 1275 C C05 . S3O B 2 .   ? 5.43253   -3.13632  1.30792   1.000 18.03000 ? 201 S3O A C05 1 
HETATM 1276 C C06 . S3O B 2 .   ? 6.88437   -2.76159  1.33430   1.000 14.26000 ? 201 S3O A C06 1 
HETATM 1277 C C07 . S3O B 2 .   ? 3.50299   -4.33908  2.18951   1.000 11.03000 ? 201 S3O A C07 1 
HETATM 1278 C C08 . S3O B 2 .   ? 2.75096   -3.77637  1.17423   1.000 13.09000 ? 201 S3O A C08 1 
HETATM 1279 N N09 . S3O B 2 .   ? 3.29879   -2.93217  0.27546   1.000 11.10000 ? 201 S3O A N09 1 
HETATM 1280 C C10 . S3O B 2 .   ? 4.59943   -2.60707  0.32593   1.000 16.82000 ? 201 S3O A C10 1 
HETATM 1281 C C11 . S3O B 2 .   ? 5.02471   -1.67900  -0.75215  1.000 12.77000 ? 201 S3O A C11 1 
HETATM 1282 N N12 . S3O B 2 .   ? 1.37429   -4.07678  1.08900   1.000 12.26000 ? 201 S3O A N12 1 
HETATM 1283 C C13 . S3O B 2 .   ? 5.31142   -0.29374  -0.55030  1.000 17.24000 ? 201 S3O A C13 1 
HETATM 1284 C C14 . S3O B 2 .   ? 5.71143   0.50335   -1.66297  1.000 17.52000 ? 201 S3O A C14 1 
HETATM 1285 C C15 . S3O B 2 .   ? 5.79769   -0.08796  -2.93235  1.000 17.58000 ? 201 S3O A C15 1 
HETATM 1286 C C16 . S3O B 2 .   ? 5.50655   -1.43291  -3.12789  1.000 15.17000 ? 201 S3O A C16 1 
HETATM 1287 C C17 . S3O B 2 .   ? 5.12471   -2.21932  -2.04554  1.000 18.40000 ? 201 S3O A C17 1 
HETATM 1288 C C18 . S3O B 2 .   ? 6.04942   1.97374   -1.56549  1.000 15.99000 ? 201 S3O A C18 1 
HETATM 1289 C C19 . S3O B 2 .   ? 5.20257   0.29344   0.84377   1.000 9.34000  ? 201 S3O A C19 1 
HETATM 1290 C C20 . S3O B 2 .   ? 0.58818   -3.63448  0.03731   1.000 13.76000 ? 201 S3O A C20 1 
HETATM 1291 C C21 . S3O B 2 .   ? -0.84012  -4.08849  0.17301   1.000 12.61000 ? 201 S3O A C21 1 
HETATM 1292 O O22 . S3O B 2 .   ? 0.94659   -2.96634  -0.93200  1.000 13.28000 ? 201 S3O A O22 1 
HETATM 1293 O O   . HOH C 3 .   ? 2.94389   4.99540   17.46911  1.000 34.20000 ? 301 HOH A O   1 
HETATM 1294 O O   . HOH C 3 .   ? -11.76564 11.87055  -9.27528  1.000 34.32000 ? 302 HOH A O   1 
HETATM 1295 O O   . HOH C 3 .   ? 2.72398   18.73518  -4.09227  1.000 26.39000 ? 303 HOH A O   1 
HETATM 1296 O O   . HOH C 3 .   ? -9.86209  2.30696   16.77188  1.000 32.29000 ? 304 HOH A O   1 
HETATM 1297 O O   . HOH C 3 .   ? -12.09187 -12.32146 -5.87878  1.000 21.87000 ? 305 HOH A O   1 
HETATM 1298 O O   . HOH C 3 .   ? -10.69582 -2.77133  15.76950  1.000 24.66000 ? 306 HOH A O   1 
HETATM 1299 O O   . HOH C 3 .   ? 3.09006   -0.29014  -6.04910  1.000 28.91000 ? 307 HOH A O   1 
HETATM 1300 O O   . HOH C 3 .   ? 2.50587   -9.04831  -18.92179 1.000 38.69000 ? 308 HOH A O   1 
HETATM 1301 O O   . HOH C 3 .   ? 6.66831   -14.78297 3.79666   1.000 30.48000 ? 309 HOH A O   1 
HETATM 1302 O O   . HOH C 3 .   ? -5.60917  14.01675  17.32797  1.000 24.41000 ? 310 HOH A O   1 
HETATM 1303 O O   . HOH C 3 .   ? -14.19248 -3.27652  4.02292   1.000 34.18000 ? 311 HOH A O   1 
HETATM 1304 O O   . HOH C 3 .   ? 8.97059   -11.98556 17.09755  1.000 24.60000 ? 312 HOH A O   1 
HETATM 1305 O O   . HOH C 3 .   ? -8.15248  -14.58553 1.59721   1.000 26.16000 ? 313 HOH A O   1 
HETATM 1306 O O   . HOH C 3 .   ? 1.42945   -6.83163  -0.68751  1.000 13.75000 ? 314 HOH A O   1 
HETATM 1307 O O   . HOH C 3 .   ? -1.50318  17.96361  -0.61019  1.000 26.37000 ? 315 HOH A O   1 
HETATM 1308 O O   . HOH C 3 .   ? -5.20901  -5.82058  -15.43470 1.000 28.67000 ? 316 HOH A O   1 
HETATM 1309 O O   . HOH C 3 .   ? 10.39903  10.30789  7.09805   1.000 30.42000 ? 317 HOH A O   1 
HETATM 1310 O O   . HOH C 3 .   ? 6.27470   10.87861  8.29021   1.000 30.38000 ? 318 HOH A O   1 
HETATM 1311 O O   . HOH C 3 .   ? 1.86069   -12.90834 7.35910   1.000 20.61000 ? 319 HOH A O   1 
HETATM 1312 O O   . HOH C 3 .   ? -0.28878  -0.00016  -14.95978 1.000 27.42000 ? 320 HOH A O   1 
HETATM 1313 O O   . HOH C 3 .   ? -4.42609  -9.84165  11.46999  1.000 31.00000 ? 321 HOH A O   1 
HETATM 1314 O O   . HOH C 3 .   ? 9.91800   -16.93314 6.71654   1.000 28.12000 ? 322 HOH A O   1 
HETATM 1315 O O   . HOH C 3 .   ? 2.40698   10.04292  12.83499  1.000 35.86000 ? 323 HOH A O   1 
HETATM 1316 O O   . HOH C 3 .   ? -3.92919  12.82458  10.52419  1.000 33.32000 ? 324 HOH A O   1 
HETATM 1317 O O   . HOH C 3 .   ? 1.58169   -13.00093 -12.21810 1.000 27.66000 ? 325 HOH A O   1 
HETATM 1318 O O   . HOH C 3 .   ? -7.19378  4.50929   -16.84507 1.000 31.46000 ? 326 HOH A O   1 
HETATM 1319 O O   . HOH C 3 .   ? -8.31639  -14.36219 -5.00029  1.000 30.45000 ? 327 HOH A O   1 
HETATM 1320 O O   . HOH C 3 .   ? -13.93463 3.97936   11.76669  1.000 35.29000 ? 328 HOH A O   1 
HETATM 1321 O O   . HOH C 3 .   ? -5.26737  -0.32400  -4.50556  1.000 17.13000 ? 329 HOH A O   1 
HETATM 1322 O O   . HOH C 3 .   ? 12.94229  -13.71458 4.31804   1.000 18.98000 ? 330 HOH A O   1 
HETATM 1323 O O   . HOH C 3 .   ? 7.08933   2.36659   -6.45289  1.000 30.18000 ? 331 HOH A O   1 
HETATM 1324 O O   . HOH C 3 .   ? 2.90186   15.76463  -7.61326  1.000 32.41000 ? 332 HOH A O   1 
HETATM 1325 O O   . HOH C 3 .   ? 14.24090  3.62959   1.55170   1.000 25.49000 ? 333 HOH A O   1 
HETATM 1326 O O   . HOH C 3 .   ? -3.72364  16.41926  -2.15879  1.000 31.40000 ? 334 HOH A O   1 
HETATM 1327 O O   . HOH C 3 .   ? -1.69762  -3.81090  -21.20337 1.000 32.00000 ? 335 HOH A O   1 
HETATM 1328 O O   . HOH C 3 .   ? 8.46699   1.25947   -17.72928 1.000 30.88000 ? 336 HOH A O   1 
HETATM 1329 O O   . HOH C 3 .   ? 9.06089   5.17938   -5.95428  1.000 24.73000 ? 337 HOH A O   1 
HETATM 1330 O O   . HOH C 3 .   ? 4.61805   8.95336   -3.17858  1.000 20.46000 ? 338 HOH A O   1 
HETATM 1331 O O   . HOH C 3 .   ? -4.55356  9.38976   -9.08850  1.000 19.38000 ? 339 HOH A O   1 
HETATM 1332 O O   . HOH C 3 .   ? -4.78649  -1.11331  19.01350  1.000 22.75000 ? 340 HOH A O   1 
HETATM 1333 O O   . HOH C 3 .   ? 15.76058  -0.83296  6.84813   1.000 14.96000 ? 341 HOH A O   1 
HETATM 1334 O O   . HOH C 3 .   ? 17.14666  -7.94179  5.32505   1.000 21.02000 ? 342 HOH A O   1 
HETATM 1335 O O   . HOH C 3 .   ? 4.31574   -13.65833 -1.12847  1.000 24.96000 ? 343 HOH A O   1 
HETATM 1336 O O   . HOH C 3 .   ? -17.96114 -3.00281  -4.25470  1.000 25.68000 ? 344 HOH A O   1 
HETATM 1337 O O   . HOH C 3 .   ? 12.00459  11.08158  2.51828   1.000 18.34000 ? 345 HOH A O   1 
HETATM 1338 O O   . HOH C 3 .   ? 5.53558   -0.26156  -6.63038  1.000 30.91000 ? 346 HOH A O   1 
HETATM 1339 O O   . HOH C 3 .   ? -8.05462  0.03758   -18.85685 1.000 38.06000 ? 347 HOH A O   1 
HETATM 1340 O O   . HOH C 3 .   ? -1.54503  8.17822   5.71690   1.000 24.61000 ? 348 HOH A O   1 
HETATM 1341 O O   . HOH C 3 .   ? 5.06780   1.97735   -18.02143 1.000 22.74000 ? 349 HOH A O   1 
HETATM 1342 O O   . HOH C 3 .   ? -10.39592 1.92661   5.24851   1.000 23.95000 ? 350 HOH A O   1 
HETATM 1343 O O   . HOH C 3 .   ? 18.49899  1.46592   2.91536   1.000 20.71000 ? 351 HOH A O   1 
HETATM 1344 O O   . HOH C 3 .   ? 11.09225  9.58019   -0.78998  1.000 26.44000 ? 352 HOH A O   1 
HETATM 1345 O O   . HOH C 3 .   ? 14.04766  -12.66334 0.93086   1.000 28.62000 ? 353 HOH A O   1 
HETATM 1346 O O   . HOH C 3 .   ? -0.01424  -11.29218 3.55178   1.000 15.91000 ? 354 HOH A O   1 
HETATM 1347 O O   . HOH C 3 .   ? -13.45218 7.82631   -0.68950  1.000 33.21000 ? 355 HOH A O   1 
HETATM 1348 O O   . HOH C 3 .   ? 1.79044   -10.46207 -14.18032 1.000 21.81000 ? 356 HOH A O   1 
HETATM 1349 O O   . HOH C 3 .   ? -14.81546 -1.98310  2.01490   1.000 30.39000 ? 357 HOH A O   1 
HETATM 1350 O O   . HOH C 3 .   ? -0.33471  14.59322  -7.68248  1.000 20.51000 ? 358 HOH A O   1 
HETATM 1351 O O   . HOH C 3 .   ? -12.11816 3.21655   0.90414   1.000 26.59000 ? 359 HOH A O   1 
HETATM 1352 O O   . HOH C 3 .   ? -5.34802  -2.40574  -19.43788 1.000 27.49000 ? 360 HOH A O   1 
HETATM 1353 O O   . HOH C 3 .   ? -9.24305  3.96226   14.26394  1.000 24.92000 ? 361 HOH A O   1 
HETATM 1354 O O   . HOH C 3 .   ? -0.04638  15.63954  2.39782   1.000 23.04000 ? 362 HOH A O   1 
HETATM 1355 O O   . HOH C 3 .   ? -11.41894 -7.17518  8.97502   1.000 20.26000 ? 363 HOH A O   1 
HETATM 1356 O O   . HOH C 3 .   ? -0.39895  10.52513  6.26926   1.000 30.43000 ? 364 HOH A O   1 
HETATM 1357 O O   . HOH C 3 .   ? 19.49672  -11.11471 11.75685  1.000 39.21000 ? 365 HOH A O   1 
HETATM 1358 O O   . HOH C 3 .   ? 3.13555   0.84754   16.23666  1.000 28.36000 ? 366 HOH A O   1 
HETATM 1359 O O   . HOH C 3 .   ? 2.60827   16.45518  3.12852   1.000 21.06000 ? 367 HOH A O   1 
HETATM 1360 O O   . HOH C 3 .   ? 20.02348  -3.28518  10.54042  1.000 32.98000 ? 368 HOH A O   1 
HETATM 1361 O O   . HOH C 3 .   ? 13.42783  -17.23228 7.85710   1.000 30.91000 ? 369 HOH A O   1 
HETATM 1362 O O   . HOH C 3 .   ? 1.78635   -4.71300  18.71347  1.000 22.51000 ? 370 HOH A O   1 
HETATM 1363 O O   . HOH C 3 .   ? -16.14810 -6.86792  9.11367   1.000 25.58000 ? 371 HOH A O   1 
HETATM 1364 O O   . HOH C 3 .   ? -6.12529  10.85574  10.76936  1.000 22.48000 ? 372 HOH A O   1 
HETATM 1365 O O   . HOH C 3 .   ? 14.94196  0.93206   2.52697   1.000 29.89000 ? 373 HOH A O   1 
HETATM 1366 O O   . HOH C 3 .   ? 12.65177  13.97189  -5.76151  1.000 27.47000 ? 374 HOH A O   1 
HETATM 1367 O O   . HOH C 3 .   ? 7.91451   7.30803   -10.07543 1.000 38.70000 ? 375 HOH A O   1 
HETATM 1368 O O   . HOH C 3 .   ? 6.83827   -9.29746  17.27867  1.000 28.46000 ? 376 HOH A O   1 
HETATM 1369 O O   . HOH C 3 .   ? -0.34182  2.45312   -15.39490 1.000 31.73000 ? 377 HOH A O   1 
HETATM 1370 O O   . HOH C 3 .   ? -2.25705  -15.19340 -6.46907  1.000 25.20000 ? 378 HOH A O   1 
HETATM 1371 O O   . HOH C 3 .   ? -13.70011 3.81629   14.17767  1.000 38.37000 ? 379 HOH A O   1 
HETATM 1372 O O   . HOH C 3 .   ? 8.37164   -9.33153  -3.44714  1.000 27.36000 ? 380 HOH A O   1 
HETATM 1373 O O   . HOH C 3 .   ? 4.27494   4.06762   12.98454  1.000 33.14000 ? 381 HOH A O   1 
HETATM 1374 O O   . HOH C 3 .   ? -2.18508  15.80363  -7.00900  1.000 36.84000 ? 382 HOH A O   1 
HETATM 1375 O O   . HOH C 3 .   ? 16.75487  -7.65237  2.40994   1.000 28.77000 ? 383 HOH A O   1 
HETATM 1376 O O   . HOH C 3 .   ? -11.21798 7.71950   14.77605  1.000 31.43000 ? 384 HOH A O   1 
HETATM 1377 O O   . HOH C 3 .   ? -3.75542  -16.39686 -1.66616  1.000 44.81000 ? 385 HOH A O   1 
HETATM 1378 O O   . HOH C 3 .   ? -10.22575 -13.51323 -6.91992  1.000 33.07000 ? 386 HOH A O   1 
HETATM 1379 O O   . HOH C 3 .   ? 11.32573  -0.68836  -8.47018  1.000 34.59000 ? 387 HOH A O   1 
HETATM 1380 O O   . HOH C 3 .   ? -8.19430  -9.48927  6.20219   1.000 28.25000 ? 388 HOH A O   1 
HETATM 1381 O O   . HOH C 3 .   ? -13.70290 -7.14491  7.46501   1.000 31.71000 ? 389 HOH A O   1 
HETATM 1382 O O   . HOH C 3 .   ? -6.00620  -5.22562  -19.38926 1.000 29.50000 ? 390 HOH A O   1 
HETATM 1383 O O   . HOH C 3 .   ? 2.35061   -11.08399 -16.78910 1.000 28.12000 ? 391 HOH A O   1 
HETATM 1384 O O   . HOH C 3 .   ? -20.83556 -9.31248  3.34546   1.000 35.83000 ? 392 HOH A O   1 
HETATM 1385 O O   . HOH C 3 .   ? -1.24426  13.22162  4.20022   1.000 32.80000 ? 393 HOH A O   1 
HETATM 1386 O O   . HOH C 3 .   ? -10.13643 -9.25485  8.06532   1.000 31.72000 ? 394 HOH A O   1 
HETATM 1387 O O   . HOH C 3 .   ? 8.93991   1.98767   -4.08972  1.000 30.68000 ? 395 HOH A O   1 
HETATM 1388 O O   . HOH C 3 .   ? 16.89937  -10.07113 0.32430   1.000 30.87000 ? 396 HOH A O   1 
# 
loop_
_pdbx_poly_seq_scheme.asym_id 
_pdbx_poly_seq_scheme.entity_id 
_pdbx_poly_seq_scheme.seq_id 
_pdbx_poly_seq_scheme.mon_id 
_pdbx_poly_seq_scheme.ndb_seq_num 
_pdbx_poly_seq_scheme.pdb_seq_num 
_pdbx_poly_seq_scheme.auth_seq_num 
_pdbx_poly_seq_scheme.pdb_mon_id 
_pdbx_poly_seq_scheme.auth_mon_id 
_pdbx_poly_seq_scheme.pdb_strand_id 
_pdbx_poly_seq_scheme.pdb_ins_code 
_pdbx_poly_seq_scheme.hetero 
A 1 1   GLY 1   -2  ?   ?   ?   A . n 
A 1 2   SER 2   -1  ?   ?   ?   A . n 
A 1 3   HIS 3   0   ?   ?   ?   A . n 
A 1 4   MET 4   1   ?   ?   ?   A . n 
A 1 5   GLY 5   2   ?   ?   ?   A . n 
A 1 6   ALA 6   3   3   ALA ALA A . n 
A 1 7   SER 7   4   4   SER SER A . n 
A 1 8   ARG 8   5   5   ARG ARG A . n 
A 1 9   LEU 9   6   6   LEU LEU A . n 
A 1 10  TYR 10  7   7   TYR TYR A . n 
A 1 11  THR 11  8   8   THR THR A . n 
A 1 12  LEU 12  9   9   LEU LEU A . n 
A 1 13  VAL 13  10  10  VAL VAL A . n 
A 1 14  LEU 14  11  11  LEU LEU A . n 
A 1 15  VAL 15  12  12  VAL VAL A . n 
A 1 16  LEU 16  13  13  LEU LEU A . n 
A 1 17  GLN 17  14  14  GLN GLN A . n 
A 1 18  PRO 18  15  15  PRO PRO A . n 
A 1 19  GLN 19  16  16  GLN GLN A . n 
A 1 20  ARG 20  17  17  ARG ARG A . n 
A 1 21  VAL 21  18  18  VAL VAL A . n 
A 1 22  LEU 22  19  19  LEU LEU A . n 
A 1 23  LEU 23  20  20  LEU LEU A . n 
A 1 24  GLY 24  21  21  GLY GLY A . n 
A 1 25  MET 25  22  22  MET MET A . n 
A 1 26  LYS 26  23  23  LYS LYS A . n 
A 1 27  LYS 27  24  24  LYS LYS A . n 
A 1 28  ARG 28  25  25  ARG ARG A . n 
A 1 29  GLY 29  26  26  GLY GLY A . n 
A 1 30  PHE 30  27  27  PHE PHE A . n 
A 1 31  GLY 31  28  28  GLY GLY A . n 
A 1 32  ALA 32  29  29  ALA ALA A . n 
A 1 33  GLY 33  30  30  GLY GLY A . n 
A 1 34  ARG 34  31  31  ARG ARG A . n 
A 1 35  TRP 35  32  32  TRP TRP A . n 
A 1 36  ASN 36  33  33  ASN ASN A . n 
A 1 37  GLY 37  34  34  GLY GLY A . n 
A 1 38  PHE 38  35  35  PHE PHE A . n 
A 1 39  GLY 39  36  36  GLY GLY A . n 
A 1 40  GLY 40  37  37  GLY GLY A . n 
A 1 41  LYS 41  38  38  LYS LYS A . n 
A 1 42  VAL 42  39  39  VAL VAL A . n 
A 1 43  GLN 43  40  40  GLN GLN A . n 
A 1 44  GLU 44  41  41  GLU GLU A . n 
A 1 45  GLY 45  42  42  GLY GLY A . n 
A 1 46  GLU 46  43  43  GLU GLU A . n 
A 1 47  THR 47  44  44  THR THR A . n 
A 1 48  ILE 48  45  45  ILE ILE A . n 
A 1 49  GLU 49  46  46  GLU GLU A . n 
A 1 50  ASP 50  47  47  ASP ASP A . n 
A 1 51  GLY 51  48  48  GLY GLY A . n 
A 1 52  ALA 52  49  49  ALA ALA A . n 
A 1 53  ARG 53  50  50  ARG ARG A . n 
A 1 54  ARG 54  51  51  ARG ARG A . n 
A 1 55  GLU 55  52  52  GLU GLU A . n 
A 1 56  LEU 56  53  53  LEU LEU A . n 
A 1 57  GLN 57  54  54  GLN GLN A . n 
A 1 58  GLU 58  55  55  GLU GLU A . n 
A 1 59  GLU 59  56  56  GLU GLU A . n 
A 1 60  SER 60  57  57  SER SER A . n 
A 1 61  GLY 61  58  58  GLY GLY A . n 
A 1 62  LEU 62  59  59  LEU LEU A . n 
A 1 63  THR 63  60  60  THR THR A . n 
A 1 64  VAL 64  61  61  VAL VAL A . n 
A 1 65  ASP 65  62  62  ASP ASP A . n 
A 1 66  ALA 66  63  63  ALA ALA A . n 
A 1 67  LEU 67  64  64  LEU LEU A . n 
A 1 68  HIS 68  65  65  HIS HIS A . n 
A 1 69  LYS 69  66  66  LYS LYS A . n 
A 1 70  VAL 70  67  67  VAL VAL A . n 
A 1 71  GLY 71  68  68  GLY GLY A . n 
A 1 72  GLN 72  69  69  GLN GLN A . n 
A 1 73  ILE 73  70  70  ILE ILE A . n 
A 1 74  VAL 74  71  71  VAL VAL A . n 
A 1 75  PHE 75  72  72  PHE PHE A . n 
A 1 76  GLU 76  73  73  GLU GLU A . n 
A 1 77  PHE 77  74  74  PHE PHE A . n 
A 1 78  VAL 78  75  75  VAL VAL A . n 
A 1 79  GLY 79  76  76  GLY GLY A . n 
A 1 80  GLU 80  77  77  GLU GLU A . n 
A 1 81  PRO 81  78  78  PRO PRO A . n 
A 1 82  GLU 82  79  79  GLU GLU A . n 
A 1 83  LEU 83  80  80  LEU LEU A . n 
A 1 84  MET 84  81  81  MET MET A . n 
A 1 85  ASP 85  82  82  ASP ASP A . n 
A 1 86  VAL 86  83  83  VAL VAL A . n 
A 1 87  HIS 87  84  84  HIS HIS A . n 
A 1 88  VAL 88  85  85  VAL VAL A . n 
A 1 89  PHE 89  86  86  PHE PHE A . n 
A 1 90  CYS 90  87  87  CYS CYS A . n 
A 1 91  THR 91  88  88  THR THR A . n 
A 1 92  ASP 92  89  89  ASP ASP A . n 
A 1 93  SER 93  90  90  SER SER A . n 
A 1 94  ILE 94  91  91  ILE ILE A . n 
A 1 95  GLN 95  92  92  GLN GLN A . n 
A 1 96  GLY 96  93  93  GLY GLY A . n 
A 1 97  THR 97  94  94  THR THR A . n 
A 1 98  PRO 98  95  95  PRO PRO A . n 
A 1 99  VAL 99  96  96  VAL VAL A . n 
A 1 100 GLU 100 97  97  GLU GLU A . n 
A 1 101 SER 101 98  98  SER SER A . n 
A 1 102 ASP 102 99  99  ASP ASP A . n 
A 1 103 GLU 103 100 100 GLU GLU A . n 
A 1 104 MET 104 101 101 MET MET A . n 
A 1 105 ARG 105 102 102 ARG ARG A . n 
A 1 106 PRO 106 103 103 PRO PRO A . n 
A 1 107 CYS 107 104 104 CYS CYS A . n 
A 1 108 TRP 108 105 105 TRP TRP A . n 
A 1 109 PHE 109 106 106 PHE PHE A . n 
A 1 110 GLN 110 107 107 GLN GLN A . n 
A 1 111 LEU 111 108 108 LEU LEU A . n 
A 1 112 ASP 112 109 109 ASP ASP A . n 
A 1 113 GLN 113 110 110 GLN GLN A . n 
A 1 114 ILE 114 111 111 ILE ILE A . n 
A 1 115 PRO 115 112 112 PRO PRO A . n 
A 1 116 PHE 116 113 113 PHE PHE A . n 
A 1 117 LYS 117 114 114 LYS LYS A . n 
A 1 118 ASP 118 115 115 ASP ASP A . n 
A 1 119 MET 119 116 116 MET MET A . n 
A 1 120 TRP 120 117 117 TRP TRP A . n 
A 1 121 PRO 121 118 118 PRO PRO A . n 
A 1 122 ASP 122 119 119 ASP ASP A . n 
A 1 123 ASP 123 120 120 ASP ASP A . n 
A 1 124 SER 124 121 121 SER SER A . n 
A 1 125 TYR 125 122 122 TYR TYR A . n 
A 1 126 TRP 126 123 123 TRP TRP A . n 
A 1 127 PHE 127 124 124 PHE PHE A . n 
A 1 128 PRO 128 125 125 PRO PRO A . n 
A 1 129 LEU 129 126 126 LEU LEU A . n 
A 1 130 LEU 130 127 127 LEU LEU A . n 
A 1 131 LEU 131 128 128 LEU LEU A . n 
A 1 132 GLN 132 129 129 GLN GLN A . n 
A 1 133 LYS 133 130 130 LYS LYS A . n 
A 1 134 LYS 134 131 131 LYS LYS A . n 
A 1 135 LYS 135 132 132 LYS LYS A . n 
A 1 136 PHE 136 133 133 PHE PHE A . n 
A 1 137 HIS 137 134 134 HIS HIS A . n 
A 1 138 GLY 138 135 135 GLY GLY A . n 
A 1 139 TYR 139 136 136 TYR TYR A . n 
A 1 140 PHE 140 137 137 PHE PHE A . n 
A 1 141 LYS 141 138 138 LYS LYS A . n 
A 1 142 PHE 142 139 139 PHE PHE A . n 
A 1 143 GLN 143 140 140 GLN GLN A . n 
A 1 144 GLY 144 141 141 GLY GLY A . n 
A 1 145 GLN 145 142 142 GLN GLN A . n 
A 1 146 ASP 146 143 143 ASP ASP A . n 
A 1 147 THR 147 144 144 THR THR A . n 
A 1 148 ILE 148 145 145 ILE ILE A . n 
A 1 149 LEU 149 146 146 LEU LEU A . n 
A 1 150 ASP 150 147 147 ASP ASP A . n 
A 1 151 TYR 151 148 148 TYR TYR A . n 
A 1 152 THR 152 149 149 THR THR A . n 
A 1 153 LEU 153 150 150 LEU LEU A . n 
A 1 154 ARG 154 151 151 ARG ARG A . n 
A 1 155 GLU 155 152 152 GLU GLU A . n 
A 1 156 VAL 156 153 153 VAL VAL A . n 
A 1 157 ASP 157 154 154 ASP ASP A . n 
A 1 158 THR 158 155 155 THR THR A . n 
A 1 159 VAL 159 156 156 VAL VAL A . n 
# 
loop_
_pdbx_nonpoly_scheme.asym_id 
_pdbx_nonpoly_scheme.entity_id 
_pdbx_nonpoly_scheme.mon_id 
_pdbx_nonpoly_scheme.ndb_seq_num 
_pdbx_nonpoly_scheme.pdb_seq_num 
_pdbx_nonpoly_scheme.auth_seq_num 
_pdbx_nonpoly_scheme.pdb_mon_id 
_pdbx_nonpoly_scheme.auth_mon_id 
_pdbx_nonpoly_scheme.pdb_strand_id 
_pdbx_nonpoly_scheme.pdb_ins_code 
B 2 S3O 1  201 1  S3O S3O A . 
C 3 HOH 1  301 76 HOH HOH A . 
C 3 HOH 2  302 29 HOH HOH A . 
C 3 HOH 3  303 27 HOH HOH A . 
C 3 HOH 4  304 22 HOH HOH A . 
C 3 HOH 5  305 5  HOH HOH A . 
C 3 HOH 6  306 75 HOH HOH A . 
C 3 HOH 7  307 91 HOH HOH A . 
C 3 HOH 8  308 86 HOH HOH A . 
C 3 HOH 9  309 62 HOH HOH A . 
C 3 HOH 10 310 16 HOH HOH A . 
C 3 HOH 11 311 67 HOH HOH A . 
C 3 HOH 12 312 71 HOH HOH A . 
C 3 HOH 13 313 45 HOH HOH A . 
C 3 HOH 14 314 1  HOH HOH A . 
C 3 HOH 15 315 58 HOH HOH A . 
C 3 HOH 16 316 84 HOH HOH A . 
C 3 HOH 17 317 41 HOH HOH A . 
C 3 HOH 18 318 92 HOH HOH A . 
C 3 HOH 19 319 21 HOH HOH A . 
C 3 HOH 20 320 28 HOH HOH A . 
C 3 HOH 21 321 57 HOH HOH A . 
C 3 HOH 22 322 14 HOH HOH A . 
C 3 HOH 23 323 88 HOH HOH A . 
C 3 HOH 24 324 52 HOH HOH A . 
C 3 HOH 25 325 81 HOH HOH A . 
C 3 HOH 26 326 85 HOH HOH A . 
C 3 HOH 27 327 63 HOH HOH A . 
C 3 HOH 28 328 54 HOH HOH A . 
C 3 HOH 29 329 8  HOH HOH A . 
C 3 HOH 30 330 6  HOH HOH A . 
C 3 HOH 31 331 90 HOH HOH A . 
C 3 HOH 32 332 17 HOH HOH A . 
C 3 HOH 33 333 93 HOH HOH A . 
C 3 HOH 34 334 60 HOH HOH A . 
C 3 HOH 35 335 51 HOH HOH A . 
C 3 HOH 36 336 59 HOH HOH A . 
C 3 HOH 37 337 24 HOH HOH A . 
C 3 HOH 38 338 32 HOH HOH A . 
C 3 HOH 39 339 4  HOH HOH A . 
C 3 HOH 40 340 9  HOH HOH A . 
C 3 HOH 41 341 2  HOH HOH A . 
C 3 HOH 42 342 13 HOH HOH A . 
C 3 HOH 43 343 56 HOH HOH A . 
C 3 HOH 44 344 39 HOH HOH A . 
C 3 HOH 45 345 15 HOH HOH A . 
C 3 HOH 46 346 64 HOH HOH A . 
C 3 HOH 47 347 89 HOH HOH A . 
C 3 HOH 48 348 38 HOH HOH A . 
C 3 HOH 49 349 34 HOH HOH A . 
C 3 HOH 50 350 50 HOH HOH A . 
C 3 HOH 51 351 23 HOH HOH A . 
C 3 HOH 52 352 7  HOH HOH A . 
C 3 HOH 53 353 46 HOH HOH A . 
C 3 HOH 54 354 3  HOH HOH A . 
C 3 HOH 55 355 47 HOH HOH A . 
C 3 HOH 56 356 11 HOH HOH A . 
C 3 HOH 57 357 70 HOH HOH A . 
C 3 HOH 58 358 12 HOH HOH A . 
C 3 HOH 59 359 44 HOH HOH A . 
C 3 HOH 60 360 43 HOH HOH A . 
C 3 HOH 61 361 30 HOH HOH A . 
C 3 HOH 62 362 20 HOH HOH A . 
C 3 HOH 63 363 18 HOH HOH A . 
C 3 HOH 64 364 35 HOH HOH A . 
C 3 HOH 65 365 40 HOH HOH A . 
C 3 HOH 66 366 36 HOH HOH A . 
C 3 HOH 67 367 19 HOH HOH A . 
C 3 HOH 68 368 55 HOH HOH A . 
C 3 HOH 69 369 42 HOH HOH A . 
C 3 HOH 70 370 25 HOH HOH A . 
C 3 HOH 71 371 61 HOH HOH A . 
C 3 HOH 72 372 10 HOH HOH A . 
C 3 HOH 73 373 65 HOH HOH A . 
C 3 HOH 74 374 31 HOH HOH A . 
C 3 HOH 75 375 73 HOH HOH A . 
C 3 HOH 76 376 37 HOH HOH A . 
C 3 HOH 77 377 49 HOH HOH A . 
C 3 HOH 78 378 26 HOH HOH A . 
C 3 HOH 79 379 66 HOH HOH A . 
C 3 HOH 80 380 96 HOH HOH A . 
C 3 HOH 81 381 78 HOH HOH A . 
C 3 HOH 82 382 87 HOH HOH A . 
C 3 HOH 83 383 69 HOH HOH A . 
C 3 HOH 84 384 79 HOH HOH A . 
C 3 HOH 85 385 33 HOH HOH A . 
C 3 HOH 86 386 80 HOH HOH A . 
C 3 HOH 87 387 95 HOH HOH A . 
C 3 HOH 88 388 83 HOH HOH A . 
C 3 HOH 89 389 48 HOH HOH A . 
C 3 HOH 90 390 77 HOH HOH A . 
C 3 HOH 91 391 72 HOH HOH A . 
C 3 HOH 92 392 74 HOH HOH A . 
C 3 HOH 93 393 68 HOH HOH A . 
C 3 HOH 94 394 53 HOH HOH A . 
C 3 HOH 95 395 82 HOH HOH A . 
C 3 HOH 96 396 94 HOH HOH A . 
# 
_pdbx_struct_assembly.id                   1 
_pdbx_struct_assembly.details              author_and_software_defined_assembly 
_pdbx_struct_assembly.method_details       PISA 
_pdbx_struct_assembly.oligomeric_details   monomeric 
_pdbx_struct_assembly.oligomeric_count     1 
# 
_pdbx_struct_assembly_gen.assembly_id       1 
_pdbx_struct_assembly_gen.oper_expression   1 
_pdbx_struct_assembly_gen.asym_id_list      A,B,C 
# 
loop_
_pdbx_struct_assembly_prop.biol_id 
_pdbx_struct_assembly_prop.type 
_pdbx_struct_assembly_prop.value 
_pdbx_struct_assembly_prop.details 
1 'ABSA (A^2)' 0    ? 
1 MORE         0    ? 
1 'SSA (A^2)'  8090 ? 
# 
_pdbx_struct_oper_list.id                   1 
_pdbx_struct_oper_list.type                 'identity operation' 
_pdbx_struct_oper_list.name                 1_555 
_pdbx_struct_oper_list.symmetry_operation   x,y,z 
_pdbx_struct_oper_list.matrix[1][1]         1.0000000000 
_pdbx_struct_oper_list.matrix[1][2]         0.0000000000 
_pdbx_struct_oper_list.matrix[1][3]         0.0000000000 
_pdbx_struct_oper_list.vector[1]            0.0000000000 
_pdbx_struct_oper_list.matrix[2][1]         0.0000000000 
_pdbx_struct_oper_list.matrix[2][2]         1.0000000000 
_pdbx_struct_oper_list.matrix[2][3]         0.0000000000 
_pdbx_struct_oper_list.vector[2]            0.0000000000 
_pdbx_struct_oper_list.matrix[3][1]         0.0000000000 
_pdbx_struct_oper_list.matrix[3][2]         0.0000000000 
_pdbx_struct_oper_list.matrix[3][3]         1.0000000000 
_pdbx_struct_oper_list.vector[3]            0.0000000000 
# 
loop_
_pdbx_audit_revision_history.ordinal 
_pdbx_audit_revision_history.data_content_type 
_pdbx_audit_revision_history.major_revision 
_pdbx_audit_revision_history.minor_revision 
_pdbx_audit_revision_history.revision_date 
1 'Structure model' 1 0 2020-04-01 
2 'Structure model' 1 1 2023-10-11 
# 
_pdbx_audit_revision_details.ordinal             1 
_pdbx_audit_revision_details.revision_ordinal    1 
_pdbx_audit_revision_details.data_content_type   'Structure model' 
_pdbx_audit_revision_details.provider            repository 
_pdbx_audit_revision_details.type                'Initial release' 
_pdbx_audit_revision_details.description         ? 
_pdbx_audit_revision_details.details             ? 
# 
loop_
_pdbx_audit_revision_group.ordinal 
_pdbx_audit_revision_group.revision_ordinal 
_pdbx_audit_revision_group.data_content_type 
_pdbx_audit_revision_group.group 
1 2 'Structure model' 'Data collection'        
2 2 'Structure model' 'Database references'    
3 2 'Structure model' 'Refinement description' 
# 
loop_
_pdbx_audit_revision_category.ordinal 
_pdbx_audit_revision_category.revision_ordinal 
_pdbx_audit_revision_category.data_content_type 
_pdbx_audit_revision_category.category 
1 2 'Structure model' chem_comp_atom                
2 2 'Structure model' chem_comp_bond                
3 2 'Structure model' database_2                    
4 2 'Structure model' pdbx_initial_refinement_model 
# 
loop_
_pdbx_audit_revision_item.ordinal 
_pdbx_audit_revision_item.revision_ordinal 
_pdbx_audit_revision_item.data_content_type 
_pdbx_audit_revision_item.item 
1 2 'Structure model' '_database_2.pdbx_DOI'                
2 2 'Structure model' '_database_2.pdbx_database_accession' 
# 
loop_
_space_group_symop.id 
_space_group_symop.operation_xyz 
1 x,y,z           
2 x,-y,-z         
3 -x,y+1/2,-z+1/2 
4 -x,-y+1/2,z+1/2 
# 
loop_
_software.citation_id 
_software.classification 
_software.compiler_name 
_software.compiler_version 
_software.contact_author 
_software.contact_author_email 
_software.date 
_software.description 
_software.dependencies 
_software.hardware 
_software.language 
_software.location 
_software.mods 
_software.name 
_software.os 
_software.os_version 
_software.type 
_software.version 
_software.pdbx_ordinal 
? refinement       ? ? ? ? ? ? ? ? ? ? ? PHENIX   ? ? ? 1.9_1692 1 
? 'data reduction' ? ? ? ? ? ? ? ? ? ? ? HKL-2000 ? ? ? .        2 
? 'data scaling'   ? ? ? ? ? ? ? ? ? ? ? HKL-2000 ? ? ? .        3 
? phasing          ? ? ? ? ? ? ? ? ? ? ? PHENIX   ? ? ? .        4 
# 
_pdbx_entry_details.entry_id                 6US2 
_pdbx_entry_details.has_ligand_of_interest   Y 
_pdbx_entry_details.compound_details         ? 
_pdbx_entry_details.source_details           ? 
_pdbx_entry_details.nonpolymer_details       ? 
_pdbx_entry_details.sequence_details         ? 
# 
_pdbx_validate_torsion.id              1 
_pdbx_validate_torsion.PDB_model_num   1 
_pdbx_validate_torsion.auth_comp_id    ASP 
_pdbx_validate_torsion.auth_asym_id    A 
_pdbx_validate_torsion.auth_seq_id     62 
_pdbx_validate_torsion.PDB_ins_code    ? 
_pdbx_validate_torsion.label_alt_id    ? 
_pdbx_validate_torsion.phi             -94.60 
_pdbx_validate_torsion.psi             -73.94 
# 
loop_
_pdbx_unobs_or_zero_occ_residues.id 
_pdbx_unobs_or_zero_occ_residues.PDB_model_num 
_pdbx_unobs_or_zero_occ_residues.polymer_flag 
_pdbx_unobs_or_zero_occ_residues.occupancy_flag 
_pdbx_unobs_or_zero_occ_residues.auth_asym_id 
_pdbx_unobs_or_zero_occ_residues.auth_comp_id 
_pdbx_unobs_or_zero_occ_residues.auth_seq_id 
_pdbx_unobs_or_zero_occ_residues.PDB_ins_code 
_pdbx_unobs_or_zero_occ_residues.label_asym_id 
_pdbx_unobs_or_zero_occ_residues.label_comp_id 
_pdbx_unobs_or_zero_occ_residues.label_seq_id 
1 1 Y 1 A GLY -2 ? A GLY 1 
2 1 Y 1 A SER -1 ? A SER 2 
3 1 Y 1 A HIS 0  ? A HIS 3 
4 1 Y 1 A MET 1  ? A MET 4 
5 1 Y 1 A GLY 2  ? A GLY 5 
# 
loop_
_chem_comp_atom.comp_id 
_chem_comp_atom.atom_id 
_chem_comp_atom.type_symbol 
_chem_comp_atom.pdbx_aromatic_flag 
_chem_comp_atom.pdbx_stereo_config 
_chem_comp_atom.pdbx_ordinal 
ALA N    N N N 1   
ALA CA   C N S 2   
ALA C    C N N 3   
ALA O    O N N 4   
ALA CB   C N N 5   
ALA OXT  O N N 6   
ALA H    H N N 7   
ALA H2   H N N 8   
ALA HA   H N N 9   
ALA HB1  H N N 10  
ALA HB2  H N N 11  
ALA HB3  H N N 12  
ALA HXT  H N N 13  
ARG N    N N N 14  
ARG CA   C N S 15  
ARG C    C N N 16  
ARG O    O N N 17  
ARG CB   C N N 18  
ARG CG   C N N 19  
ARG CD   C N N 20  
ARG NE   N N N 21  
ARG CZ   C N N 22  
ARG NH1  N N N 23  
ARG NH2  N N N 24  
ARG OXT  O N N 25  
ARG H    H N N 26  
ARG H2   H N N 27  
ARG HA   H N N 28  
ARG HB2  H N N 29  
ARG HB3  H N N 30  
ARG HG2  H N N 31  
ARG HG3  H N N 32  
ARG HD2  H N N 33  
ARG HD3  H N N 34  
ARG HE   H N N 35  
ARG HH11 H N N 36  
ARG HH12 H N N 37  
ARG HH21 H N N 38  
ARG HH22 H N N 39  
ARG HXT  H N N 40  
ASN N    N N N 41  
ASN CA   C N S 42  
ASN C    C N N 43  
ASN O    O N N 44  
ASN CB   C N N 45  
ASN CG   C N N 46  
ASN OD1  O N N 47  
ASN ND2  N N N 48  
ASN OXT  O N N 49  
ASN H    H N N 50  
ASN H2   H N N 51  
ASN HA   H N N 52  
ASN HB2  H N N 53  
ASN HB3  H N N 54  
ASN HD21 H N N 55  
ASN HD22 H N N 56  
ASN HXT  H N N 57  
ASP N    N N N 58  
ASP CA   C N S 59  
ASP C    C N N 60  
ASP O    O N N 61  
ASP CB   C N N 62  
ASP CG   C N N 63  
ASP OD1  O N N 64  
ASP OD2  O N N 65  
ASP OXT  O N N 66  
ASP H    H N N 67  
ASP H2   H N N 68  
ASP HA   H N N 69  
ASP HB2  H N N 70  
ASP HB3  H N N 71  
ASP HD2  H N N 72  
ASP HXT  H N N 73  
CYS N    N N N 74  
CYS CA   C N R 75  
CYS C    C N N 76  
CYS O    O N N 77  
CYS CB   C N N 78  
CYS SG   S N N 79  
CYS OXT  O N N 80  
CYS H    H N N 81  
CYS H2   H N N 82  
CYS HA   H N N 83  
CYS HB2  H N N 84  
CYS HB3  H N N 85  
CYS HG   H N N 86  
CYS HXT  H N N 87  
GLN N    N N N 88  
GLN CA   C N S 89  
GLN C    C N N 90  
GLN O    O N N 91  
GLN CB   C N N 92  
GLN CG   C N N 93  
GLN CD   C N N 94  
GLN OE1  O N N 95  
GLN NE2  N N N 96  
GLN OXT  O N N 97  
GLN H    H N N 98  
GLN H2   H N N 99  
GLN HA   H N N 100 
GLN HB2  H N N 101 
GLN HB3  H N N 102 
GLN HG2  H N N 103 
GLN HG3  H N N 104 
GLN HE21 H N N 105 
GLN HE22 H N N 106 
GLN HXT  H N N 107 
GLU N    N N N 108 
GLU CA   C N S 109 
GLU C    C N N 110 
GLU O    O N N 111 
GLU CB   C N N 112 
GLU CG   C N N 113 
GLU CD   C N N 114 
GLU OE1  O N N 115 
GLU OE2  O N N 116 
GLU OXT  O N N 117 
GLU H    H N N 118 
GLU H2   H N N 119 
GLU HA   H N N 120 
GLU HB2  H N N 121 
GLU HB3  H N N 122 
GLU HG2  H N N 123 
GLU HG3  H N N 124 
GLU HE2  H N N 125 
GLU HXT  H N N 126 
GLY N    N N N 127 
GLY CA   C N N 128 
GLY C    C N N 129 
GLY O    O N N 130 
GLY OXT  O N N 131 
GLY H    H N N 132 
GLY H2   H N N 133 
GLY HA2  H N N 134 
GLY HA3  H N N 135 
GLY HXT  H N N 136 
HIS N    N N N 137 
HIS CA   C N S 138 
HIS C    C N N 139 
HIS O    O N N 140 
HIS CB   C N N 141 
HIS CG   C Y N 142 
HIS ND1  N Y N 143 
HIS CD2  C Y N 144 
HIS CE1  C Y N 145 
HIS NE2  N Y N 146 
HIS OXT  O N N 147 
HIS H    H N N 148 
HIS H2   H N N 149 
HIS HA   H N N 150 
HIS HB2  H N N 151 
HIS HB3  H N N 152 
HIS HD1  H N N 153 
HIS HD2  H N N 154 
HIS HE1  H N N 155 
HIS HE2  H N N 156 
HIS HXT  H N N 157 
HOH O    O N N 158 
HOH H1   H N N 159 
HOH H2   H N N 160 
ILE N    N N N 161 
ILE CA   C N S 162 
ILE C    C N N 163 
ILE O    O N N 164 
ILE CB   C N S 165 
ILE CG1  C N N 166 
ILE CG2  C N N 167 
ILE CD1  C N N 168 
ILE OXT  O N N 169 
ILE H    H N N 170 
ILE H2   H N N 171 
ILE HA   H N N 172 
ILE HB   H N N 173 
ILE HG12 H N N 174 
ILE HG13 H N N 175 
ILE HG21 H N N 176 
ILE HG22 H N N 177 
ILE HG23 H N N 178 
ILE HD11 H N N 179 
ILE HD12 H N N 180 
ILE HD13 H N N 181 
ILE HXT  H N N 182 
LEU N    N N N 183 
LEU CA   C N S 184 
LEU C    C N N 185 
LEU O    O N N 186 
LEU CB   C N N 187 
LEU CG   C N N 188 
LEU CD1  C N N 189 
LEU CD2  C N N 190 
LEU OXT  O N N 191 
LEU H    H N N 192 
LEU H2   H N N 193 
LEU HA   H N N 194 
LEU HB2  H N N 195 
LEU HB3  H N N 196 
LEU HG   H N N 197 
LEU HD11 H N N 198 
LEU HD12 H N N 199 
LEU HD13 H N N 200 
LEU HD21 H N N 201 
LEU HD22 H N N 202 
LEU HD23 H N N 203 
LEU HXT  H N N 204 
LYS N    N N N 205 
LYS CA   C N S 206 
LYS C    C N N 207 
LYS O    O N N 208 
LYS CB   C N N 209 
LYS CG   C N N 210 
LYS CD   C N N 211 
LYS CE   C N N 212 
LYS NZ   N N N 213 
LYS OXT  O N N 214 
LYS H    H N N 215 
LYS H2   H N N 216 
LYS HA   H N N 217 
LYS HB2  H N N 218 
LYS HB3  H N N 219 
LYS HG2  H N N 220 
LYS HG3  H N N 221 
LYS HD2  H N N 222 
LYS HD3  H N N 223 
LYS HE2  H N N 224 
LYS HE3  H N N 225 
LYS HZ1  H N N 226 
LYS HZ2  H N N 227 
LYS HZ3  H N N 228 
LYS HXT  H N N 229 
MET N    N N N 230 
MET CA   C N S 231 
MET C    C N N 232 
MET O    O N N 233 
MET CB   C N N 234 
MET CG   C N N 235 
MET SD   S N N 236 
MET CE   C N N 237 
MET OXT  O N N 238 
MET H    H N N 239 
MET H2   H N N 240 
MET HA   H N N 241 
MET HB2  H N N 242 
MET HB3  H N N 243 
MET HG2  H N N 244 
MET HG3  H N N 245 
MET HE1  H N N 246 
MET HE2  H N N 247 
MET HE3  H N N 248 
MET HXT  H N N 249 
PHE N    N N N 250 
PHE CA   C N S 251 
PHE C    C N N 252 
PHE O    O N N 253 
PHE CB   C N N 254 
PHE CG   C Y N 255 
PHE CD1  C Y N 256 
PHE CD2  C Y N 257 
PHE CE1  C Y N 258 
PHE CE2  C Y N 259 
PHE CZ   C Y N 260 
PHE OXT  O N N 261 
PHE H    H N N 262 
PHE H2   H N N 263 
PHE HA   H N N 264 
PHE HB2  H N N 265 
PHE HB3  H N N 266 
PHE HD1  H N N 267 
PHE HD2  H N N 268 
PHE HE1  H N N 269 
PHE HE2  H N N 270 
PHE HZ   H N N 271 
PHE HXT  H N N 272 
PRO N    N N N 273 
PRO CA   C N S 274 
PRO C    C N N 275 
PRO O    O N N 276 
PRO CB   C N N 277 
PRO CG   C N N 278 
PRO CD   C N N 279 
PRO OXT  O N N 280 
PRO H    H N N 281 
PRO HA   H N N 282 
PRO HB2  H N N 283 
PRO HB3  H N N 284 
PRO HG2  H N N 285 
PRO HG3  H N N 286 
PRO HD2  H N N 287 
PRO HD3  H N N 288 
PRO HXT  H N N 289 
S3O C01  C N N 290 
S3O C02  C N N 291 
S3O N03  N N N 292 
S3O C04  C Y N 293 
S3O C05  C Y N 294 
S3O C06  C N N 295 
S3O C07  C Y N 296 
S3O C08  C Y N 297 
S3O N09  N Y N 298 
S3O C10  C Y N 299 
S3O C11  C Y N 300 
S3O N12  N N N 301 
S3O C13  C Y N 302 
S3O C14  C Y N 303 
S3O C15  C Y N 304 
S3O C16  C Y N 305 
S3O C17  C Y N 306 
S3O C18  C N N 307 
S3O C19  C N N 308 
S3O C20  C N N 309 
S3O C21  C N N 310 
S3O O22  O N N 311 
S3O H1   H N N 312 
S3O H2   H N N 313 
S3O H3   H N N 314 
S3O H4   H N N 315 
S3O H5   H N N 316 
S3O H6   H N N 317 
S3O H7   H N N 318 
S3O H8   H N N 319 
S3O H9   H N N 320 
S3O H10  H N N 321 
S3O H11  H N N 322 
S3O H12  H N N 323 
S3O H13  H N N 324 
S3O H14  H N N 325 
S3O H15  H N N 326 
S3O H16  H N N 327 
S3O H17  H N N 328 
S3O H18  H N N 329 
S3O H19  H N N 330 
S3O H20  H N N 331 
S3O H21  H N N 332 
SER N    N N N 333 
SER CA   C N S 334 
SER C    C N N 335 
SER O    O N N 336 
SER CB   C N N 337 
SER OG   O N N 338 
SER OXT  O N N 339 
SER H    H N N 340 
SER H2   H N N 341 
SER HA   H N N 342 
SER HB2  H N N 343 
SER HB3  H N N 344 
SER HG   H N N 345 
SER HXT  H N N 346 
THR N    N N N 347 
THR CA   C N S 348 
THR C    C N N 349 
THR O    O N N 350 
THR CB   C N R 351 
THR OG1  O N N 352 
THR CG2  C N N 353 
THR OXT  O N N 354 
THR H    H N N 355 
THR H2   H N N 356 
THR HA   H N N 357 
THR HB   H N N 358 
THR HG1  H N N 359 
THR HG21 H N N 360 
THR HG22 H N N 361 
THR HG23 H N N 362 
THR HXT  H N N 363 
TRP N    N N N 364 
TRP CA   C N S 365 
TRP C    C N N 366 
TRP O    O N N 367 
TRP CB   C N N 368 
TRP CG   C Y N 369 
TRP CD1  C Y N 370 
TRP CD2  C Y N 371 
TRP NE1  N Y N 372 
TRP CE2  C Y N 373 
TRP CE3  C Y N 374 
TRP CZ2  C Y N 375 
TRP CZ3  C Y N 376 
TRP CH2  C Y N 377 
TRP OXT  O N N 378 
TRP H    H N N 379 
TRP H2   H N N 380 
TRP HA   H N N 381 
TRP HB2  H N N 382 
TRP HB3  H N N 383 
TRP HD1  H N N 384 
TRP HE1  H N N 385 
TRP HE3  H N N 386 
TRP HZ2  H N N 387 
TRP HZ3  H N N 388 
TRP HH2  H N N 389 
TRP HXT  H N N 390 
TYR N    N N N 391 
TYR CA   C N S 392 
TYR C    C N N 393 
TYR O    O N N 394 
TYR CB   C N N 395 
TYR CG   C Y N 396 
TYR CD1  C Y N 397 
TYR CD2  C Y N 398 
TYR CE1  C Y N 399 
TYR CE2  C Y N 400 
TYR CZ   C Y N 401 
TYR OH   O N N 402 
TYR OXT  O N N 403 
TYR H    H N N 404 
TYR H2   H N N 405 
TYR HA   H N N 406 
TYR HB2  H N N 407 
TYR HB3  H N N 408 
TYR HD1  H N N 409 
TYR HD2  H N N 410 
TYR HE1  H N N 411 
TYR HE2  H N N 412 
TYR HH   H N N 413 
TYR HXT  H N N 414 
VAL N    N N N 415 
VAL CA   C N S 416 
VAL C    C N N 417 
VAL O    O N N 418 
VAL CB   C N N 419 
VAL CG1  C N N 420 
VAL CG2  C N N 421 
VAL OXT  O N N 422 
VAL H    H N N 423 
VAL H2   H N N 424 
VAL HA   H N N 425 
VAL HB   H N N 426 
VAL HG11 H N N 427 
VAL HG12 H N N 428 
VAL HG13 H N N 429 
VAL HG21 H N N 430 
VAL HG22 H N N 431 
VAL HG23 H N N 432 
VAL HXT  H N N 433 
# 
loop_
_chem_comp_bond.comp_id 
_chem_comp_bond.atom_id_1 
_chem_comp_bond.atom_id_2 
_chem_comp_bond.value_order 
_chem_comp_bond.pdbx_aromatic_flag 
_chem_comp_bond.pdbx_stereo_config 
_chem_comp_bond.pdbx_ordinal 
ALA N   CA   sing N N 1   
ALA N   H    sing N N 2   
ALA N   H2   sing N N 3   
ALA CA  C    sing N N 4   
ALA CA  CB   sing N N 5   
ALA CA  HA   sing N N 6   
ALA C   O    doub N N 7   
ALA C   OXT  sing N N 8   
ALA CB  HB1  sing N N 9   
ALA CB  HB2  sing N N 10  
ALA CB  HB3  sing N N 11  
ALA OXT HXT  sing N N 12  
ARG N   CA   sing N N 13  
ARG N   H    sing N N 14  
ARG N   H2   sing N N 15  
ARG CA  C    sing N N 16  
ARG CA  CB   sing N N 17  
ARG CA  HA   sing N N 18  
ARG C   O    doub N N 19  
ARG C   OXT  sing N N 20  
ARG CB  CG   sing N N 21  
ARG CB  HB2  sing N N 22  
ARG CB  HB3  sing N N 23  
ARG CG  CD   sing N N 24  
ARG CG  HG2  sing N N 25  
ARG CG  HG3  sing N N 26  
ARG CD  NE   sing N N 27  
ARG CD  HD2  sing N N 28  
ARG CD  HD3  sing N N 29  
ARG NE  CZ   sing N N 30  
ARG NE  HE   sing N N 31  
ARG CZ  NH1  sing N N 32  
ARG CZ  NH2  doub N N 33  
ARG NH1 HH11 sing N N 34  
ARG NH1 HH12 sing N N 35  
ARG NH2 HH21 sing N N 36  
ARG NH2 HH22 sing N N 37  
ARG OXT HXT  sing N N 38  
ASN N   CA   sing N N 39  
ASN N   H    sing N N 40  
ASN N   H2   sing N N 41  
ASN CA  C    sing N N 42  
ASN CA  CB   sing N N 43  
ASN CA  HA   sing N N 44  
ASN C   O    doub N N 45  
ASN C   OXT  sing N N 46  
ASN CB  CG   sing N N 47  
ASN CB  HB2  sing N N 48  
ASN CB  HB3  sing N N 49  
ASN CG  OD1  doub N N 50  
ASN CG  ND2  sing N N 51  
ASN ND2 HD21 sing N N 52  
ASN ND2 HD22 sing N N 53  
ASN OXT HXT  sing N N 54  
ASP N   CA   sing N N 55  
ASP N   H    sing N N 56  
ASP N   H2   sing N N 57  
ASP CA  C    sing N N 58  
ASP CA  CB   sing N N 59  
ASP CA  HA   sing N N 60  
ASP C   O    doub N N 61  
ASP C   OXT  sing N N 62  
ASP CB  CG   sing N N 63  
ASP CB  HB2  sing N N 64  
ASP CB  HB3  sing N N 65  
ASP CG  OD1  doub N N 66  
ASP CG  OD2  sing N N 67  
ASP OD2 HD2  sing N N 68  
ASP OXT HXT  sing N N 69  
CYS N   CA   sing N N 70  
CYS N   H    sing N N 71  
CYS N   H2   sing N N 72  
CYS CA  C    sing N N 73  
CYS CA  CB   sing N N 74  
CYS CA  HA   sing N N 75  
CYS C   O    doub N N 76  
CYS C   OXT  sing N N 77  
CYS CB  SG   sing N N 78  
CYS CB  HB2  sing N N 79  
CYS CB  HB3  sing N N 80  
CYS SG  HG   sing N N 81  
CYS OXT HXT  sing N N 82  
GLN N   CA   sing N N 83  
GLN N   H    sing N N 84  
GLN N   H2   sing N N 85  
GLN CA  C    sing N N 86  
GLN CA  CB   sing N N 87  
GLN CA  HA   sing N N 88  
GLN C   O    doub N N 89  
GLN C   OXT  sing N N 90  
GLN CB  CG   sing N N 91  
GLN CB  HB2  sing N N 92  
GLN CB  HB3  sing N N 93  
GLN CG  CD   sing N N 94  
GLN CG  HG2  sing N N 95  
GLN CG  HG3  sing N N 96  
GLN CD  OE1  doub N N 97  
GLN CD  NE2  sing N N 98  
GLN NE2 HE21 sing N N 99  
GLN NE2 HE22 sing N N 100 
GLN OXT HXT  sing N N 101 
GLU N   CA   sing N N 102 
GLU N   H    sing N N 103 
GLU N   H2   sing N N 104 
GLU CA  C    sing N N 105 
GLU CA  CB   sing N N 106 
GLU CA  HA   sing N N 107 
GLU C   O    doub N N 108 
GLU C   OXT  sing N N 109 
GLU CB  CG   sing N N 110 
GLU CB  HB2  sing N N 111 
GLU CB  HB3  sing N N 112 
GLU CG  CD   sing N N 113 
GLU CG  HG2  sing N N 114 
GLU CG  HG3  sing N N 115 
GLU CD  OE1  doub N N 116 
GLU CD  OE2  sing N N 117 
GLU OE2 HE2  sing N N 118 
GLU OXT HXT  sing N N 119 
GLY N   CA   sing N N 120 
GLY N   H    sing N N 121 
GLY N   H2   sing N N 122 
GLY CA  C    sing N N 123 
GLY CA  HA2  sing N N 124 
GLY CA  HA3  sing N N 125 
GLY C   O    doub N N 126 
GLY C   OXT  sing N N 127 
GLY OXT HXT  sing N N 128 
HIS N   CA   sing N N 129 
HIS N   H    sing N N 130 
HIS N   H2   sing N N 131 
HIS CA  C    sing N N 132 
HIS CA  CB   sing N N 133 
HIS CA  HA   sing N N 134 
HIS C   O    doub N N 135 
HIS C   OXT  sing N N 136 
HIS CB  CG   sing N N 137 
HIS CB  HB2  sing N N 138 
HIS CB  HB3  sing N N 139 
HIS CG  ND1  sing Y N 140 
HIS CG  CD2  doub Y N 141 
HIS ND1 CE1  doub Y N 142 
HIS ND1 HD1  sing N N 143 
HIS CD2 NE2  sing Y N 144 
HIS CD2 HD2  sing N N 145 
HIS CE1 NE2  sing Y N 146 
HIS CE1 HE1  sing N N 147 
HIS NE2 HE2  sing N N 148 
HIS OXT HXT  sing N N 149 
HOH O   H1   sing N N 150 
HOH O   H2   sing N N 151 
ILE N   CA   sing N N 152 
ILE N   H    sing N N 153 
ILE N   H2   sing N N 154 
ILE CA  C    sing N N 155 
ILE CA  CB   sing N N 156 
ILE CA  HA   sing N N 157 
ILE C   O    doub N N 158 
ILE C   OXT  sing N N 159 
ILE CB  CG1  sing N N 160 
ILE CB  CG2  sing N N 161 
ILE CB  HB   sing N N 162 
ILE CG1 CD1  sing N N 163 
ILE CG1 HG12 sing N N 164 
ILE CG1 HG13 sing N N 165 
ILE CG2 HG21 sing N N 166 
ILE CG2 HG22 sing N N 167 
ILE CG2 HG23 sing N N 168 
ILE CD1 HD11 sing N N 169 
ILE CD1 HD12 sing N N 170 
ILE CD1 HD13 sing N N 171 
ILE OXT HXT  sing N N 172 
LEU N   CA   sing N N 173 
LEU N   H    sing N N 174 
LEU N   H2   sing N N 175 
LEU CA  C    sing N N 176 
LEU CA  CB   sing N N 177 
LEU CA  HA   sing N N 178 
LEU C   O    doub N N 179 
LEU C   OXT  sing N N 180 
LEU CB  CG   sing N N 181 
LEU CB  HB2  sing N N 182 
LEU CB  HB3  sing N N 183 
LEU CG  CD1  sing N N 184 
LEU CG  CD2  sing N N 185 
LEU CG  HG   sing N N 186 
LEU CD1 HD11 sing N N 187 
LEU CD1 HD12 sing N N 188 
LEU CD1 HD13 sing N N 189 
LEU CD2 HD21 sing N N 190 
LEU CD2 HD22 sing N N 191 
LEU CD2 HD23 sing N N 192 
LEU OXT HXT  sing N N 193 
LYS N   CA   sing N N 194 
LYS N   H    sing N N 195 
LYS N   H2   sing N N 196 
LYS CA  C    sing N N 197 
LYS CA  CB   sing N N 198 
LYS CA  HA   sing N N 199 
LYS C   O    doub N N 200 
LYS C   OXT  sing N N 201 
LYS CB  CG   sing N N 202 
LYS CB  HB2  sing N N 203 
LYS CB  HB3  sing N N 204 
LYS CG  CD   sing N N 205 
LYS CG  HG2  sing N N 206 
LYS CG  HG3  sing N N 207 
LYS CD  CE   sing N N 208 
LYS CD  HD2  sing N N 209 
LYS CD  HD3  sing N N 210 
LYS CE  NZ   sing N N 211 
LYS CE  HE2  sing N N 212 
LYS CE  HE3  sing N N 213 
LYS NZ  HZ1  sing N N 214 
LYS NZ  HZ2  sing N N 215 
LYS NZ  HZ3  sing N N 216 
LYS OXT HXT  sing N N 217 
MET N   CA   sing N N 218 
MET N   H    sing N N 219 
MET N   H2   sing N N 220 
MET CA  C    sing N N 221 
MET CA  CB   sing N N 222 
MET CA  HA   sing N N 223 
MET C   O    doub N N 224 
MET C   OXT  sing N N 225 
MET CB  CG   sing N N 226 
MET CB  HB2  sing N N 227 
MET CB  HB3  sing N N 228 
MET CG  SD   sing N N 229 
MET CG  HG2  sing N N 230 
MET CG  HG3  sing N N 231 
MET SD  CE   sing N N 232 
MET CE  HE1  sing N N 233 
MET CE  HE2  sing N N 234 
MET CE  HE3  sing N N 235 
MET OXT HXT  sing N N 236 
PHE N   CA   sing N N 237 
PHE N   H    sing N N 238 
PHE N   H2   sing N N 239 
PHE CA  C    sing N N 240 
PHE CA  CB   sing N N 241 
PHE CA  HA   sing N N 242 
PHE C   O    doub N N 243 
PHE C   OXT  sing N N 244 
PHE CB  CG   sing N N 245 
PHE CB  HB2  sing N N 246 
PHE CB  HB3  sing N N 247 
PHE CG  CD1  doub Y N 248 
PHE CG  CD2  sing Y N 249 
PHE CD1 CE1  sing Y N 250 
PHE CD1 HD1  sing N N 251 
PHE CD2 CE2  doub Y N 252 
PHE CD2 HD2  sing N N 253 
PHE CE1 CZ   doub Y N 254 
PHE CE1 HE1  sing N N 255 
PHE CE2 CZ   sing Y N 256 
PHE CE2 HE2  sing N N 257 
PHE CZ  HZ   sing N N 258 
PHE OXT HXT  sing N N 259 
PRO N   CA   sing N N 260 
PRO N   CD   sing N N 261 
PRO N   H    sing N N 262 
PRO CA  C    sing N N 263 
PRO CA  CB   sing N N 264 
PRO CA  HA   sing N N 265 
PRO C   O    doub N N 266 
PRO C   OXT  sing N N 267 
PRO CB  CG   sing N N 268 
PRO CB  HB2  sing N N 269 
PRO CB  HB3  sing N N 270 
PRO CG  CD   sing N N 271 
PRO CG  HG2  sing N N 272 
PRO CG  HG3  sing N N 273 
PRO CD  HD2  sing N N 274 
PRO CD  HD3  sing N N 275 
PRO OXT HXT  sing N N 276 
S3O C01 C02  sing N N 277 
S3O C01 C06  sing N N 278 
S3O C02 N03  sing N N 279 
S3O C19 C13  sing N N 280 
S3O C18 C14  sing N N 281 
S3O C06 C05  sing N N 282 
S3O N03 C04  sing N N 283 
S3O C13 C14  doub Y N 284 
S3O C13 C11  sing Y N 285 
S3O C14 C15  sing Y N 286 
S3O C05 C04  doub Y N 287 
S3O C05 C10  sing Y N 288 
S3O C04 C07  sing Y N 289 
S3O C11 C10  sing N N 290 
S3O C11 C17  doub Y N 291 
S3O C10 N09  doub Y N 292 
S3O C15 C16  doub Y N 293 
S3O C07 C08  doub Y N 294 
S3O N09 C08  sing Y N 295 
S3O C17 C16  sing Y N 296 
S3O C08 N12  sing N N 297 
S3O N12 C20  sing N N 298 
S3O C20 O22  doub N N 299 
S3O C20 C21  sing N N 300 
S3O C01 H1   sing N N 301 
S3O C02 H2   sing N N 302 
S3O C06 H3   sing N N 303 
S3O C07 H4   sing N N 304 
S3O N12 H5   sing N N 305 
S3O C15 H6   sing N N 306 
S3O C16 H7   sing N N 307 
S3O C17 H8   sing N N 308 
S3O C18 H9   sing N N 309 
S3O C18 H10  sing N N 310 
S3O C18 H11  sing N N 311 
S3O C19 H12  sing N N 312 
S3O C19 H13  sing N N 313 
S3O C19 H14  sing N N 314 
S3O C21 H15  sing N N 315 
S3O C21 H16  sing N N 316 
S3O C21 H17  sing N N 317 
S3O C01 H18  sing N N 318 
S3O C02 H19  sing N N 319 
S3O N03 H20  sing N N 320 
S3O C06 H21  sing N N 321 
SER N   CA   sing N N 322 
SER N   H    sing N N 323 
SER N   H2   sing N N 324 
SER CA  C    sing N N 325 
SER CA  CB   sing N N 326 
SER CA  HA   sing N N 327 
SER C   O    doub N N 328 
SER C   OXT  sing N N 329 
SER CB  OG   sing N N 330 
SER CB  HB2  sing N N 331 
SER CB  HB3  sing N N 332 
SER OG  HG   sing N N 333 
SER OXT HXT  sing N N 334 
THR N   CA   sing N N 335 
THR N   H    sing N N 336 
THR N   H2   sing N N 337 
THR CA  C    sing N N 338 
THR CA  CB   sing N N 339 
THR CA  HA   sing N N 340 
THR C   O    doub N N 341 
THR C   OXT  sing N N 342 
THR CB  OG1  sing N N 343 
THR CB  CG2  sing N N 344 
THR CB  HB   sing N N 345 
THR OG1 HG1  sing N N 346 
THR CG2 HG21 sing N N 347 
THR CG2 HG22 sing N N 348 
THR CG2 HG23 sing N N 349 
THR OXT HXT  sing N N 350 
TRP N   CA   sing N N 351 
TRP N   H    sing N N 352 
TRP N   H2   sing N N 353 
TRP CA  C    sing N N 354 
TRP CA  CB   sing N N 355 
TRP CA  HA   sing N N 356 
TRP C   O    doub N N 357 
TRP C   OXT  sing N N 358 
TRP CB  CG   sing N N 359 
TRP CB  HB2  sing N N 360 
TRP CB  HB3  sing N N 361 
TRP CG  CD1  doub Y N 362 
TRP CG  CD2  sing Y N 363 
TRP CD1 NE1  sing Y N 364 
TRP CD1 HD1  sing N N 365 
TRP CD2 CE2  doub Y N 366 
TRP CD2 CE3  sing Y N 367 
TRP NE1 CE2  sing Y N 368 
TRP NE1 HE1  sing N N 369 
TRP CE2 CZ2  sing Y N 370 
TRP CE3 CZ3  doub Y N 371 
TRP CE3 HE3  sing N N 372 
TRP CZ2 CH2  doub Y N 373 
TRP CZ2 HZ2  sing N N 374 
TRP CZ3 CH2  sing Y N 375 
TRP CZ3 HZ3  sing N N 376 
TRP CH2 HH2  sing N N 377 
TRP OXT HXT  sing N N 378 
TYR N   CA   sing N N 379 
TYR N   H    sing N N 380 
TYR N   H2   sing N N 381 
TYR CA  C    sing N N 382 
TYR CA  CB   sing N N 383 
TYR CA  HA   sing N N 384 
TYR C   O    doub N N 385 
TYR C   OXT  sing N N 386 
TYR CB  CG   sing N N 387 
TYR CB  HB2  sing N N 388 
TYR CB  HB3  sing N N 389 
TYR CG  CD1  doub Y N 390 
TYR CG  CD2  sing Y N 391 
TYR CD1 CE1  sing Y N 392 
TYR CD1 HD1  sing N N 393 
TYR CD2 CE2  doub Y N 394 
TYR CD2 HD2  sing N N 395 
TYR CE1 CZ   doub Y N 396 
TYR CE1 HE1  sing N N 397 
TYR CE2 CZ   sing Y N 398 
TYR CE2 HE2  sing N N 399 
TYR CZ  OH   sing N N 400 
TYR OH  HH   sing N N 401 
TYR OXT HXT  sing N N 402 
VAL N   CA   sing N N 403 
VAL N   H    sing N N 404 
VAL N   H2   sing N N 405 
VAL CA  C    sing N N 406 
VAL CA  CB   sing N N 407 
VAL CA  HA   sing N N 408 
VAL C   O    doub N N 409 
VAL C   OXT  sing N N 410 
VAL CB  CG1  sing N N 411 
VAL CB  CG2  sing N N 412 
VAL CB  HB   sing N N 413 
VAL CG1 HG11 sing N N 414 
VAL CG1 HG12 sing N N 415 
VAL CG1 HG13 sing N N 416 
VAL CG2 HG21 sing N N 417 
VAL CG2 HG22 sing N N 418 
VAL CG2 HG23 sing N N 419 
VAL OXT HXT  sing N N 420 
# 
_pdbx_entity_instance_feature.ordinal        1 
_pdbx_entity_instance_feature.comp_id        S3O 
_pdbx_entity_instance_feature.asym_id        ? 
_pdbx_entity_instance_feature.seq_num        ? 
_pdbx_entity_instance_feature.auth_comp_id   S3O 
_pdbx_entity_instance_feature.auth_asym_id   ? 
_pdbx_entity_instance_feature.auth_seq_num   ? 
_pdbx_entity_instance_feature.feature_type   'SUBJECT OF INVESTIGATION' 
_pdbx_entity_instance_feature.details        ? 
# 
loop_
_pdbx_entity_nonpoly.entity_id 
_pdbx_entity_nonpoly.name 
_pdbx_entity_nonpoly.comp_id 
2 'N-[5-(2,3-dimethylphenyl)-1,2,3,4-tetrahydro-1,6-naphthyridin-7-yl]acetamide' S3O 
3 water                                                                          HOH 
# 
_pdbx_initial_refinement_model.id               1 
_pdbx_initial_refinement_model.entity_id_list   ? 
_pdbx_initial_refinement_model.type             'experimental model' 
_pdbx_initial_refinement_model.source_name      PDB 
_pdbx_initial_refinement_model.accession_code   3ZR0 
_pdbx_initial_refinement_model.details          ? 
# 
_pdbx_struct_assembly_auth_evidence.id                     1 
_pdbx_struct_assembly_auth_evidence.assembly_id            1 
_pdbx_struct_assembly_auth_evidence.experimental_support   none 
_pdbx_struct_assembly_auth_evidence.details                ? 
# 
_space_group.name_H-M_alt     'P 2 21 21' 
_space_group.name_Hall        'P 2 2ab (z,x,y)' 
_space_group.IT_number        18 
_space_group.crystal_system   orthorhombic 
_space_group.id               1 
# 
